data_7WME
# 
_entry.id   7WME 
# 
_audit_conform.dict_name       mmcif_pdbx.dic 
_audit_conform.dict_version    5.380 
_audit_conform.dict_location   http://mmcif.pdb.org/dictionaries/ascii/mmcif_pdbx.dic 
# 
loop_
_database_2.database_id 
_database_2.database_code 
_database_2.pdbx_database_accession 
_database_2.pdbx_DOI 
PDB   7WME         pdb_00007wme 10.2210/pdb7wme/pdb 
WWPDB D_1300026914 ?            ?                   
# 
_pdbx_database_status.status_code                     REL 
_pdbx_database_status.status_code_sf                  REL 
_pdbx_database_status.status_code_mr                  ? 
_pdbx_database_status.entry_id                        7WME 
_pdbx_database_status.recvd_initial_deposition_date   2022-01-14 
_pdbx_database_status.SG_entry                        N 
_pdbx_database_status.deposit_site                    PDBJ 
_pdbx_database_status.process_site                    PDBJ 
_pdbx_database_status.status_code_cs                  ? 
_pdbx_database_status.status_code_nmr_data            ? 
_pdbx_database_status.methods_development_category    ? 
_pdbx_database_status.pdb_format_compatible           Y 
# 
loop_
_audit_author.name 
_audit_author.pdbx_ordinal 
_audit_author.identifier_ORCID 
'Verma, P.'  1 0000-0003-4720-445X 
'Kumari, P.' 2 0000-0001-9590-929X 
'Negi, S.'   3 0000-0001-6650-5018 
'Yadav, G.'  4 0000-0001-6591-9964 
'Gaur, V.'   5 0000-0002-7292-2720 
# 
_citation.abstract                  ? 
_citation.abstract_id_CAS           ? 
_citation.book_id_ISBN              ? 
_citation.book_publisher            ? 
_citation.book_publisher_city       ? 
_citation.book_title                ? 
_citation.coordinate_linkage        ? 
_citation.country                   UK 
_citation.database_id_Medline       ? 
_citation.details                   ? 
_citation.id                        primary 
_citation.journal_abbrev            'Nucleic Acids Res.' 
_citation.journal_id_ASTM           NARHAD 
_citation.journal_id_CSD            0389 
_citation.journal_id_ISSN           1362-4962 
_citation.journal_full              ? 
_citation.journal_issue             ? 
_citation.journal_volume            50 
_citation.language                  ? 
_citation.page_first                4630 
_citation.page_last                 4646 
_citation.title                     
;Holliday junction resolution by At-HIGLE: an SLX1 lineage endonuclease from Arabidopsis thaliana with a novel in-built regulatory mechanism.
;
_citation.year                      2022 
_citation.database_id_CSD           ? 
_citation.pdbx_database_id_DOI      10.1093/nar/gkac239 
_citation.pdbx_database_id_PubMed   35412622 
_citation.pdbx_database_id_patent   ? 
_citation.unpublished_flag          ? 
# 
loop_
_citation_author.citation_id 
_citation_author.name 
_citation_author.ordinal 
_citation_author.identifier_ORCID 
primary 'Verma, P.'  1 ?                   
primary 'Kumari, P.' 2 ?                   
primary 'Negi, S.'   3 ?                   
primary 'Yadav, G.'  4 0000-0001-6591-9964 
primary 'Gaur, V.'   5 0000-0002-7292-2720 
# 
_cell.angle_alpha                  90.000 
_cell.angle_alpha_esd              ? 
_cell.angle_beta                   90.000 
_cell.angle_beta_esd               ? 
_cell.angle_gamma                  90.000 
_cell.angle_gamma_esd              ? 
_cell.entry_id                     7WME 
_cell.details                      ? 
_cell.formula_units_Z              ? 
_cell.length_a                     40.518 
_cell.length_a_esd                 ? 
_cell.length_b                     53.452 
_cell.length_b_esd                 ? 
_cell.length_c                     69.947 
_cell.length_c_esd                 ? 
_cell.volume                       151488.984 
_cell.volume_esd                   ? 
_cell.Z_PDB                        4 
_cell.reciprocal_angle_alpha       ? 
_cell.reciprocal_angle_beta        ? 
_cell.reciprocal_angle_gamma       ? 
_cell.reciprocal_angle_alpha_esd   ? 
_cell.reciprocal_angle_beta_esd    ? 
_cell.reciprocal_angle_gamma_esd   ? 
_cell.reciprocal_length_a          ? 
_cell.reciprocal_length_b          ? 
_cell.reciprocal_length_c          ? 
_cell.reciprocal_length_a_esd      ? 
_cell.reciprocal_length_b_esd      ? 
_cell.reciprocal_length_c_esd      ? 
_cell.pdbx_unique_axis             ? 
# 
_symmetry.entry_id                         7WME 
_symmetry.cell_setting                     ? 
_symmetry.Int_Tables_number                19 
_symmetry.space_group_name_Hall            'P 2ac 2ab' 
_symmetry.space_group_name_H-M             'P 21 21 21' 
_symmetry.pdbx_full_space_group_name_H-M   ? 
# 
loop_
_entity.id 
_entity.type 
_entity.src_method 
_entity.pdbx_description 
_entity.formula_weight 
_entity.pdbx_number_of_molecules 
_entity.pdbx_ec 
_entity.pdbx_mutation 
_entity.pdbx_fragment 
_entity.details 
1 polymer     man 'Structure-specific endonuclease subunit SLX1 homolog' 20775.883 1   3.1.-.- ? ? ? 
2 non-polymer syn 'CALCIUM ION'                                          40.078    1   ?       ? ? ? 
3 water       nat water                                                  18.015    131 ?       ? ? ? 
# 
_entity_name_com.entity_id   1 
_entity_name_com.name        HIGLE 
# 
_entity_poly.entity_id                      1 
_entity_poly.type                           'polypeptide(L)' 
_entity_poly.nstd_linkage                   no 
_entity_poly.nstd_monomer                   no 
_entity_poly.pdbx_seq_one_letter_code       
;MREKRGNRKALDPVGEDGVTGKDGKGFFACYLLTSLSPRHKGQTYIGFTVNPRRRIRQHNGEITSGAWRTKKKRPWEMVL
CIYGFPTNVSALQFEWAWQHPRESVAVREAAAAFKSFSGVASKIKLVYTMLNLPAWNSLNLTVNYFSSKYAHHGGKSPSL
PLHMKVQVCAMEDLQYFTKVDDS
;
_entity_poly.pdbx_seq_one_letter_code_can   
;MREKRGNRKALDPVGEDGVTGKDGKGFFACYLLTSLSPRHKGQTYIGFTVNPRRRIRQHNGEITSGAWRTKKKRPWEMVL
CIYGFPTNVSALQFEWAWQHPRESVAVREAAAAFKSFSGVASKIKLVYTMLNLPAWNSLNLTVNYFSSKYAHHGGKSPSL
PLHMKVQVCAMEDLQYFTKVDDS
;
_entity_poly.pdbx_strand_id                 A 
_entity_poly.pdbx_target_identifier         ? 
# 
loop_
_entity_poly_seq.entity_id 
_entity_poly_seq.num 
_entity_poly_seq.mon_id 
_entity_poly_seq.hetero 
1 1   MET n 
1 2   ARG n 
1 3   GLU n 
1 4   LYS n 
1 5   ARG n 
1 6   GLY n 
1 7   ASN n 
1 8   ARG n 
1 9   LYS n 
1 10  ALA n 
1 11  LEU n 
1 12  ASP n 
1 13  PRO n 
1 14  VAL n 
1 15  GLY n 
1 16  GLU n 
1 17  ASP n 
1 18  GLY n 
1 19  VAL n 
1 20  THR n 
1 21  GLY n 
1 22  LYS n 
1 23  ASP n 
1 24  GLY n 
1 25  LYS n 
1 26  GLY n 
1 27  PHE n 
1 28  PHE n 
1 29  ALA n 
1 30  CYS n 
1 31  TYR n 
1 32  LEU n 
1 33  LEU n 
1 34  THR n 
1 35  SER n 
1 36  LEU n 
1 37  SER n 
1 38  PRO n 
1 39  ARG n 
1 40  HIS n 
1 41  LYS n 
1 42  GLY n 
1 43  GLN n 
1 44  THR n 
1 45  TYR n 
1 46  ILE n 
1 47  GLY n 
1 48  PHE n 
1 49  THR n 
1 50  VAL n 
1 51  ASN n 
1 52  PRO n 
1 53  ARG n 
1 54  ARG n 
1 55  ARG n 
1 56  ILE n 
1 57  ARG n 
1 58  GLN n 
1 59  HIS n 
1 60  ASN n 
1 61  GLY n 
1 62  GLU n 
1 63  ILE n 
1 64  THR n 
1 65  SER n 
1 66  GLY n 
1 67  ALA n 
1 68  TRP n 
1 69  ARG n 
1 70  THR n 
1 71  LYS n 
1 72  LYS n 
1 73  LYS n 
1 74  ARG n 
1 75  PRO n 
1 76  TRP n 
1 77  GLU n 
1 78  MET n 
1 79  VAL n 
1 80  LEU n 
1 81  CYS n 
1 82  ILE n 
1 83  TYR n 
1 84  GLY n 
1 85  PHE n 
1 86  PRO n 
1 87  THR n 
1 88  ASN n 
1 89  VAL n 
1 90  SER n 
1 91  ALA n 
1 92  LEU n 
1 93  GLN n 
1 94  PHE n 
1 95  GLU n 
1 96  TRP n 
1 97  ALA n 
1 98  TRP n 
1 99  GLN n 
1 100 HIS n 
1 101 PRO n 
1 102 ARG n 
1 103 GLU n 
1 104 SER n 
1 105 VAL n 
1 106 ALA n 
1 107 VAL n 
1 108 ARG n 
1 109 GLU n 
1 110 ALA n 
1 111 ALA n 
1 112 ALA n 
1 113 ALA n 
1 114 PHE n 
1 115 LYS n 
1 116 SER n 
1 117 PHE n 
1 118 SER n 
1 119 GLY n 
1 120 VAL n 
1 121 ALA n 
1 122 SER n 
1 123 LYS n 
1 124 ILE n 
1 125 LYS n 
1 126 LEU n 
1 127 VAL n 
1 128 TYR n 
1 129 THR n 
1 130 MET n 
1 131 LEU n 
1 132 ASN n 
1 133 LEU n 
1 134 PRO n 
1 135 ALA n 
1 136 TRP n 
1 137 ASN n 
1 138 SER n 
1 139 LEU n 
1 140 ASN n 
1 141 LEU n 
1 142 THR n 
1 143 VAL n 
1 144 ASN n 
1 145 TYR n 
1 146 PHE n 
1 147 SER n 
1 148 SER n 
1 149 LYS n 
1 150 TYR n 
1 151 ALA n 
1 152 HIS n 
1 153 HIS n 
1 154 GLY n 
1 155 GLY n 
1 156 LYS n 
1 157 SER n 
1 158 PRO n 
1 159 SER n 
1 160 LEU n 
1 161 PRO n 
1 162 LEU n 
1 163 HIS n 
1 164 MET n 
1 165 LYS n 
1 166 VAL n 
1 167 GLN n 
1 168 VAL n 
1 169 CYS n 
1 170 ALA n 
1 171 MET n 
1 172 GLU n 
1 173 ASP n 
1 174 LEU n 
1 175 GLN n 
1 176 TYR n 
1 177 PHE n 
1 178 THR n 
1 179 LYS n 
1 180 VAL n 
1 181 ASP n 
1 182 ASP n 
1 183 SER n 
# 
_entity_src_gen.entity_id                          1 
_entity_src_gen.pdbx_src_id                        1 
_entity_src_gen.pdbx_alt_source_flag               sample 
_entity_src_gen.pdbx_seq_type                      'Biological sequence' 
_entity_src_gen.pdbx_beg_seq_num                   1 
_entity_src_gen.pdbx_end_seq_num                   183 
_entity_src_gen.gene_src_common_name               'thale cress' 
_entity_src_gen.gene_src_genus                     ? 
_entity_src_gen.pdbx_gene_src_gene                 ? 
_entity_src_gen.gene_src_species                   ? 
_entity_src_gen.gene_src_strain                    ? 
_entity_src_gen.gene_src_tissue                    ? 
_entity_src_gen.gene_src_tissue_fraction           ? 
_entity_src_gen.gene_src_details                   ? 
_entity_src_gen.pdbx_gene_src_fragment             ? 
_entity_src_gen.pdbx_gene_src_scientific_name      'Arabidopsis thaliana' 
_entity_src_gen.pdbx_gene_src_ncbi_taxonomy_id     3702 
_entity_src_gen.pdbx_gene_src_variant              ? 
_entity_src_gen.pdbx_gene_src_cell_line            ? 
_entity_src_gen.pdbx_gene_src_atcc                 ? 
_entity_src_gen.pdbx_gene_src_organ                ? 
_entity_src_gen.pdbx_gene_src_organelle            ? 
_entity_src_gen.pdbx_gene_src_cell                 ? 
_entity_src_gen.pdbx_gene_src_cellular_location    ? 
_entity_src_gen.host_org_common_name               ? 
_entity_src_gen.pdbx_host_org_scientific_name      'Escherichia coli' 
_entity_src_gen.pdbx_host_org_ncbi_taxonomy_id     562 
_entity_src_gen.host_org_genus                     ? 
_entity_src_gen.pdbx_host_org_gene                 ? 
_entity_src_gen.pdbx_host_org_organ                ? 
_entity_src_gen.host_org_species                   ? 
_entity_src_gen.pdbx_host_org_tissue               ? 
_entity_src_gen.pdbx_host_org_tissue_fraction      ? 
_entity_src_gen.pdbx_host_org_strain               ? 
_entity_src_gen.pdbx_host_org_variant              ? 
_entity_src_gen.pdbx_host_org_cell_line            ? 
_entity_src_gen.pdbx_host_org_atcc                 ? 
_entity_src_gen.pdbx_host_org_culture_collection   ? 
_entity_src_gen.pdbx_host_org_cell                 ? 
_entity_src_gen.pdbx_host_org_organelle            ? 
_entity_src_gen.pdbx_host_org_cellular_location    ? 
_entity_src_gen.pdbx_host_org_vector_type          ? 
_entity_src_gen.pdbx_host_org_vector               ? 
_entity_src_gen.host_org_details                   ? 
_entity_src_gen.expression_system_id               ? 
_entity_src_gen.plasmid_name                       ? 
_entity_src_gen.plasmid_details                    ? 
_entity_src_gen.pdbx_description                   ? 
# 
_struct_ref.id                         1 
_struct_ref.db_name                    UNP 
_struct_ref.db_code                    Q682H4_ARATH 
_struct_ref.pdbx_db_accession          Q682H4 
_struct_ref.pdbx_db_isoform            ? 
_struct_ref.entity_id                  1 
_struct_ref.pdbx_seq_one_letter_code   
;MREKRGNRKALDPVGEDGVTGKDGKGFFACYLLTSLSPRHKGQTYIGFTVNPRRRIRQHNGEITSGAWRTKKKRPWEMVL
CIYGFPTNVSALQFEWAWQHPRESVAVREAAAAFKSFSGVASKIKLVYTMLNLPAWNSLNLTVNYFSSKYAHHGGKSPSL
PLHMKVQVCAMEDLQYFTKVDDS
;
_struct_ref.pdbx_align_begin           1 
# 
_struct_ref_seq.align_id                      1 
_struct_ref_seq.ref_id                        1 
_struct_ref_seq.pdbx_PDB_id_code              7WME 
_struct_ref_seq.pdbx_strand_id                A 
_struct_ref_seq.seq_align_beg                 1 
_struct_ref_seq.pdbx_seq_align_beg_ins_code   ? 
_struct_ref_seq.seq_align_end                 183 
_struct_ref_seq.pdbx_seq_align_end_ins_code   ? 
_struct_ref_seq.pdbx_db_accession             Q682H4 
_struct_ref_seq.db_align_beg                  1 
_struct_ref_seq.pdbx_db_align_beg_ins_code    ? 
_struct_ref_seq.db_align_end                  183 
_struct_ref_seq.pdbx_db_align_end_ins_code    ? 
_struct_ref_seq.pdbx_auth_seq_align_beg       1 
_struct_ref_seq.pdbx_auth_seq_align_end       183 
# 
loop_
_chem_comp.id 
_chem_comp.type 
_chem_comp.mon_nstd_flag 
_chem_comp.name 
_chem_comp.pdbx_synonyms 
_chem_comp.formula 
_chem_comp.formula_weight 
ALA 'L-peptide linking' y ALANINE         ? 'C3 H7 N O2'     89.093  
ARG 'L-peptide linking' y ARGININE        ? 'C6 H15 N4 O2 1' 175.209 
ASN 'L-peptide linking' y ASPARAGINE      ? 'C4 H8 N2 O3'    132.118 
ASP 'L-peptide linking' y 'ASPARTIC ACID' ? 'C4 H7 N O4'     133.103 
CA  non-polymer         . 'CALCIUM ION'   ? 'Ca 2'           40.078  
CYS 'L-peptide linking' y CYSTEINE        ? 'C3 H7 N O2 S'   121.158 
GLN 'L-peptide linking' y GLUTAMINE       ? 'C5 H10 N2 O3'   146.144 
GLU 'L-peptide linking' y 'GLUTAMIC ACID' ? 'C5 H9 N O4'     147.129 
GLY 'peptide linking'   y GLYCINE         ? 'C2 H5 N O2'     75.067  
HIS 'L-peptide linking' y HISTIDINE       ? 'C6 H10 N3 O2 1' 156.162 
HOH non-polymer         . WATER           ? 'H2 O'           18.015  
ILE 'L-peptide linking' y ISOLEUCINE      ? 'C6 H13 N O2'    131.173 
LEU 'L-peptide linking' y LEUCINE         ? 'C6 H13 N O2'    131.173 
LYS 'L-peptide linking' y LYSINE          ? 'C6 H15 N2 O2 1' 147.195 
MET 'L-peptide linking' y METHIONINE      ? 'C5 H11 N O2 S'  149.211 
PHE 'L-peptide linking' y PHENYLALANINE   ? 'C9 H11 N O2'    165.189 
PRO 'L-peptide linking' y PROLINE         ? 'C5 H9 N O2'     115.130 
SER 'L-peptide linking' y SERINE          ? 'C3 H7 N O3'     105.093 
THR 'L-peptide linking' y THREONINE       ? 'C4 H9 N O3'     119.119 
TRP 'L-peptide linking' y TRYPTOPHAN      ? 'C11 H12 N2 O2'  204.225 
TYR 'L-peptide linking' y TYROSINE        ? 'C9 H11 N O3'    181.189 
VAL 'L-peptide linking' y VALINE          ? 'C5 H11 N O2'    117.146 
# 
_exptl.absorpt_coefficient_mu     ? 
_exptl.absorpt_correction_T_max   ? 
_exptl.absorpt_correction_T_min   ? 
_exptl.absorpt_correction_type    ? 
_exptl.absorpt_process_details    ? 
_exptl.entry_id                   7WME 
_exptl.crystals_number            1 
_exptl.details                    ? 
_exptl.method                     'X-RAY DIFFRACTION' 
_exptl.method_details             ? 
# 
_exptl_crystal.colour                      ? 
_exptl_crystal.density_diffrn              ? 
_exptl_crystal.density_Matthews            1.82 
_exptl_crystal.density_method              ? 
_exptl_crystal.density_percent_sol         32.52 
_exptl_crystal.description                 ? 
_exptl_crystal.F_000                       ? 
_exptl_crystal.id                          1 
_exptl_crystal.preparation                 ? 
_exptl_crystal.size_max                    ? 
_exptl_crystal.size_mid                    ? 
_exptl_crystal.size_min                    ? 
_exptl_crystal.size_rad                    ? 
_exptl_crystal.colour_lustre               ? 
_exptl_crystal.colour_modifier             ? 
_exptl_crystal.colour_primary              ? 
_exptl_crystal.density_meas                ? 
_exptl_crystal.density_meas_esd            ? 
_exptl_crystal.density_meas_gt             ? 
_exptl_crystal.density_meas_lt             ? 
_exptl_crystal.density_meas_temp           ? 
_exptl_crystal.density_meas_temp_esd       ? 
_exptl_crystal.density_meas_temp_gt        ? 
_exptl_crystal.density_meas_temp_lt        ? 
_exptl_crystal.pdbx_crystal_image_url      ? 
_exptl_crystal.pdbx_crystal_image_format   ? 
_exptl_crystal.pdbx_mosaicity              ? 
_exptl_crystal.pdbx_mosaicity_esd          ? 
# 
_exptl_crystal_grow.apparatus       ? 
_exptl_crystal_grow.atmosphere      ? 
_exptl_crystal_grow.crystal_id      1 
_exptl_crystal_grow.details         ? 
_exptl_crystal_grow.method          'VAPOR DIFFUSION, SITTING DROP' 
_exptl_crystal_grow.method_ref      ? 
_exptl_crystal_grow.pH              8.5 
_exptl_crystal_grow.pressure        ? 
_exptl_crystal_grow.pressure_esd    ? 
_exptl_crystal_grow.seeding         ? 
_exptl_crystal_grow.seeding_ref     ? 
_exptl_crystal_grow.temp            293 
_exptl_crystal_grow.temp_details    ? 
_exptl_crystal_grow.temp_esd        ? 
_exptl_crystal_grow.time            ? 
_exptl_crystal_grow.pdbx_details    '4M Sodium Formate' 
_exptl_crystal_grow.pdbx_pH_range   ? 
# 
_diffrn.ambient_environment              ? 
_diffrn.ambient_temp                     80 
_diffrn.ambient_temp_details             ? 
_diffrn.ambient_temp_esd                 ? 
_diffrn.crystal_id                       1 
_diffrn.crystal_support                  ? 
_diffrn.crystal_treatment                ? 
_diffrn.details                          ? 
_diffrn.id                               1 
_diffrn.ambient_pressure                 ? 
_diffrn.ambient_pressure_esd             ? 
_diffrn.ambient_pressure_gt              ? 
_diffrn.ambient_pressure_lt              ? 
_diffrn.ambient_temp_gt                  ? 
_diffrn.ambient_temp_lt                  ? 
_diffrn.pdbx_serial_crystal_experiment   N 
# 
_diffrn_detector.details                      ? 
_diffrn_detector.detector                     PIXEL 
_diffrn_detector.diffrn_id                    1 
_diffrn_detector.type                         'DECTRIS PILATUS3 X 2M' 
_diffrn_detector.area_resol_mean              ? 
_diffrn_detector.dtime                        ? 
_diffrn_detector.pdbx_frames_total            ? 
_diffrn_detector.pdbx_collection_time_total   ? 
_diffrn_detector.pdbx_collection_date         2021-06-08 
_diffrn_detector.pdbx_frequency               ? 
# 
_diffrn_radiation.collimation                      ? 
_diffrn_radiation.diffrn_id                        1 
_diffrn_radiation.filter_edge                      ? 
_diffrn_radiation.inhomogeneity                    ? 
_diffrn_radiation.monochromator                    ? 
_diffrn_radiation.polarisn_norm                    ? 
_diffrn_radiation.polarisn_ratio                   ? 
_diffrn_radiation.probe                            ? 
_diffrn_radiation.type                             ? 
_diffrn_radiation.xray_symbol                      ? 
_diffrn_radiation.wavelength_id                    1 
_diffrn_radiation.pdbx_monochromatic_or_laue_m_l   M 
_diffrn_radiation.pdbx_wavelength_list             ? 
_diffrn_radiation.pdbx_wavelength                  ? 
_diffrn_radiation.pdbx_diffrn_protocol             'SINGLE WAVELENGTH' 
_diffrn_radiation.pdbx_analyzer                    ? 
_diffrn_radiation.pdbx_scattering_type             x-ray 
# 
_diffrn_radiation_wavelength.id           1 
_diffrn_radiation_wavelength.wavelength   0.8731 
_diffrn_radiation_wavelength.wt           1.0 
# 
_diffrn_source.current                     ? 
_diffrn_source.details                     ? 
_diffrn_source.diffrn_id                   1 
_diffrn_source.power                       ? 
_diffrn_source.size                        ? 
_diffrn_source.source                      SYNCHROTRON 
_diffrn_source.target                      ? 
_diffrn_source.type                        'ESRF BEAMLINE ID23-2' 
_diffrn_source.voltage                     ? 
_diffrn_source.take-off_angle              ? 
_diffrn_source.pdbx_wavelength_list        0.8731 
_diffrn_source.pdbx_wavelength             ? 
_diffrn_source.pdbx_synchrotron_beamline   ID23-2 
_diffrn_source.pdbx_synchrotron_site       ESRF 
# 
_reflns.B_iso_Wilson_estimate                          16.69 
_reflns.entry_id                                       7WME 
_reflns.data_reduction_details                         ? 
_reflns.data_reduction_method                          ? 
_reflns.d_resolution_high                              1.7 
_reflns.d_resolution_low                               32.29 
_reflns.details                                        ? 
_reflns.limit_h_max                                    ? 
_reflns.limit_h_min                                    ? 
_reflns.limit_k_max                                    ? 
_reflns.limit_k_min                                    ? 
_reflns.limit_l_max                                    ? 
_reflns.limit_l_min                                    ? 
_reflns.number_all                                     ? 
_reflns.number_obs                                     17294 
_reflns.observed_criterion                             ? 
_reflns.observed_criterion_F_max                       ? 
_reflns.observed_criterion_F_min                       ? 
_reflns.observed_criterion_I_max                       ? 
_reflns.observed_criterion_I_min                       ? 
_reflns.observed_criterion_sigma_F                     ? 
_reflns.observed_criterion_sigma_I                     ? 
_reflns.percent_possible_obs                           99.94 
_reflns.R_free_details                                 ? 
_reflns.Rmerge_F_all                                   ? 
_reflns.Rmerge_F_obs                                   ? 
_reflns.Friedel_coverage                               ? 
_reflns.number_gt                                      ? 
_reflns.threshold_expression                           ? 
_reflns.pdbx_redundancy                                12.6 
_reflns.pdbx_Rmerge_I_obs                              0.1223 
_reflns.pdbx_Rmerge_I_all                              ? 
_reflns.pdbx_Rsym_value                                ? 
_reflns.pdbx_netI_over_av_sigmaI                       ? 
_reflns.pdbx_netI_over_sigmaI                          15.86 
_reflns.pdbx_res_netI_over_av_sigmaI_2                 ? 
_reflns.pdbx_res_netI_over_sigmaI_2                    ? 
_reflns.pdbx_chi_squared                               ? 
_reflns.pdbx_scaling_rejects                           ? 
_reflns.pdbx_d_res_high_opt                            ? 
_reflns.pdbx_d_res_low_opt                             ? 
_reflns.pdbx_d_res_opt_method                          ? 
_reflns.phase_calculation_details                      ? 
_reflns.pdbx_Rrim_I_all                                ? 
_reflns.pdbx_Rpim_I_all                                ? 
_reflns.pdbx_d_opt                                     ? 
_reflns.pdbx_number_measured_all                       ? 
_reflns.pdbx_diffrn_id                                 1 
_reflns.pdbx_ordinal                                   1 
_reflns.pdbx_CC_half                                   0.999 
_reflns.pdbx_CC_star                                   1 
_reflns.pdbx_R_split                                   ? 
_reflns.pdbx_aniso_diffraction_limit_axis_1_ortho[1]   ? 
_reflns.pdbx_aniso_diffraction_limit_axis_1_ortho[2]   ? 
_reflns.pdbx_aniso_diffraction_limit_axis_1_ortho[3]   ? 
_reflns.pdbx_aniso_diffraction_limit_axis_2_ortho[1]   ? 
_reflns.pdbx_aniso_diffraction_limit_axis_2_ortho[2]   ? 
_reflns.pdbx_aniso_diffraction_limit_axis_2_ortho[3]   ? 
_reflns.pdbx_aniso_diffraction_limit_axis_3_ortho[1]   ? 
_reflns.pdbx_aniso_diffraction_limit_axis_3_ortho[2]   ? 
_reflns.pdbx_aniso_diffraction_limit_axis_3_ortho[3]   ? 
_reflns.pdbx_aniso_diffraction_limit_1                 ? 
_reflns.pdbx_aniso_diffraction_limit_2                 ? 
_reflns.pdbx_aniso_diffraction_limit_3                 ? 
_reflns.pdbx_aniso_B_tensor_eigenvector_1_ortho[1]     ? 
_reflns.pdbx_aniso_B_tensor_eigenvector_1_ortho[2]     ? 
_reflns.pdbx_aniso_B_tensor_eigenvector_1_ortho[3]     ? 
_reflns.pdbx_aniso_B_tensor_eigenvector_2_ortho[1]     ? 
_reflns.pdbx_aniso_B_tensor_eigenvector_2_ortho[2]     ? 
_reflns.pdbx_aniso_B_tensor_eigenvector_2_ortho[3]     ? 
_reflns.pdbx_aniso_B_tensor_eigenvector_3_ortho[1]     ? 
_reflns.pdbx_aniso_B_tensor_eigenvector_3_ortho[2]     ? 
_reflns.pdbx_aniso_B_tensor_eigenvector_3_ortho[3]     ? 
_reflns.pdbx_aniso_B_tensor_eigenvalue_1               ? 
_reflns.pdbx_aniso_B_tensor_eigenvalue_2               ? 
_reflns.pdbx_aniso_B_tensor_eigenvalue_3               ? 
_reflns.pdbx_orthogonalization_convention              ? 
_reflns.pdbx_percent_possible_ellipsoidal              ? 
_reflns.pdbx_percent_possible_spherical                ? 
_reflns.pdbx_percent_possible_ellipsoidal_anomalous    ? 
_reflns.pdbx_percent_possible_spherical_anomalous      ? 
_reflns.pdbx_redundancy_anomalous                      ? 
_reflns.pdbx_CC_half_anomalous                         ? 
_reflns.pdbx_absDiff_over_sigma_anomalous              ? 
_reflns.pdbx_percent_possible_anomalous                ? 
_reflns.pdbx_observed_signal_threshold                 ? 
_reflns.pdbx_signal_type                               ? 
_reflns.pdbx_signal_details                            ? 
_reflns.pdbx_signal_software_id                        ? 
# 
_reflns_shell.d_res_high                                    1.7 
_reflns_shell.d_res_low                                     1.761 
_reflns_shell.meanI_over_sigI_all                           ? 
_reflns_shell.meanI_over_sigI_obs                           3.45 
_reflns_shell.number_measured_all                           ? 
_reflns_shell.number_measured_obs                           ? 
_reflns_shell.number_possible                               ? 
_reflns_shell.number_unique_all                             ? 
_reflns_shell.number_unique_obs                             1712 
_reflns_shell.percent_possible_all                          100 
_reflns_shell.percent_possible_obs                          ? 
_reflns_shell.Rmerge_F_all                                  ? 
_reflns_shell.Rmerge_F_obs                                  ? 
_reflns_shell.Rmerge_I_all                                  ? 
_reflns_shell.Rmerge_I_obs                                  0.6415 
_reflns_shell.meanI_over_sigI_gt                            ? 
_reflns_shell.meanI_over_uI_all                             ? 
_reflns_shell.meanI_over_uI_gt                              ? 
_reflns_shell.number_measured_gt                            ? 
_reflns_shell.number_unique_gt                              ? 
_reflns_shell.percent_possible_gt                           ? 
_reflns_shell.Rmerge_F_gt                                   ? 
_reflns_shell.Rmerge_I_gt                                   ? 
_reflns_shell.pdbx_redundancy                               13.1 
_reflns_shell.pdbx_Rsym_value                               ? 
_reflns_shell.pdbx_chi_squared                              ? 
_reflns_shell.pdbx_netI_over_sigmaI_all                     ? 
_reflns_shell.pdbx_netI_over_sigmaI_obs                     ? 
_reflns_shell.pdbx_Rrim_I_all                               ? 
_reflns_shell.pdbx_Rpim_I_all                               ? 
_reflns_shell.pdbx_rejects                                  ? 
_reflns_shell.pdbx_ordinal                                  1 
_reflns_shell.pdbx_diffrn_id                                1 
_reflns_shell.pdbx_CC_half                                  0.919 
_reflns_shell.pdbx_CC_star                                  0.979 
_reflns_shell.pdbx_R_split                                  ? 
_reflns_shell.pdbx_percent_possible_ellipsoidal             ? 
_reflns_shell.pdbx_percent_possible_spherical               ? 
_reflns_shell.pdbx_percent_possible_ellipsoidal_anomalous   ? 
_reflns_shell.pdbx_percent_possible_spherical_anomalous     ? 
_reflns_shell.pdbx_redundancy_anomalous                     ? 
_reflns_shell.pdbx_CC_half_anomalous                        ? 
_reflns_shell.pdbx_absDiff_over_sigma_anomalous             ? 
_reflns_shell.pdbx_percent_possible_anomalous               ? 
# 
_refine.aniso_B[1][1]                            ? 
_refine.aniso_B[1][2]                            ? 
_refine.aniso_B[1][3]                            ? 
_refine.aniso_B[2][2]                            ? 
_refine.aniso_B[2][3]                            ? 
_refine.aniso_B[3][3]                            ? 
_refine.B_iso_max                                ? 
_refine.B_iso_mean                               18.57 
_refine.B_iso_min                                ? 
_refine.correlation_coeff_Fo_to_Fc               ? 
_refine.correlation_coeff_Fo_to_Fc_free          ? 
_refine.details                                  ? 
_refine.diff_density_max                         ? 
_refine.diff_density_max_esd                     ? 
_refine.diff_density_min                         ? 
_refine.diff_density_min_esd                     ? 
_refine.diff_density_rms                         ? 
_refine.diff_density_rms_esd                     ? 
_refine.entry_id                                 7WME 
_refine.pdbx_refine_id                           'X-RAY DIFFRACTION' 
_refine.ls_abs_structure_details                 ? 
_refine.ls_abs_structure_Flack                   ? 
_refine.ls_abs_structure_Flack_esd               ? 
_refine.ls_abs_structure_Rogers                  ? 
_refine.ls_abs_structure_Rogers_esd              ? 
_refine.ls_d_res_high                            1.70 
_refine.ls_d_res_low                             32.29 
_refine.ls_extinction_coef                       ? 
_refine.ls_extinction_coef_esd                   ? 
_refine.ls_extinction_expression                 ? 
_refine.ls_extinction_method                     ? 
_refine.ls_goodness_of_fit_all                   ? 
_refine.ls_goodness_of_fit_all_esd               ? 
_refine.ls_goodness_of_fit_obs                   ? 
_refine.ls_goodness_of_fit_obs_esd               ? 
_refine.ls_hydrogen_treatment                    ? 
_refine.ls_matrix_type                           ? 
_refine.ls_number_constraints                    ? 
_refine.ls_number_parameters                     ? 
_refine.ls_number_reflns_all                     ? 
_refine.ls_number_reflns_obs                     17292 
_refine.ls_number_reflns_R_free                  1730 
_refine.ls_number_reflns_R_work                  15562 
_refine.ls_number_restraints                     ? 
_refine.ls_percent_reflns_obs                    99.97 
_refine.ls_percent_reflns_R_free                 10.00 
_refine.ls_R_factor_all                          ? 
_refine.ls_R_factor_obs                          0.1667 
_refine.ls_R_factor_R_free                       0.1937 
_refine.ls_R_factor_R_free_error                 ? 
_refine.ls_R_factor_R_free_error_details         ? 
_refine.ls_R_factor_R_work                       0.1637 
_refine.ls_R_Fsqd_factor_obs                     ? 
_refine.ls_R_I_factor_obs                        ? 
_refine.ls_redundancy_reflns_all                 ? 
_refine.ls_redundancy_reflns_obs                 ? 
_refine.ls_restrained_S_all                      ? 
_refine.ls_restrained_S_obs                      ? 
_refine.ls_shift_over_esd_max                    ? 
_refine.ls_shift_over_esd_mean                   ? 
_refine.ls_structure_factor_coef                 ? 
_refine.ls_weighting_details                     ? 
_refine.ls_weighting_scheme                      ? 
_refine.ls_wR_factor_all                         ? 
_refine.ls_wR_factor_obs                         ? 
_refine.ls_wR_factor_R_free                      ? 
_refine.ls_wR_factor_R_work                      ? 
_refine.occupancy_max                            ? 
_refine.occupancy_min                            ? 
_refine.solvent_model_details                    'FLAT BULK SOLVENT MODEL' 
_refine.solvent_model_param_bsol                 ? 
_refine.solvent_model_param_ksol                 ? 
_refine.pdbx_R_complete                          ? 
_refine.ls_R_factor_gt                           ? 
_refine.ls_goodness_of_fit_gt                    ? 
_refine.ls_goodness_of_fit_ref                   ? 
_refine.ls_shift_over_su_max                     ? 
_refine.ls_shift_over_su_max_lt                  ? 
_refine.ls_shift_over_su_mean                    ? 
_refine.ls_shift_over_su_mean_lt                 ? 
_refine.pdbx_ls_sigma_I                          ? 
_refine.pdbx_ls_sigma_F                          1.36 
_refine.pdbx_ls_sigma_Fsqd                       ? 
_refine.pdbx_data_cutoff_high_absF               ? 
_refine.pdbx_data_cutoff_high_rms_absF           ? 
_refine.pdbx_data_cutoff_low_absF                ? 
_refine.pdbx_isotropic_thermal_model             ? 
_refine.pdbx_ls_cross_valid_method               'FREE R-VALUE' 
_refine.pdbx_method_to_determine_struct          'MOLECULAR REPLACEMENT' 
_refine.pdbx_starting_model                      4XM5 
_refine.pdbx_stereochemistry_target_values       'GeoStd + Monomer Library + CDL v1.2' 
_refine.pdbx_R_Free_selection_details            ? 
_refine.pdbx_stereochem_target_val_spec_case     ? 
_refine.pdbx_overall_ESU_R                       ? 
_refine.pdbx_overall_ESU_R_Free                  ? 
_refine.pdbx_solvent_vdw_probe_radii             1.1100 
_refine.pdbx_solvent_ion_probe_radii             ? 
_refine.pdbx_solvent_shrinkage_radii             0.9000 
_refine.pdbx_real_space_R                        ? 
_refine.pdbx_density_correlation                 ? 
_refine.pdbx_pd_number_of_powder_patterns        ? 
_refine.pdbx_pd_number_of_points                 ? 
_refine.pdbx_pd_meas_number_of_points            ? 
_refine.pdbx_pd_proc_ls_prof_R_factor            ? 
_refine.pdbx_pd_proc_ls_prof_wR_factor           ? 
_refine.pdbx_pd_Marquardt_correlation_coeff      ? 
_refine.pdbx_pd_Fsqrd_R_factor                   ? 
_refine.pdbx_pd_ls_matrix_band_width             ? 
_refine.pdbx_overall_phase_error                 17.3269 
_refine.pdbx_overall_SU_R_free_Cruickshank_DPI   ? 
_refine.pdbx_overall_SU_R_free_Blow_DPI          ? 
_refine.pdbx_overall_SU_R_Blow_DPI               ? 
_refine.pdbx_TLS_residual_ADP_flag               ? 
_refine.pdbx_diffrn_id                           1 
_refine.overall_SU_B                             ? 
_refine.overall_SU_ML                            0.1567 
_refine.overall_SU_R_Cruickshank_DPI             ? 
_refine.overall_SU_R_free                        ? 
_refine.overall_FOM_free_R_set                   ? 
_refine.overall_FOM_work_R_set                   ? 
_refine.pdbx_average_fsc_overall                 ? 
_refine.pdbx_average_fsc_work                    ? 
_refine.pdbx_average_fsc_free                    ? 
# 
_refine_hist.pdbx_refine_id                   'X-RAY DIFFRACTION' 
_refine_hist.cycle_id                         LAST 
_refine_hist.details                          ? 
_refine_hist.d_res_high                       1.70 
_refine_hist.d_res_low                        32.29 
_refine_hist.number_atoms_solvent             131 
_refine_hist.number_atoms_total               1326 
_refine_hist.number_reflns_all                ? 
_refine_hist.number_reflns_obs                ? 
_refine_hist.number_reflns_R_free             ? 
_refine_hist.number_reflns_R_work             ? 
_refine_hist.R_factor_all                     ? 
_refine_hist.R_factor_obs                     ? 
_refine_hist.R_factor_R_free                  ? 
_refine_hist.R_factor_R_work                  ? 
_refine_hist.pdbx_number_residues_total       ? 
_refine_hist.pdbx_B_iso_mean_ligand           ? 
_refine_hist.pdbx_B_iso_mean_solvent          ? 
_refine_hist.pdbx_number_atoms_protein        1194 
_refine_hist.pdbx_number_atoms_nucleic_acid   0 
_refine_hist.pdbx_number_atoms_ligand         1 
_refine_hist.pdbx_number_atoms_lipid          ? 
_refine_hist.pdbx_number_atoms_carb           ? 
_refine_hist.pdbx_pseudo_atom_details         ? 
# 
loop_
_refine_ls_restr.pdbx_refine_id 
_refine_ls_restr.criterion 
_refine_ls_restr.dev_ideal 
_refine_ls_restr.dev_ideal_target 
_refine_ls_restr.number 
_refine_ls_restr.rejects 
_refine_ls_restr.type 
_refine_ls_restr.weight 
_refine_ls_restr.pdbx_restraint_function 
'X-RAY DIFFRACTION' ? 0.0142 ? 1266 ? f_bond_d           ? ? 
'X-RAY DIFFRACTION' ? 1.3067 ? 1731 ? f_angle_d          ? ? 
'X-RAY DIFFRACTION' ? 0.0851 ? 189  ? f_chiral_restr     ? ? 
'X-RAY DIFFRACTION' ? 0.0089 ? 216  ? f_plane_restr      ? ? 
'X-RAY DIFFRACTION' ? 3.1093 ? 1000 ? f_dihedral_angle_d ? ? 
# 
loop_
_refine_ls_shell.pdbx_refine_id 
_refine_ls_shell.d_res_high 
_refine_ls_shell.d_res_low 
_refine_ls_shell.number_reflns_all 
_refine_ls_shell.number_reflns_obs 
_refine_ls_shell.number_reflns_R_free 
_refine_ls_shell.number_reflns_R_work 
_refine_ls_shell.percent_reflns_obs 
_refine_ls_shell.percent_reflns_R_free 
_refine_ls_shell.R_factor_all 
_refine_ls_shell.R_factor_obs 
_refine_ls_shell.R_factor_R_free 
_refine_ls_shell.R_factor_R_free_error 
_refine_ls_shell.R_factor_R_work 
_refine_ls_shell.redundancy_reflns_all 
_refine_ls_shell.redundancy_reflns_obs 
_refine_ls_shell.wR_factor_all 
_refine_ls_shell.wR_factor_obs 
_refine_ls_shell.wR_factor_R_free 
_refine_ls_shell.wR_factor_R_work 
_refine_ls_shell.pdbx_R_complete 
_refine_ls_shell.pdbx_total_number_of_bins_used 
_refine_ls_shell.pdbx_phase_error 
_refine_ls_shell.pdbx_fsc_work 
_refine_ls_shell.pdbx_fsc_free 
'X-RAY DIFFRACTION' 1.70 1.75  . . 139 1253 100.00 . . . 0.2293 . 0.1869 . . . . . . . . . . . 
'X-RAY DIFFRACTION' 1.75 1.81  . . 142 1276 100.00 . . . 0.2473 . 0.1675 . . . . . . . . . . . 
'X-RAY DIFFRACTION' 1.81 1.87  . . 144 1289 100.00 . . . 0.2075 . 0.1548 . . . . . . . . . . . 
'X-RAY DIFFRACTION' 1.87 1.95  . . 141 1275 100.00 . . . 0.2069 . 0.1450 . . . . . . . . . . . 
'X-RAY DIFFRACTION' 1.95 2.03  . . 141 1271 100.00 . . . 0.1959 . 0.1470 . . . . . . . . . . . 
'X-RAY DIFFRACTION' 2.03 2.14  . . 144 1298 100.00 . . . 0.1646 . 0.1375 . . . . . . . . . . . 
'X-RAY DIFFRACTION' 2.14 2.28  . . 142 1271 100.00 . . . 0.1781 . 0.1513 . . . . . . . . . . . 
'X-RAY DIFFRACTION' 2.28 2.45  . . 142 1289 100.00 . . . 0.2256 . 0.1633 . . . . . . . . . . . 
'X-RAY DIFFRACTION' 2.45 2.70  . . 146 1314 99.93  . . . 0.2022 . 0.1646 . . . . . . . . . . . 
'X-RAY DIFFRACTION' 2.70 3.09  . . 145 1294 100.00 . . . 0.2184 . 0.1693 . . . . . . . . . . . 
'X-RAY DIFFRACTION' 3.09 3.89  . . 148 1333 100.00 . . . 0.1734 . 0.1573 . . . . . . . . . . . 
'X-RAY DIFFRACTION' 3.89 32.29 . . 156 1399 100    . . . 0.1817 . 0.1854 . . . . . . . . . . . 
# 
_struct.entry_id                     7WME 
_struct.title                        'Crystal Structure of the catalytic domain of At-HIGLE' 
_struct.pdbx_model_details           ? 
_struct.pdbx_formula_weight          ? 
_struct.pdbx_formula_weight_method   ? 
_struct.pdbx_model_type_details      ? 
_struct.pdbx_CASP_flag               N 
# 
_struct_keywords.entry_id        7WME 
_struct_keywords.text            'Resolvase Nuclease Structure-selective endonuclease, PLANT PROTEIN' 
_struct_keywords.pdbx_keywords   'PLANT PROTEIN' 
# 
loop_
_struct_asym.id 
_struct_asym.pdbx_blank_PDB_chainid_flag 
_struct_asym.pdbx_modified 
_struct_asym.entity_id 
_struct_asym.details 
A N N 1 ? 
B N N 2 ? 
C N N 3 ? 
# 
loop_
_struct_conf.conf_type_id 
_struct_conf.id 
_struct_conf.pdbx_PDB_helix_id 
_struct_conf.beg_label_comp_id 
_struct_conf.beg_label_asym_id 
_struct_conf.beg_label_seq_id 
_struct_conf.pdbx_beg_PDB_ins_code 
_struct_conf.end_label_comp_id 
_struct_conf.end_label_asym_id 
_struct_conf.end_label_seq_id 
_struct_conf.pdbx_end_PDB_ins_code 
_struct_conf.beg_auth_comp_id 
_struct_conf.beg_auth_asym_id 
_struct_conf.beg_auth_seq_id 
_struct_conf.end_auth_comp_id 
_struct_conf.end_auth_asym_id 
_struct_conf.end_auth_seq_id 
_struct_conf.pdbx_PDB_helix_class 
_struct_conf.details 
_struct_conf.pdbx_PDB_helix_length 
HELX_P HELX_P1 AA1 SER A 37  ? LYS A 41  ? SER A 37  LYS A 41  5 ? 5  
HELX_P HELX_P2 AA2 ASN A 51  ? ASN A 60  ? ASN A 51  ASN A 60  1 ? 10 
HELX_P HELX_P3 AA3 ARG A 69  ? ARG A 74  ? ARG A 69  ARG A 74  5 ? 6  
HELX_P HELX_P4 AA4 THR A 87  ? HIS A 100 ? THR A 87  HIS A 100 1 ? 14 
HELX_P HELX_P5 AA5 VAL A 107 ? ALA A 112 ? VAL A 107 ALA A 112 1 ? 6  
HELX_P HELX_P6 AA6 SER A 118 ? ASN A 132 ? SER A 118 ASN A 132 1 ? 15 
HELX_P HELX_P7 AA7 SER A 147 ? TYR A 150 ? SER A 147 TYR A 150 5 ? 4  
HELX_P HELX_P8 AA8 ALA A 151 ? LYS A 156 ? ALA A 151 LYS A 156 1 ? 6  
HELX_P HELX_P9 AA9 ALA A 170 ? LYS A 179 ? ALA A 170 LYS A 179 1 ? 10 
# 
_struct_conf_type.id          HELX_P 
_struct_conf_type.criteria    ? 
_struct_conf_type.reference   ? 
# 
_struct_mon_prot_cis.pdbx_id                1 
_struct_mon_prot_cis.label_comp_id          ARG 
_struct_mon_prot_cis.label_seq_id           74 
_struct_mon_prot_cis.label_asym_id          A 
_struct_mon_prot_cis.label_alt_id           . 
_struct_mon_prot_cis.pdbx_PDB_ins_code      ? 
_struct_mon_prot_cis.auth_comp_id           ARG 
_struct_mon_prot_cis.auth_seq_id            74 
_struct_mon_prot_cis.auth_asym_id           A 
_struct_mon_prot_cis.pdbx_label_comp_id_2   PRO 
_struct_mon_prot_cis.pdbx_label_seq_id_2    75 
_struct_mon_prot_cis.pdbx_label_asym_id_2   A 
_struct_mon_prot_cis.pdbx_PDB_ins_code_2    ? 
_struct_mon_prot_cis.pdbx_auth_comp_id_2    PRO 
_struct_mon_prot_cis.pdbx_auth_seq_id_2     75 
_struct_mon_prot_cis.pdbx_auth_asym_id_2    A 
_struct_mon_prot_cis.pdbx_PDB_model_num     1 
_struct_mon_prot_cis.pdbx_omega_angle       -1.71 
# 
_struct_sheet.id               AA1 
_struct_sheet.type             ? 
_struct_sheet.number_strands   5 
_struct_sheet.details          ? 
# 
loop_
_struct_sheet_order.sheet_id 
_struct_sheet_order.range_id_1 
_struct_sheet_order.range_id_2 
_struct_sheet_order.offset 
_struct_sheet_order.sense 
AA1 1 2 ? anti-parallel 
AA1 2 3 ? anti-parallel 
AA1 3 4 ? anti-parallel 
AA1 4 5 ? parallel      
# 
loop_
_struct_sheet_range.sheet_id 
_struct_sheet_range.id 
_struct_sheet_range.beg_label_comp_id 
_struct_sheet_range.beg_label_asym_id 
_struct_sheet_range.beg_label_seq_id 
_struct_sheet_range.pdbx_beg_PDB_ins_code 
_struct_sheet_range.end_label_comp_id 
_struct_sheet_range.end_label_asym_id 
_struct_sheet_range.end_label_seq_id 
_struct_sheet_range.pdbx_end_PDB_ins_code 
_struct_sheet_range.beg_auth_comp_id 
_struct_sheet_range.beg_auth_asym_id 
_struct_sheet_range.beg_auth_seq_id 
_struct_sheet_range.end_auth_comp_id 
_struct_sheet_range.end_auth_asym_id 
_struct_sheet_range.end_auth_seq_id 
AA1 1 THR A 44  ? THR A 49  ? THR A 44  THR A 49  
AA1 2 ALA A 29  ? SER A 35  ? ALA A 29  SER A 35  
AA1 3 TRP A 76  ? TYR A 83  ? TRP A 76  TYR A 83  
AA1 4 THR A 142 ? TYR A 145 ? THR A 142 TYR A 145 
AA1 5 LYS A 165 ? VAL A 168 ? LYS A 165 VAL A 168 
# 
loop_
_pdbx_struct_sheet_hbond.sheet_id 
_pdbx_struct_sheet_hbond.range_id_1 
_pdbx_struct_sheet_hbond.range_id_2 
_pdbx_struct_sheet_hbond.range_1_label_atom_id 
_pdbx_struct_sheet_hbond.range_1_label_comp_id 
_pdbx_struct_sheet_hbond.range_1_label_asym_id 
_pdbx_struct_sheet_hbond.range_1_label_seq_id 
_pdbx_struct_sheet_hbond.range_1_PDB_ins_code 
_pdbx_struct_sheet_hbond.range_1_auth_atom_id 
_pdbx_struct_sheet_hbond.range_1_auth_comp_id 
_pdbx_struct_sheet_hbond.range_1_auth_asym_id 
_pdbx_struct_sheet_hbond.range_1_auth_seq_id 
_pdbx_struct_sheet_hbond.range_2_label_atom_id 
_pdbx_struct_sheet_hbond.range_2_label_comp_id 
_pdbx_struct_sheet_hbond.range_2_label_asym_id 
_pdbx_struct_sheet_hbond.range_2_label_seq_id 
_pdbx_struct_sheet_hbond.range_2_PDB_ins_code 
_pdbx_struct_sheet_hbond.range_2_auth_atom_id 
_pdbx_struct_sheet_hbond.range_2_auth_comp_id 
_pdbx_struct_sheet_hbond.range_2_auth_asym_id 
_pdbx_struct_sheet_hbond.range_2_auth_seq_id 
AA1 1 2 O TYR A 45  ? O TYR A 45  N LEU A 33  ? N LEU A 33  
AA1 2 3 N CYS A 30  ? N CYS A 30  O ILE A 82  ? O ILE A 82  
AA1 3 4 N CYS A 81  ? N CYS A 81  O ASN A 144 ? O ASN A 144 
AA1 4 5 N TYR A 145 ? N TYR A 145 O GLN A 167 ? O GLN A 167 
# 
_atom_sites.entry_id                    7WME 
_atom_sites.Cartn_transf_matrix[1][1]   ? 
_atom_sites.Cartn_transf_matrix[1][2]   ? 
_atom_sites.Cartn_transf_matrix[1][3]   ? 
_atom_sites.Cartn_transf_matrix[2][1]   ? 
_atom_sites.Cartn_transf_matrix[2][2]   ? 
_atom_sites.Cartn_transf_matrix[2][3]   ? 
_atom_sites.Cartn_transf_matrix[3][1]   ? 
_atom_sites.Cartn_transf_matrix[3][2]   ? 
_atom_sites.Cartn_transf_matrix[3][3]   ? 
_atom_sites.Cartn_transf_vector[1]      ? 
_atom_sites.Cartn_transf_vector[2]      ? 
_atom_sites.Cartn_transf_vector[3]      ? 
_atom_sites.fract_transf_matrix[1][1]   0.02007453 
_atom_sites.fract_transf_matrix[1][2]   0.01300631 
_atom_sites.fract_transf_matrix[1][3]   -0.00607879 
_atom_sites.fract_transf_matrix[2][1]   -0.01084580 
_atom_sites.fract_transf_matrix[2][2]   0.01439083 
_atom_sites.fract_transf_matrix[2][3]   -0.00502611 
_atom_sites.fract_transf_matrix[3][1]   0.00068456 
_atom_sites.fract_transf_matrix[3][2]   0.00516579 
_atom_sites.fract_transf_matrix[3][3]   0.01331354 
_atom_sites.fract_transf_vector[1]      0.289525 
_atom_sites.fract_transf_vector[2]      0.697735 
_atom_sites.fract_transf_vector[3]      0.672900 
_atom_sites.solution_primary            ? 
_atom_sites.solution_secondary          ? 
_atom_sites.solution_hydrogens          ? 
_atom_sites.special_details             ? 
# 
loop_
_atom_type.symbol 
_atom_type.scat_dispersion_real 
_atom_type.scat_dispersion_imag 
_atom_type.scat_Cromer_Mann_a1 
_atom_type.scat_Cromer_Mann_a2 
_atom_type.scat_Cromer_Mann_a3 
_atom_type.scat_Cromer_Mann_a4 
_atom_type.scat_Cromer_Mann_b1 
_atom_type.scat_Cromer_Mann_b2 
_atom_type.scat_Cromer_Mann_b3 
_atom_type.scat_Cromer_Mann_b4 
_atom_type.scat_Cromer_Mann_c 
_atom_type.scat_source 
_atom_type.scat_dispersion_source 
C  ? ? 3.54356  2.42580 ? ? 25.62398 1.50364  ? ? 0.0 
;2-Gaussian fit: Grosse-Kunstleve RW, Sauter NK, Adams PD: Newsletter of the IUCr Commission on Crystallographic Computing 2004, 3, 22-31.
;
? 
CA ? ? 16.26893 3.65395 ? ? 3.58509  77.28589 ? ? 0.0 
;2-Gaussian fit: Grosse-Kunstleve RW, Sauter NK, Adams PD: Newsletter of the IUCr Commission on Crystallographic Computing 2004, 3, 22-31.
;
? 
N  ? ? 4.01032  2.96436 ? ? 19.97189 1.75589  ? ? 0.0 
;2-Gaussian fit: Grosse-Kunstleve RW, Sauter NK, Adams PD: Newsletter of the IUCr Commission on Crystallographic Computing 2004, 3, 22-31.
;
? 
O  ? ? 4.49882  3.47563 ? ? 15.80542 1.70748  ? ? 0.0 
;2-Gaussian fit: Grosse-Kunstleve RW, Sauter NK, Adams PD: Newsletter of the IUCr Commission on Crystallographic Computing 2004, 3, 22-31.
;
? 
S  ? ? 9.55732  6.39887 ? ? 1.23737  29.19336 ? ? 0.0 
;2-Gaussian fit: Grosse-Kunstleve RW, Sauter NK, Adams PD: Newsletter of the IUCr Commission on Crystallographic Computing 2004, 3, 22-31.
;
? 
# 
loop_
_atom_site.group_PDB 
_atom_site.id 
_atom_site.type_symbol 
_atom_site.label_atom_id 
_atom_site.label_alt_id 
_atom_site.label_comp_id 
_atom_site.label_asym_id 
_atom_site.label_entity_id 
_atom_site.label_seq_id 
_atom_site.pdbx_PDB_ins_code 
_atom_site.Cartn_x 
_atom_site.Cartn_y 
_atom_site.Cartn_z 
_atom_site.occupancy 
_atom_site.B_iso_or_equiv 
_atom_site.pdbx_formal_charge 
_atom_site.auth_seq_id 
_atom_site.auth_comp_id 
_atom_site.auth_asym_id 
_atom_site.auth_atom_id 
_atom_site.pdbx_PDB_model_num 
ATOM   1    N  N   . PHE A 1 27  ? -15.41693 3.52343   -0.79375  1.000 20.55688 ? 27  PHE A N   1 
ATOM   2    C  CA  . PHE A 1 27  ? -14.09462 3.28198   -0.21141  1.000 19.58035 ? 27  PHE A CA  1 
ATOM   3    C  C   . PHE A 1 27  ? -13.21851 2.71794   -1.33065  1.000 18.89585 ? 27  PHE A C   1 
ATOM   4    O  O   . PHE A 1 27  ? -13.54546 1.66994   -1.86739  1.000 17.79153 ? 27  PHE A O   1 
ATOM   5    C  CB  . PHE A 1 27  ? -14.16842 2.27226   0.94335   1.000 22.06110 ? 27  PHE A CB  1 
ATOM   6    C  CG  . PHE A 1 27  ? -12.84721 2.03255   1.62194   1.000 19.69633 ? 27  PHE A CG  1 
ATOM   7    C  CD1 . PHE A 1 27  ? -12.41783 2.85670   2.65808   1.000 21.27739 ? 27  PHE A CD1 1 
ATOM   8    C  CD2 . PHE A 1 27  ? -12.01928 0.98209   1.21437   1.000 17.99962 ? 27  PHE A CD2 1 
ATOM   9    C  CE1 . PHE A 1 27  ? -11.21491 2.65746   3.30593   1.000 19.95187 ? 27  PHE A CE1 1 
ATOM   10   C  CE2 . PHE A 1 27  ? -10.79666 0.74480   1.88035   1.000 18.22870 ? 27  PHE A CE2 1 
ATOM   11   C  CZ  . PHE A 1 27  ? -10.38879 1.60552   2.92766   1.000 19.07092 ? 27  PHE A CZ  1 
ATOM   12   N  N   . PHE A 1 28  ? -12.13152 3.40841   -1.68460  1.000 19.59964 ? 28  PHE A N   1 
ATOM   13   C  CA  . PHE A 1 28  ? -11.22956 2.95524   -2.74535  1.000 15.06396 ? 28  PHE A CA  1 
ATOM   14   C  C   . PHE A 1 28  ? -9.81704  3.02783   -2.18326  1.000 13.97564 ? 28  PHE A C   1 
ATOM   15   O  O   . PHE A 1 28  ? -9.41444  4.09213   -1.68815  1.000 14.84398 ? 28  PHE A O   1 
ATOM   16   C  CB  . PHE A 1 28  ? -11.34664 3.81680   -3.99692  1.000 14.75382 ? 28  PHE A CB  1 
ATOM   17   C  CG  . PHE A 1 28  ? -12.74344 3.87317   -4.55015  1.000 16.19899 ? 28  PHE A CG  1 
ATOM   18   C  CD1 . PHE A 1 28  ? -13.31739 2.73869   -5.09096  1.000 18.24421 ? 28  PHE A CD1 1 
ATOM   19   C  CD2 . PHE A 1 28  ? -13.45974 5.04244   -4.48865  1.000 17.65012 ? 28  PHE A CD2 1 
ATOM   20   C  CE1 . PHE A 1 28  ? -14.61663 2.77448   -5.59247  1.000 19.11976 ? 28  PHE A CE1 1 
ATOM   21   C  CE2 . PHE A 1 28  ? -14.77581 5.08697   -5.02416  1.000 22.96255 ? 28  PHE A CE2 1 
ATOM   22   C  CZ  . PHE A 1 28  ? -15.33181 3.95239   -5.54467  1.000 19.90776 ? 28  PHE A CZ  1 
ATOM   23   N  N   . ALA A 1 29  ? -9.09855  1.89525   -2.19520  1.000 13.39345 ? 29  ALA A N   1 
ATOM   24   C  CA  . ALA A 1 29  ? -7.81798  1.84539   -1.52059  1.000 11.13307 ? 29  ALA A CA  1 
ATOM   25   C  C   . ALA A 1 29  ? -6.77649  1.21102   -2.41941  1.000 13.54040 ? 29  ALA A C   1 
ATOM   26   O  O   . ALA A 1 29  ? -7.09722  0.35108   -3.24613  1.000 13.76608 ? 29  ALA A O   1 
ATOM   27   C  CB  . ALA A 1 29  ? -7.92300  1.04095   -0.23311  1.000 13.68966 ? 29  ALA A CB  1 
ATOM   28   N  N   . CYS A 1 30  ? -5.50984  1.60495   -2.20842  1.000 9.58628  ? 30  CYS A N   1 
ATOM   29   C  CA  . CYS A 1 30  ? -4.40490  0.81990   -2.71683  1.000 9.15154  ? 30  CYS A CA  1 
ATOM   30   C  C   . CYS A 1 30  ? -3.71116  0.21894   -1.50829  1.000 12.74256 ? 30  CYS A C   1 
ATOM   31   O  O   . CYS A 1 30  ? -3.67846  0.84412   -0.44941  1.000 14.66337 ? 30  CYS A O   1 
ATOM   32   C  CB  . CYS A 1 30  ? -3.41112  1.69049   -3.47498  1.000 9.78373  ? 30  CYS A CB  1 
ATOM   33   S  SG  . CYS A 1 30  ? -4.10145  2.29831   -4.98539  1.000 12.53857 ? 30  CYS A SG  1 
ATOM   34   N  N   . TYR A 1 31  ? -3.12388  -0.96070  -1.64080  1.000 10.91454 ? 31  TYR A N   1 
ATOM   35   C  CA  . TYR A 1 31  ? -2.54560  -1.55651  -0.43957  1.000 9.26906  ? 31  TYR A CA  1 
ATOM   36   C  C   . TYR A 1 31  ? -1.19519  -2.18312  -0.76994  1.000 10.09563 ? 31  TYR A C   1 
ATOM   37   O  O   . TYR A 1 31  ? -0.87862  -2.46765  -1.93595  1.000 10.66896 ? 31  TYR A O   1 
ATOM   38   C  CB  . TYR A 1 31  ? -3.47263  -2.64606  0.16028   1.000 11.39230 ? 31  TYR A CB  1 
ATOM   39   C  CG  . TYR A 1 31  ? -3.72033  -3.77421  -0.81114  1.000 9.54457  ? 31  TYR A CG  1 
ATOM   40   C  CD1 . TYR A 1 31  ? -4.79036  -3.73916  -1.71576  1.000 10.83476 ? 31  TYR A CD1 1 
ATOM   41   C  CD2 . TYR A 1 31  ? -2.87242  -4.87039  -0.85967  1.000 10.81833 ? 31  TYR A CD2 1 
ATOM   42   C  CE1 . TYR A 1 31  ? -5.00795  -4.77266  -2.61357  1.000 10.47960 ? 31  TYR A CE1 1 
ATOM   43   C  CE2 . TYR A 1 31  ? -3.08741  -5.91495  -1.78940  1.000 12.73655 ? 31  TYR A CE2 1 
ATOM   44   C  CZ  . TYR A 1 31  ? -4.16243  -5.84715  -2.64731  1.000 10.42619 ? 31  TYR A CZ  1 
ATOM   45   O  OH  . TYR A 1 31  ? -4.38516  -6.84717  -3.55951  1.000 13.45411 ? 31  TYR A OH  1 
ATOM   46   N  N   . LEU A 1 32  ? -0.44214  -2.45345  0.30272   1.000 10.46401 ? 32  LEU A N   1 
ATOM   47   C  CA  . LEU A 1 32  ? 0.87068   -3.09000  0.22464   1.000 10.80297 ? 32  LEU A CA  1 
ATOM   48   C  C   . LEU A 1 32  ? 0.88569   -4.30971  1.13184   1.000 8.47863  ? 32  LEU A C   1 
ATOM   49   O  O   . LEU A 1 32  ? 0.54763   -4.18664  2.31053   1.000 10.86049 ? 32  LEU A O   1 
ATOM   50   C  CB  . LEU A 1 32  ? 1.93305   -2.10092  0.70357   1.000 10.89496 ? 32  LEU A CB  1 
ATOM   51   C  CG  . LEU A 1 32  ? 3.37251   -2.61108  0.84815   1.000 8.34021  ? 32  LEU A CG  1 
ATOM   52   C  CD1 . LEU A 1 32  ? 3.95730   -3.00384  -0.50806  1.000 11.21071 ? 32  LEU A CD1 1 
ATOM   53   C  CD2 . LEU A 1 32  ? 4.24392   -1.55059  1.52076   1.000 11.16047 ? 32  LEU A CD2 1 
ATOM   54   N  N   . LEU A 1 33  ? 1.25177   -5.46467  0.57762   1.000 9.64396  ? 33  LEU A N   1 
ATOM   55   C  CA  . LEU A 1 33  ? 1.51040   -6.66930  1.36043   1.000 10.55092 ? 33  LEU A CA  1 
ATOM   56   C  C   . LEU A 1 33  ? 3.00692   -6.93902  1.43495   1.000 11.04409 ? 33  LEU A C   1 
ATOM   57   O  O   . LEU A 1 33  ? 3.77675   -6.55655  0.54125   1.000 10.97752 ? 33  LEU A O   1 
ATOM   58   C  CB  . LEU A 1 33  ? 0.91424   -7.90346  0.67774   1.000 9.90630  ? 33  LEU A CB  1 
ATOM   59   C  CG  . LEU A 1 33  ? -0.51748  -7.74807  0.15863   1.000 10.34690 ? 33  LEU A CG  1 
ATOM   60   C  CD1 . LEU A 1 33  ? -0.93901  -9.08310  -0.46480  1.000 12.39753 ? 33  LEU A CD1 1 
ATOM   61   C  CD2 . LEU A 1 33  ? -1.40943  -7.37250  1.32291   1.000 10.68013 ? 33  LEU A CD2 1 
ATOM   62   N  N   . THR A 1 34  ? 3.37781   -7.75306  2.42789   1.000 9.57766  ? 34  THR A N   1 
ATOM   63   C  CA  . THR A 1 34  ? 4.73328   -8.31451  2.44456   1.000 8.62261  ? 34  THR A CA  1 
ATOM   64   C  C   . THR A 1 34  ? 4.59227   -9.77948  2.80905   1.000 11.65642 ? 34  THR A C   1 
ATOM   65   O  O   . THR A 1 34  ? 3.73558   -10.13194 3.61012   1.000 12.19999 ? 34  THR A O   1 
ATOM   66   C  CB  . THR A 1 34  ? 5.66312   -7.58202  3.41830   1.000 12.49923 ? 34  THR A CB  1 
ATOM   67   O  OG1 . THR A 1 34  ? 7.00513   -8.08666  3.23297   1.000 14.98218 ? 34  THR A OG1 1 
ATOM   68   C  CG2 . THR A 1 34  ? 5.22809   -7.72355  4.92638   1.000 13.37853 ? 34  THR A CG2 1 
ATOM   69   N  N   . SER A 1 35  ? 5.40926   -10.63429 2.20349   1.000 10.66613 ? 35  SER A N   1 
ATOM   70   C  CA  . SER A 1 35  ? 5.30631   -12.06642 2.46692   1.000 13.12448 ? 35  SER A CA  1 
ATOM   71   C  C   . SER A 1 35  ? 6.15197   -12.47619 3.66819   1.000 15.14070 ? 35  SER A C   1 
ATOM   72   O  O   . SER A 1 35  ? 7.33431   -12.10671 3.76669   1.000 13.96359 ? 35  SER A O   1 
ATOM   73   C  CB  . SER A 1 35  ? 5.76683   -12.86248 1.24711   1.000 11.31634 ? 35  SER A CB  1 
ATOM   74   O  OG  . SER A 1 35  ? 5.78804   -14.27841 1.50471   1.000 15.84579 ? 35  SER A OG  1 
ATOM   75   N  N   . LEU A 1 36  ? 5.56857   -13.31064 4.52233   1.000 14.23775 ? 36  LEU A N   1 
ATOM   76   C  CA  A LEU A 1 36  ? 6.30101   -13.92537 5.62013   0.304 16.83354 ? 36  LEU A CA  1 
ATOM   77   C  CA  B LEU A 1 36  ? 6.30461   -13.92802 5.61945   0.696 16.70698 ? 36  LEU A CA  1 
ATOM   78   C  C   . LEU A 1 36  ? 6.69327   -15.36591 5.31644   1.000 22.49361 ? 36  LEU A C   1 
ATOM   79   O  O   . LEU A 1 36  ? 7.23891   -16.05149 6.19962   1.000 22.46765 ? 36  LEU A O   1 
ATOM   80   C  CB  A LEU A 1 36  ? 5.48702   -13.85124 6.91139   0.304 19.92429 ? 36  LEU A CB  1 
ATOM   81   C  CB  B LEU A 1 36  ? 5.49596   -13.86011 6.90516   0.696 19.88717 ? 36  LEU A CB  1 
ATOM   82   C  CG  A LEU A 1 36  ? 5.49360   -12.49022 7.62649   0.304 22.69469 ? 36  LEU A CG  1 
ATOM   83   C  CG  B LEU A 1 36  ? 4.93966   -12.46355 7.22480   0.696 23.80812 ? 36  LEU A CG  1 
ATOM   84   C  CD1 A LEU A 1 36  ? 4.67278   -11.44489 6.88362   0.304 18.90507 ? 36  LEU A CD1 1 
ATOM   85   C  CD1 B LEU A 1 36  ? 4.22958   -12.45282 8.55935   0.696 24.05196 ? 36  LEU A CD1 1 
ATOM   86   C  CD2 A LEU A 1 36  ? 4.98649   -12.61756 9.04587   0.304 24.70067 ? 36  LEU A CD2 1 
ATOM   87   C  CD2 B LEU A 1 36  ? 6.06362   -11.44898 7.20809   0.696 22.52387 ? 36  LEU A CD2 1 
ATOM   88   N  N   . SER A 1 37  ? 6.45397   -15.82906 4.09648   1.000 15.78422 ? 37  SER A N   1 
ATOM   89   C  CA  . SER A 1 37  ? 6.93111   -17.14726 3.66075   1.000 19.30805 ? 37  SER A CA  1 
ATOM   90   C  C   . SER A 1 37  ? 8.46220   -17.18644 3.66164   1.000 21.70038 ? 37  SER A C   1 
ATOM   91   O  O   . SER A 1 37  ? 9.09782   -16.26091 3.15528   1.000 19.40071 ? 37  SER A O   1 
ATOM   92   C  CB  . SER A 1 37  ? 6.41242   -17.42994 2.25118   1.000 24.85532 ? 37  SER A CB  1 
ATOM   93   O  OG  . SER A 1 37  ? 7.09921   -18.51984 1.65045   1.000 25.87734 ? 37  SER A OG  1 
ATOM   94   N  N   . PRO A 1 38  ? 9.09879   -18.23219 4.19873   1.000 22.71041 ? 38  PRO A N   1 
ATOM   95   C  CA  . PRO A 1 38  ? 10.56581  -18.21757 4.16036   1.000 20.41791 ? 38  PRO A CA  1 
ATOM   96   C  C   . PRO A 1 38  ? 11.13652  -18.23500 2.75464   1.000 22.25961 ? 38  PRO A C   1 
ATOM   97   O  O   . PRO A 1 38  ? 12.17251  -17.60630 2.51500   1.000 29.45003 ? 38  PRO A O   1 
ATOM   98   N  N   . ARG A 1 39  ? 10.48004  -18.88368 1.79363   1.000 24.90679 ? 39  ARG A N   1 
ATOM   99   C  CA  . ARG A 1 39  ? 10.99982  -18.87689 0.43055   1.000 25.34992 ? 39  ARG A CA  1 
ATOM   100  C  C   . ARG A 1 39  ? 10.82702  -17.53448 -0.26372  1.000 25.30150 ? 39  ARG A C   1 
ATOM   101  O  O   . ARG A 1 39  ? 11.52104  -17.26398 -1.25107  1.000 28.41353 ? 39  ARG A O   1 
ATOM   102  C  CB  . ARG A 1 39  ? 10.30860  -19.96212 -0.41190  1.000 27.72509 ? 39  ARG A CB  1 
ATOM   103  N  N   . HIS A 1 40  ? 9.89691   -16.69887 0.20570   1.000 19.92759 ? 40  HIS A N   1 
ATOM   104  C  CA  . HIS A 1 40  ? 9.65778   -15.40328 -0.43018  1.000 19.94689 ? 40  HIS A CA  1 
ATOM   105  C  C   . HIS A 1 40  ? 9.76904   -14.23406 0.54091   1.000 21.05481 ? 40  HIS A C   1 
ATOM   106  O  O   . HIS A 1 40  ? 9.18296   -13.16988 0.29349   1.000 15.80748 ? 40  HIS A O   1 
ATOM   107  C  CB  . HIS A 1 40  ? 8.27402   -15.39350 -1.05149  1.000 18.80510 ? 40  HIS A CB  1 
ATOM   108  C  CG  . HIS A 1 40  ? 7.95679   -16.64022 -1.80592  1.000 22.85151 ? 40  HIS A CG  1 
ATOM   109  N  ND1 . HIS A 1 40  ? 7.30841   -17.71442 -1.23018  1.000 26.54651 ? 40  HIS A ND1 1 
ATOM   110  C  CD2 . HIS A 1 40  ? 8.21378   -16.98690 -3.08444  1.000 28.15658 ? 40  HIS A CD2 1 
ATOM   111  C  CE1 . HIS A 1 40  ? 7.15976   -18.66481 -2.13491  1.000 29.22554 ? 40  HIS A CE1 1 
ATOM   112  N  NE2 . HIS A 1 40  ? 7.69122   -18.24569 -3.26966  1.000 29.20324 ? 40  HIS A NE2 1 
ATOM   113  N  N   . LYS A 1 41  ? 10.51368  -14.38778 1.62234   1.000 17.80914 ? 41  LYS A N   1 
ATOM   114  C  CA  . LYS A 1 41  ? 10.44440  -13.45774 2.73063   1.000 16.73846 ? 41  LYS A CA  1 
ATOM   115  C  C   . LYS A 1 41  ? 10.77053  -12.04220 2.30360   1.000 15.53182 ? 41  LYS A C   1 
ATOM   116  O  O   . LYS A 1 41  ? 11.82387  -11.78372 1.72615   1.000 16.40620 ? 41  LYS A O   1 
ATOM   117  C  CB  . LYS A 1 41  ? 11.41200  -13.90939 3.82897   1.000 19.95251 ? 41  LYS A CB  1 
ATOM   118  C  CG  . LYS A 1 41  ? 11.30899  -13.04963 5.06138   1.000 22.74771 ? 41  LYS A CG  1 
ATOM   119  C  CD  . LYS A 1 41  ? 10.04031  -13.38746 5.83907   1.000 30.78739 ? 41  LYS A CD  1 
ATOM   120  C  CE  . LYS A 1 41  ? 10.29114  -13.63683 7.32607   1.000 43.17075 ? 41  LYS A CE  1 
ATOM   121  N  NZ  . LYS A 1 41  ? 9.22408   -14.53026 7.92654   1.000 40.48036 ? 41  LYS A NZ  1 
ATOM   122  N  N   . GLY A 1 42  ? 9.83688   -11.12416 2.57734   1.000 14.89647 ? 42  GLY A N   1 
ATOM   123  C  CA  . GLY A 1 42  ? 10.05642  -9.73325  2.26840   1.000 14.59866 ? 42  GLY A CA  1 
ATOM   124  C  C   . GLY A 1 42  ? 9.56812   -9.30816  0.90528   1.000 16.57126 ? 42  GLY A C   1 
ATOM   125  O  O   . GLY A 1 42  ? 9.54941   -8.10232  0.62746   1.000 15.56813 ? 42  GLY A O   1 
ATOM   126  N  N   . GLN A 1 43  ? 9.23742   -10.24910 0.02693   1.000 13.34473 ? 43  GLN A N   1 
ATOM   127  C  CA  . GLN A 1 43  ? 8.65546   -9.85909  -1.25472  1.000 12.93722 ? 43  GLN A CA  1 
ATOM   128  C  C   . GLN A 1 43  ? 7.34966   -9.13976  -1.01057  1.000 12.07982 ? 43  GLN A C   1 
ATOM   129  O  O   . GLN A 1 43  ? 6.64070   -9.40824  -0.03048  1.000 13.86994 ? 43  GLN A O   1 
ATOM   130  C  CB  . GLN A 1 43  ? 8.43722   -11.07282 -2.12844  1.000 15.33628 ? 43  GLN A CB  1 
ATOM   131  C  CG  . GLN A 1 43  ? 9.77723   -11.70159 -2.51881  1.000 17.15153 ? 43  GLN A CG  1 
ATOM   132  C  CD  . GLN A 1 43  ? 9.56933   -12.90789 -3.38236  1.000 24.54079 ? 43  GLN A CD  1 
ATOM   133  O  OE1 . GLN A 1 43  ? 8.51470   -13.05913 -4.00490  1.000 30.13083 ? 43  GLN A OE1 1 
ATOM   134  N  NE2 . GLN A 1 43  ? 10.56434  -13.78989 -3.42183  1.000 31.65012 ? 43  GLN A NE2 1 
ATOM   135  N  N   . THR A 1 44  ? 7.05686   -8.19015  -1.89795  1.000 10.99814 ? 44  THR A N   1 
ATOM   136  C  CA  . THR A 1 44  ? 5.88120   -7.33619  -1.67924  1.000 9.94735  ? 44  THR A CA  1 
ATOM   137  C  C   . THR A 1 44  ? 4.85601   -7.55848  -2.77051  1.000 11.73844 ? 44  THR A C   1 
ATOM   138  O  O   . THR A 1 44  ? 5.13995   -8.10106  -3.84129  1.000 13.00818 ? 44  THR A O   1 
ATOM   139  C  CB  . THR A 1 44  ? 6.27625   -5.86215  -1.67197  1.000 12.43114 ? 44  THR A CB  1 
ATOM   140  O  OG1 . THR A 1 44  ? 7.00515   -5.54650  -2.88054  1.000 11.76410 ? 44  THR A OG1 1 
ATOM   141  C  CG2 . THR A 1 44  ? 7.17474   -5.57182  -0.41121  1.000 13.97354 ? 44  THR A CG2 1 
ATOM   142  N  N   . TYR A 1 45  ? 3.65941   -7.05211  -2.50253  1.000 10.94558 ? 45  TYR A N   1 
ATOM   143  C  CA  . TYR A 1 45  ? 2.59466   -7.06493  -3.50554  1.000 10.81167 ? 45  TYR A CA  1 
ATOM   144  C  C   . TYR A 1 45  ? 1.83063   -5.76827  -3.34295  1.000 10.57374 ? 45  TYR A C   1 
ATOM   145  O  O   . TYR A 1 45  ? 1.53014   -5.37245  -2.21727  1.000 11.01076 ? 45  TYR A O   1 
ATOM   146  C  CB  . TYR A 1 45  ? 1.65278   -8.26441  -3.26970  1.000 10.78341 ? 45  TYR A CB  1 
ATOM   147  C  CG  . TYR A 1 45  ? 0.64497   -8.37337  -4.38046  1.000 12.11804 ? 45  TYR A CG  1 
ATOM   148  C  CD1 . TYR A 1 45  ? 0.95313   -9.05960  -5.55400  1.000 14.59010 ? 45  TYR A CD1 1 
ATOM   149  C  CD2 . TYR A 1 45  ? -0.58908  -7.75125  -4.26565  1.000 13.78728 ? 45  TYR A CD2 1 
ATOM   150  C  CE1 . TYR A 1 45  ? 0.01053   -9.13974  -6.61373  1.000 19.27635 ? 45  TYR A CE1 1 
ATOM   151  C  CE2 . TYR A 1 45  ? -1.54008  -7.83205  -5.31618  1.000 14.35643 ? 45  TYR A CE2 1 
ATOM   152  C  CZ  . TYR A 1 45  ? -1.23287  -8.52116  -6.46546  1.000 18.32772 ? 45  TYR A CZ  1 
ATOM   153  O  OH  . TYR A 1 45  ? -2.15169  -8.59767  -7.51617  1.000 21.20484 ? 45  TYR A OH  1 
ATOM   154  N  N   . ILE A 1 46  ? 1.54386   -5.09628  -4.44493  1.000 10.17480 ? 46  ILE A N   1 
ATOM   155  C  CA  . ILE A 1 46  ? 0.77214   -3.84809  -4.41743  1.000 8.73692  ? 46  ILE A CA  1 
ATOM   156  C  C   . ILE A 1 46  ? -0.51726  -4.06764  -5.19254  1.000 9.05921  ? 46  ILE A C   1 
ATOM   157  O  O   . ILE A 1 46  ? -0.48252  -4.64207  -6.27993  1.000 11.49464 ? 46  ILE A O   1 
ATOM   158  C  CB  . ILE A 1 46  ? 1.58389   -2.72238  -5.06622  1.000 11.46162 ? 46  ILE A CB  1 
ATOM   159  C  CG1 . ILE A 1 46  ? 2.74796   -2.36061  -4.14000  1.000 10.70751 ? 46  ILE A CG1 1 
ATOM   160  C  CG2 . ILE A 1 46  ? 0.65755   -1.49032  -5.38797  1.000 10.78238 ? 46  ILE A CG2 1 
ATOM   161  C  CD1 . ILE A 1 46  ? 3.91561   -1.59707  -4.89652  1.000 14.17802 ? 46  ILE A CD1 1 
ATOM   162  N  N   . GLY A 1 47  ? -1.62784  -3.56975  -4.66283  1.000 10.80289 ? 47  GLY A N   1 
ATOM   163  C  CA  . GLY A 1 47  ? -2.85880  -3.80943  -5.40055  1.000 10.05616 ? 47  GLY A CA  1 
ATOM   164  C  C   . GLY A 1 47  ? -3.90363  -2.77673  -5.05794  1.000 9.64164  ? 47  GLY A C   1 
ATOM   165  O  O   . GLY A 1 47  ? -3.68972  -1.89960  -4.22247  1.000 10.18815 ? 47  GLY A O   1 
ATOM   166  N  N   . PHE A 1 48  ? -5.07187  -2.93626  -5.69978  1.000 11.02174 ? 48  PHE A N   1 
ATOM   167  C  CA  . PHE A 1 48  ? -6.24394  -2.06977  -5.51464  1.000 11.38154 ? 48  PHE A CA  1 
ATOM   168  C  C   . PHE A 1 48  ? -7.36520  -2.88879  -4.86803  1.000 10.32590 ? 48  PHE A C   1 
ATOM   169  O  O   . PHE A 1 48  ? -7.50362  -4.06066  -5.17073  1.000 12.26964 ? 48  PHE A O   1 
ATOM   170  C  CB  . PHE A 1 48  ? -6.72955  -1.52125  -6.86921  1.000 10.90614 ? 48  PHE A CB  1 
ATOM   171  C  CG  . PHE A 1 48  ? -8.15572  -1.07006  -6.86355  1.000 12.90703 ? 48  PHE A CG  1 
ATOM   172  C  CD1 . PHE A 1 48  ? -8.49824  0.20222   -6.39407  1.000 12.14321 ? 48  PHE A CD1 1 
ATOM   173  C  CD2 . PHE A 1 48  ? -9.14736  -1.89492  -7.32958  1.000 15.94285 ? 48  PHE A CD2 1 
ATOM   174  C  CE1 . PHE A 1 48  ? -9.82670  0.63130   -6.37061  1.000 13.75398 ? 48  PHE A CE1 1 
ATOM   175  C  CE2 . PHE A 1 48  ? -10.48849 -1.48954  -7.30977  1.000 13.42438 ? 48  PHE A CE2 1 
ATOM   176  C  CZ  . PHE A 1 48  ? -10.82631 -0.21077  -6.82406  1.000 15.75420 ? 48  PHE A CZ  1 
ATOM   177  N  N   . THR A 1 49  ? -8.11185  -2.29294  -3.92995  1.000 9.75493  ? 49  THR A N   1 
ATOM   178  C  CA  . THR A 1 49  ? -9.25225  -3.02338  -3.39177  1.000 12.76110 ? 49  THR A CA  1 
ATOM   179  C  C   . THR A 1 49  ? -10.28379 -2.06296  -2.83636  1.000 14.12150 ? 49  THR A C   1 
ATOM   180  O  O   . THR A 1 49  ? -9.94786  -0.95528  -2.41529  1.000 12.87682 ? 49  THR A O   1 
ATOM   181  C  CB  . THR A 1 49  ? -8.86250  -4.01718  -2.29321  1.000 13.09198 ? 49  THR A CB  1 
ATOM   182  O  OG1 . THR A 1 49  ? -10.01313 -4.85286  -1.99716  1.000 13.90173 ? 49  THR A OG1 1 
ATOM   183  C  CG2 . THR A 1 49  ? -8.45955  -3.32244  -1.00628  1.000 14.64701 ? 49  THR A CG2 1 
ATOM   184  N  N   . VAL A 1 50  ? -11.55577 -2.51614  -2.83407  1.000 12.56936 ? 50  VAL A N   1 
ATOM   185  C  CA  . VAL A 1 50  ? -12.60553 -1.82321  -2.06791  1.000 15.63144 ? 50  VAL A CA  1 
ATOM   186  C  C   . VAL A 1 50  ? -12.89405 -2.50150  -0.73134  1.000 15.38373 ? 50  VAL A C   1 
ATOM   187  O  O   . VAL A 1 50  ? -13.76316 -2.03995  0.02315   1.000 15.01950 ? 50  VAL A O   1 
ATOM   188  C  CB  . VAL A 1 50  ? -13.89856 -1.70163  -2.90436  1.000 15.87566 ? 50  VAL A CB  1 
ATOM   189  C  CG1 . VAL A 1 50  ? -13.57915 -1.01590  -4.22193  1.000 16.01286 ? 50  VAL A CG1 1 
ATOM   190  C  CG2 . VAL A 1 50  ? -14.45710 -3.07917  -3.16671  1.000 16.01700 ? 50  VAL A CG2 1 
ATOM   191  N  N   . ASN A 1 51  ? -12.17654 -3.56242  -0.38215  1.000 13.24011 ? 51  ASN A N   1 
ATOM   192  C  CA  . ASN A 1 51  ? -12.43362 -4.28563  0.86051   1.000 13.21295 ? 51  ASN A CA  1 
ATOM   193  C  C   . ASN A 1 51  ? -11.17040 -4.96302  1.36274   1.000 15.06233 ? 51  ASN A C   1 
ATOM   194  O  O   . ASN A 1 51  ? -10.93142 -6.14399  1.09084   1.000 14.33587 ? 51  ASN A O   1 
ATOM   195  C  CB  . ASN A 1 51  ? -13.53252 -5.33234  0.65175   1.000 15.34024 ? 51  ASN A CB  1 
ATOM   196  C  CG  . ASN A 1 51  ? -13.99095 -5.99681  1.95621   1.000 22.33439 ? 51  ASN A CG  1 
ATOM   197  O  OD1 . ASN A 1 51  ? -13.28004 -6.06549  2.95065   1.000 19.35318 ? 51  ASN A OD1 1 
ATOM   198  N  ND2 . ASN A 1 51  ? -15.19531 -6.54377  1.91369   1.000 21.89561 ? 51  ASN A ND2 1 
ATOM   199  N  N   . PRO A 1 52  ? -10.36960 -4.26230  2.16432   1.000 15.27549 ? 52  PRO A N   1 
ATOM   200  C  CA  . PRO A 1 52  ? -9.05957  -4.81462  2.57435   1.000 13.67125 ? 52  PRO A CA  1 
ATOM   201  C  C   . PRO A 1 52  ? -9.15094  -6.11361  3.33913   1.000 16.59128 ? 52  PRO A C   1 
ATOM   202  O  O   . PRO A 1 52  ? -8.28904  -6.97471  3.17712   1.000 14.26343 ? 52  PRO A O   1 
ATOM   203  C  CB  . PRO A 1 52  ? -8.47440  -3.68924  3.44715   1.000 16.15307 ? 52  PRO A CB  1 
ATOM   204  C  CG  . PRO A 1 52  ? -9.11207  -2.40330  2.86184   1.000 18.90030 ? 52  PRO A CG  1 
ATOM   205  C  CD  . PRO A 1 52  ? -10.54827 -2.83711  2.53501   1.000 17.20323 ? 52  PRO A CD  1 
ATOM   206  N  N   . ARG A 1 53  ? -10.17875 -6.27780  4.19553   1.000 15.97726 ? 53  ARG A N   1 
ATOM   207  C  CA  . ARG A 1 53  ? -10.29678 -7.50050  4.97954   1.000 16.29270 ? 53  ARG A CA  1 
ATOM   208  C  C   . ARG A 1 53  ? -10.58810 -8.69351  4.08692   1.000 14.63294 ? 53  ARG A C   1 
ATOM   209  O  O   . ARG A 1 53  ? -9.96256  -9.75905  4.20767   1.000 14.98924 ? 53  ARG A O   1 
ATOM   210  C  CB  . ARG A 1 53  ? -11.40981 -7.34180  6.02767   1.000 19.64695 ? 53  ARG A CB  1 
ATOM   211  C  CG  . ARG A 1 53  ? -11.48361 -8.57570  6.91992   1.000 23.03402 ? 53  ARG A CG  1 
ATOM   212  C  CD  . ARG A 1 53  ? -12.28557 -8.29063  8.21748   1.000 35.88656 ? 53  ARG A CD  1 
ATOM   213  N  N   . ARG A 1 54  ? -11.53494 -8.52329  3.15449   1.000 13.74861 ? 54  ARG A N   1 
ATOM   214  C  CA  . ARG A 1 54  ? -11.75785 -9.58090  2.18069   1.000 13.23909 ? 54  ARG A CA  1 
ATOM   215  C  C   . ARG A 1 54  ? -10.47092 -9.88379  1.41553   1.000 14.47206 ? 54  ARG A C   1 
ATOM   216  O  O   . ARG A 1 54  ? -10.11863 -11.03989 1.18655   1.000 12.10316 ? 54  ARG A O   1 
ATOM   217  C  CB  . ARG A 1 54  ? -12.89934 -9.20318  1.21893   1.000 15.14387 ? 54  ARG A CB  1 
ATOM   218  C  CG  . ARG A 1 54  ? -12.83148 -10.13249 -0.00033  1.000 18.87319 ? 54  ARG A CG  1 
ATOM   219  C  CD  . ARG A 1 54  ? -13.80294 -9.84098  -1.11339  1.000 20.74143 ? 54  ARG A CD  1 
ATOM   220  N  NE  . ARG A 1 54  ? -13.88757 -8.46284  -1.61355  1.000 18.55112 ? 54  ARG A NE  1 
ATOM   221  C  CZ  . ARG A 1 54  ? -12.94666 -7.81127  -2.31988  1.000 15.98004 ? 54  ARG A CZ  1 
ATOM   222  N  NH1 . ARG A 1 54  ? -11.74343 -8.33805  -2.60403  1.000 15.12477 ? 54  ARG A NH1 1 
ATOM   223  N  NH2 . ARG A 1 54  ? -13.28679 -6.61355  -2.75599  1.000 13.63552 ? 54  ARG A NH2 1 
ATOM   224  N  N   . ARG A 1 55  ? -9.78306  -8.83890  0.96628   1.000 13.60711 ? 55  ARG A N   1 
ATOM   225  C  CA  . ARG A 1 55  ? -8.62665  -9.02500  0.08753   1.000 11.66193 ? 55  ARG A CA  1 
ATOM   226  C  C   . ARG A 1 55  ? -7.49399  -9.77961  0.78234   1.000 11.02503 ? 55  ARG A C   1 
ATOM   227  O  O   . ARG A 1 55  ? -6.88569  -10.65615 0.16835   1.000 12.85419 ? 55  ARG A O   1 
ATOM   228  C  CB  . ARG A 1 55  ? -8.13726  -7.65830  -0.43234  1.000 12.59898 ? 55  ARG A CB  1 
ATOM   229  C  CG  . ARG A 1 55  ? -7.24196  -7.79476  -1.71200  1.000 12.59664 ? 55  ARG A CG  1 
ATOM   230  C  CD  . ARG A 1 55  ? -8.11130  -8.18042  -2.91211  1.000 14.44648 ? 55  ARG A CD  1 
ATOM   231  N  NE  . ARG A 1 55  ? -7.29536  -8.51063  -4.07972  1.000 15.77651 ? 55  ARG A NE  1 
ATOM   232  C  CZ  . ARG A 1 55  ? -7.00773  -9.74621  -4.44307  1.000 17.72096 ? 55  ARG A CZ  1 
ATOM   233  N  NH1 . ARG A 1 55  ? -7.42320  -10.75127 -3.69126  1.000 19.38742 ? 55  ARG A NH1 1 
ATOM   234  N  NH2 . ARG A 1 55  ? -6.22979  -9.97679  -5.52232  1.000 19.16707 ? 55  ARG A NH2 1 
ATOM   235  N  N   . ILE A 1 56  ? -7.17190  -9.43666  2.05843   1.000 13.05431 ? 56  ILE A N   1 
ATOM   236  C  CA  . ILE A 1 56  ? -6.08954  -10.16144 2.72721   1.000 12.52281 ? 56  ILE A CA  1 
ATOM   237  C  C   . ILE A 1 56  ? -6.50815  -11.60521 2.97244   1.000 13.52116 ? 56  ILE A C   1 
ATOM   238  O  O   . ILE A 1 56  ? -5.68132  -12.52342 2.85362   1.000 14.16751 ? 56  ILE A O   1 
ATOM   239  C  CB  . ILE A 1 56  ? -5.63939  -9.46570  4.03249   1.000 11.54944 ? 56  ILE A CB  1 
ATOM   240  C  CG1 . ILE A 1 56  ? -4.37130  -10.10941 4.60157   1.000 12.88941 ? 56  ILE A CG1 1 
ATOM   241  C  CG2 . ILE A 1 56  ? -6.72774  -9.55511  5.10134   1.000 16.52771 ? 56  ILE A CG2 1 
ATOM   242  C  CD1 . ILE A 1 56  ? -3.15849  -10.05316 3.62797   1.000 13.40806 ? 56  ILE A CD1 1 
ATOM   243  N  N   . ARG A 1 57  ? -7.79222  -11.83150 3.27480   1.000 14.10516 ? 57  ARG A N   1 
ATOM   244  C  CA  . ARG A 1 57  ? -8.23956  -13.21485 3.43361   1.000 14.51401 ? 57  ARG A CA  1 
ATOM   245  C  C   . ARG A 1 57  ? -8.09454  -13.98525 2.13221   1.000 14.36010 ? 57  ARG A C   1 
ATOM   246  O  O   . ARG A 1 57  ? -7.75989  -15.16685 2.14616   1.000 14.92145 ? 57  ARG A O   1 
ATOM   247  C  CB  . ARG A 1 57  ? -9.68919  -13.22006 3.92725   1.000 14.57693 ? 57  ARG A CB  1 
ATOM   248  C  CG  . ARG A 1 57  ? -9.77256  -12.73482 5.37218   1.000 18.94969 ? 57  ARG A CG  1 
ATOM   249  C  CD  . ARG A 1 57  ? -11.24337 -12.82465 5.80417   1.000 25.43260 ? 57  ARG A CD  1 
ATOM   250  N  NE  . ARG A 1 57  ? -11.37490 -12.64649 7.23118   1.000 32.15109 ? 57  ARG A NE  1 
ATOM   251  C  CZ  . ARG A 1 57  ? -12.54092 -12.44810 7.83347   1.000 33.13406 ? 57  ARG A CZ  1 
ATOM   252  N  NH1 . ARG A 1 57  ? -13.64803 -12.41958 7.11051   1.000 39.65114 ? 57  ARG A NH1 1 
ATOM   253  N  NH2 . ARG A 1 57  ? -12.59151 -12.28245 9.14427   1.000 37.50034 ? 57  ARG A NH2 1 
ATOM   254  N  N   . GLN A 1 58  ? -8.36979  -13.33983 0.98047   1.000 12.24629 ? 58  GLN A N   1 
ATOM   255  C  CA  . GLN A 1 58  ? -8.13259  -14.00731 -0.30056  1.000 13.11077 ? 58  GLN A CA  1 
ATOM   256  C  C   . GLN A 1 58  ? -6.65693  -14.32884 -0.51377  1.000 14.63050 ? 58  GLN A C   1 
ATOM   257  O  O   . GLN A 1 58  ? -6.29153  -15.45422 -0.89369  1.000 14.45730 ? 58  GLN A O   1 
ATOM   258  C  CB  . GLN A 1 58  ? -8.64460  -13.13716 -1.44812  1.000 14.24841 ? 58  GLN A CB  1 
ATOM   259  C  CG  . GLN A 1 58  ? -10.16719 -13.02028 -1.48203  1.000 12.33159 ? 58  GLN A CG  1 
ATOM   260  C  CD  . GLN A 1 58  ? -10.59606 -11.99402 -2.50506  1.000 15.55561 ? 58  GLN A CD  1 
ATOM   261  O  OE1 . GLN A 1 58  ? -10.22044 -10.80430 -2.41900  1.000 14.10667 ? 58  GLN A OE1 1 
ATOM   262  N  NE2 . GLN A 1 58  ? -11.33952 -12.43963 -3.50263  1.000 15.84036 ? 58  GLN A NE2 1 
ATOM   263  N  N   . HIS A 1 59  ? -5.78453  -13.33994 -0.34448  1.000 12.61891 ? 59  HIS A N   1 
ATOM   264  C  CA  . HIS A 1 59  ? -4.36925  -13.63585 -0.53584  1.000 13.08760 ? 59  HIS A CA  1 
ATOM   265  C  C   . HIS A 1 59  ? -3.87367  -14.75083 0.37721   1.000 15.02167 ? 59  HIS A C   1 
ATOM   266  O  O   . HIS A 1 59  ? -2.95148  -15.47338 -0.01264  1.000 14.33517 ? 59  HIS A O   1 
ATOM   267  C  CB  . HIS A 1 59  ? -3.51129  -12.39341 -0.33226  1.000 11.26758 ? 59  HIS A CB  1 
ATOM   268  C  CG  . HIS A 1 59  ? -3.61222  -11.37829 -1.43711  1.000 12.72107 ? 59  HIS A CG  1 
ATOM   269  N  ND1 . HIS A 1 59  ? -3.17338  -11.62143 -2.71260  1.000 12.87282 ? 59  HIS A ND1 1 
ATOM   270  C  CD2 . HIS A 1 59  ? -4.08040  -10.10491 -1.43434  1.000 10.17613 ? 59  HIS A CD2 1 
ATOM   271  C  CE1 . HIS A 1 59  ? -3.37267  -10.54952 -3.46848  1.000 13.79062 ? 59  HIS A CE1 1 
ATOM   272  N  NE2 . HIS A 1 59  ? -3.91530  -9.60738  -2.71826  1.000 12.45313 ? 59  HIS A NE2 1 
ATOM   273  N  N   . ASN A 1 60  ? -4.42233  -14.87886 1.59421   1.000 14.87333 ? 60  ASN A N   1 
ATOM   274  C  CA  . ASN A 1 60  ? -3.94814  -15.90123 2.53883   1.000 12.59625 ? 60  ASN A CA  1 
ATOM   275  C  C   . ASN A 1 60  ? -4.74306  -17.19495 2.44656   1.000 17.17178 ? 60  ASN A C   1 
ATOM   276  O  O   . ASN A 1 60  ? -4.49173  -18.13215 3.23186   1.000 17.98545 ? 60  ASN A O   1 
ATOM   277  C  CB  . ASN A 1 60  ? -3.99342  -15.33122 3.94431   1.000 15.20250 ? 60  ASN A CB  1 
ATOM   278  C  CG  . ASN A 1 60  ? -2.77476  -14.47903 4.22962   1.000 16.40817 ? 60  ASN A CG  1 
ATOM   279  O  OD1 . ASN A 1 60  ? -1.73671  -14.72576 3.61833   1.000 18.01498 ? 60  ASN A OD1 1 
ATOM   280  N  ND2 . ASN A 1 60  ? -2.88989  -13.48556 5.11614   1.000 18.24051 ? 60  ASN A ND2 1 
ATOM   281  N  N   . GLY A 1 61  ? -5.65085  -17.29211 1.48923   1.000 16.47885 ? 61  GLY A N   1 
ATOM   282  C  CA  . GLY A 1 61  ? -6.35829  -18.55129 1.30484   1.000 18.43949 ? 61  GLY A CA  1 
ATOM   283  C  C   . GLY A 1 61  ? -7.52209  -18.78772 2.22077   1.000 18.87003 ? 61  GLY A C   1 
ATOM   284  O  O   . GLY A 1 61  ? -8.10134  -19.89325 2.16246   1.000 21.57728 ? 61  GLY A O   1 
ATOM   285  N  N   . GLU A 1 62  ? -7.88080  -17.83511 3.08914   1.000 15.80804 ? 62  GLU A N   1 
ATOM   286  C  CA  . GLU A 1 62  ? -9.02644  -18.06617 3.95787   1.000 17.08554 ? 62  GLU A CA  1 
ATOM   287  C  C   . GLU A 1 62  ? -10.31110 -18.00060 3.15262   1.000 23.33307 ? 62  GLU A C   1 
ATOM   288  O  O   . GLU A 1 62  ? -11.31492 -18.62807 3.52725   1.000 21.35954 ? 62  GLU A O   1 
ATOM   289  C  CB  . GLU A 1 62  ? -9.06175  -17.06019 5.09829   1.000 19.80288 ? 62  GLU A CB  1 
ATOM   290  C  CG  . GLU A 1 62  ? -7.76133  -17.05450 5.91551   1.000 25.61002 ? 62  GLU A CG  1 
ATOM   291  C  CD  . GLU A 1 62  ? -7.78987  -16.01247 7.01757   1.000 36.47439 ? 62  GLU A CD  1 
ATOM   292  O  OE1 . GLU A 1 62  ? -8.72059  -16.06785 7.85208   1.000 48.09135 ? 62  GLU A OE1 1 
ATOM   293  O  OE2 . GLU A 1 62  ? -6.91762  -15.11317 7.03547   1.000 41.54088 ? 62  GLU A OE2 1 
ATOM   294  N  N   . ILE A 1 63  ? -10.27118 -17.24061 2.06317   1.000 18.94616 ? 63  ILE A N   1 
ATOM   295  C  CA  . ILE A 1 63  ? -11.28340 -17.22632 1.00613   1.000 19.91150 ? 63  ILE A CA  1 
ATOM   296  C  C   . ILE A 1 63  ? -10.62754 -17.73576 -0.27014  1.000 21.64857 ? 63  ILE A C   1 
ATOM   297  O  O   . ILE A 1 63  ? -9.55116  -17.26754 -0.64298  1.000 21.32274 ? 63  ILE A O   1 
ATOM   298  C  CB  . ILE A 1 63  ? -11.83439 -15.80816 0.79565   1.000 20.89871 ? 63  ILE A CB  1 
ATOM   299  C  CG1 . ILE A 1 63  ? -12.46389 -15.28740 2.07912   1.000 20.40359 ? 63  ILE A CG1 1 
ATOM   300  C  CG2 . ILE A 1 63  ? -12.81874 -15.76839 -0.40136  1.000 20.45302 ? 63  ILE A CG2 1 
ATOM   301  C  CD1 . ILE A 1 63  ? -12.77306 -13.76499 2.00168   1.000 18.55673 ? 63  ILE A CD1 1 
ATOM   302  N  N   . THR A 1 64  ? -11.27756 -18.67409 -0.96093  1.000 19.43408 ? 64  THR A N   1 
ATOM   303  C  CA  . THR A 1 64  ? -10.63060 -19.31959 -2.09179  1.000 23.56383 ? 64  THR A CA  1 
ATOM   304  C  C   . THR A 1 64  ? -10.96039 -18.63093 -3.41283  1.000 27.53448 ? 64  THR A C   1 
ATOM   305  O  O   . THR A 1 64  ? -11.47192 -19.26371 -4.32805  1.000 35.71595 ? 64  THR A O   1 
ATOM   306  N  N   . SER A 1 65  ? -10.73273 -17.31493 -3.50444  1.000 20.93743 ? 65  SER A N   1 
ATOM   307  C  CA  . SER A 1 65  ? -10.82831 -16.57922 -4.75123  1.000 18.28892 ? 65  SER A CA  1 
ATOM   308  C  C   . SER A 1 65  ? -9.77006  -15.48423 -4.72070  1.000 20.01507 ? 65  SER A C   1 
ATOM   309  O  O   . SER A 1 65  ? -9.20678  -15.18716 -3.66817  1.000 19.23407 ? 65  SER A O   1 
ATOM   310  C  CB  . SER A 1 65  ? -12.20346 -15.94345 -4.94147  1.000 21.82412 ? 65  SER A CB  1 
ATOM   311  O  OG  . SER A 1 65  ? -12.42652 -15.00951 -3.88902  1.000 19.96039 ? 65  SER A OG  1 
ATOM   312  N  N   . GLY A 1 66  ? -9.47313  -14.92825 -5.89107  1.000 16.30537 ? 66  GLY A N   1 
ATOM   313  C  CA  . GLY A 1 66  ? -8.72277  -13.67947 -5.98787  1.000 17.52708 ? 66  GLY A CA  1 
ATOM   314  C  C   . GLY A 1 66  ? -7.22616  -13.76410 -5.77329  1.000 24.03023 ? 66  GLY A C   1 
ATOM   315  O  O   . GLY A 1 66  ? -6.57470  -12.71433 -5.71492  1.000 26.11132 ? 66  GLY A O   1 
ATOM   316  N  N   . ALA A 1 67  ? -6.64993  -14.95148 -5.64619  1.000 16.13145 ? 67  ALA A N   1 
ATOM   317  C  CA  . ALA A 1 67  ? -5.25053  -15.01723 -5.22386  1.000 17.33463 ? 67  ALA A CA  1 
ATOM   318  C  C   . ALA A 1 67  ? -4.45404  -16.02289 -6.02637  1.000 16.45549 ? 67  ALA A C   1 
ATOM   319  O  O   . ALA A 1 67  ? -3.63317  -16.76495 -5.47687  1.000 18.20758 ? 67  ALA A O   1 
ATOM   320  C  CB  . ALA A 1 67  ? -5.15304  -15.34832 -3.74249  1.000 22.48594 ? 67  ALA A CB  1 
ATOM   321  N  N   . TRP A 1 68  ? -4.68277  -16.07455 -7.33734  1.000 16.11513 ? 68  TRP A N   1 
ATOM   322  C  CA  . TRP A 1 68  ? -3.76388  -16.83870 -8.18761  1.000 13.92723 ? 68  TRP A CA  1 
ATOM   323  C  C   . TRP A 1 68  ? -2.31847  -16.35177 -7.97026  1.000 16.48350 ? 68  TRP A C   1 
ATOM   324  O  O   . TRP A 1 68  ? -2.05778  -15.15382 -7.81200  1.000 16.91399 ? 68  TRP A O   1 
ATOM   325  C  CB  . TRP A 1 68  ? -4.18958  -16.69662 -9.64847  1.000 18.05785 ? 68  TRP A CB  1 
ATOM   326  C  CG  . TRP A 1 68  ? -3.25701  -17.31797 -10.59720 1.000 18.85453 ? 68  TRP A CG  1 
ATOM   327  C  CD1 . TRP A 1 68  ? -3.19784  -18.62689 -10.93109 1.000 20.13452 ? 68  TRP A CD1 1 
ATOM   328  C  CD2 . TRP A 1 68  ? -2.22227  -16.66448 -11.30533 1.000 21.70167 ? 68  TRP A CD2 1 
ATOM   329  N  NE1 . TRP A 1 68  ? -2.18301  -18.83204 -11.82970 1.000 22.80450 ? 68  TRP A NE1 1 
ATOM   330  C  CE2 . TRP A 1 68  ? -1.54608  -17.65010 -12.05544 1.000 19.76488 ? 68  TRP A CE2 1 
ATOM   331  C  CE3 . TRP A 1 68  ? -1.77090  -15.34496 -11.36087 1.000 22.67052 ? 68  TRP A CE3 1 
ATOM   332  C  CZ2 . TRP A 1 68  ? -0.48653  -17.34570 -12.89374 1.000 28.15199 ? 68  TRP A CZ2 1 
ATOM   333  C  CZ3 . TRP A 1 68  ? -0.69832  -15.04161 -12.17390 1.000 30.31291 ? 68  TRP A CZ3 1 
ATOM   334  C  CH2 . TRP A 1 68  ? -0.06512  -16.03503 -12.93267 1.000 32.34608 ? 68  TRP A CH2 1 
ATOM   335  N  N   . ARG A 1 69  ? -1.36866  -17.29921 -7.91629  1.000 19.60811 ? 69  ARG A N   1 
ATOM   336  C  CA  . ARG A 1 69  ? 0.05748   -16.95675 -7.73473  1.000 19.88406 ? 69  ARG A CA  1 
ATOM   337  C  C   . ARG A 1 69  ? 0.37646   -16.44424 -6.30730  1.000 21.62648 ? 69  ARG A C   1 
ATOM   338  O  O   . ARG A 1 69  ? 1.20877   -17.03720 -5.60907  1.000 20.90126 ? 69  ARG A O   1 
ATOM   339  C  CB  . ARG A 1 69  ? 0.50260   -15.94924 -8.80028  1.000 24.86562 ? 69  ARG A CB  1 
ATOM   340  C  CG  . ARG A 1 69  ? 2.00574   -15.88006 -9.06646  1.000 34.38910 ? 69  ARG A CG  1 
ATOM   341  C  CD  . ARG A 1 69  ? 2.33792   -14.78779 -10.12956 1.000 32.49286 ? 69  ARG A CD  1 
ATOM   342  N  NE  . ARG A 1 69  ? 2.47243   -13.46738 -9.49967  1.000 44.68101 ? 69  ARG A NE  1 
ATOM   343  C  CZ  . ARG A 1 69  ? 2.01335   -12.31680 -9.98940  1.000 46.83251 ? 69  ARG A CZ  1 
ATOM   344  N  NH1 . ARG A 1 69  ? 1.35473   -12.26440 -11.15065 1.000 39.24737 ? 69  ARG A NH1 1 
ATOM   345  N  NH2 . ARG A 1 69  ? 2.21382   -11.20122 -9.29748  1.000 45.39604 ? 69  ARG A NH2 1 
ATOM   346  N  N   . THR A 1 70  ? -0.29451  -15.39540 -5.80276  1.000 17.39720 ? 70  THR A N   1 
ATOM   347  C  CA  . THR A 1 70  ? 0.04841   -14.95331 -4.44769  1.000 15.56114 ? 70  THR A CA  1 
ATOM   348  C  C   . THR A 1 70  ? -0.26996  -16.02325 -3.40285  1.000 17.72818 ? 70  THR A C   1 
ATOM   349  O  O   . THR A 1 70  ? 0.36535   -16.06451 -2.34315  1.000 16.77489 ? 70  THR A O   1 
ATOM   350  C  CB  . THR A 1 70  ? -0.67039  -13.66767 -4.08561  1.000 17.03743 ? 70  THR A CB  1 
ATOM   351  O  OG1 . THR A 1 70  ? -2.08730  -13.85819 -4.17593  1.000 15.44046 ? 70  THR A OG1 1 
ATOM   352  C  CG2 . THR A 1 70  ? -0.18410  -12.54288 -4.99689  1.000 16.89186 ? 70  THR A CG2 1 
ATOM   353  N  N   . LYS A 1 71  ? -1.23663  -16.89195 -3.69195  1.000 19.50616 ? 71  LYS A N   1 
ATOM   354  C  CA  . LYS A 1 71  ? -1.51869  -18.04343 -2.82390  1.000 22.57408 ? 71  LYS A CA  1 
ATOM   355  C  C   . LYS A 1 71  ? -0.25842  -18.83588 -2.48897  1.000 23.55806 ? 71  LYS A C   1 
ATOM   356  O  O   . LYS A 1 71  ? -0.17038  -19.46148 -1.41677  1.000 28.25277 ? 71  LYS A O   1 
ATOM   357  C  CB  . LYS A 1 71  ? -2.54871  -18.99001 -3.51138  1.000 22.26480 ? 71  LYS A CB  1 
ATOM   358  C  CG  . LYS A 1 71  ? -2.01766  -19.60351 -4.86645  1.000 26.15001 ? 71  LYS A CG  1 
ATOM   359  C  CD  . LYS A 1 71  ? -3.14808  -20.24094 -5.73762  1.000 31.05447 ? 71  LYS A CD  1 
ATOM   360  C  CE  . LYS A 1 71  ? -4.04443  -21.17738 -4.89550  1.000 38.86425 ? 71  LYS A CE  1 
ATOM   361  N  N   . LYS A 1 72  ? 0.71738   -18.84989 -3.38639  1.000 21.83105 ? 72  LYS A N   1 
ATOM   362  C  CA  . LYS A 1 72  ? 1.90684   -19.66615 -3.16271  1.000 24.92268 ? 72  LYS A CA  1 
ATOM   363  C  C   . LYS A 1 72  ? 2.87154   -19.05047 -2.16504  1.000 24.81350 ? 72  LYS A C   1 
ATOM   364  O  O   . LYS A 1 72  ? 3.86096   -19.70793 -1.80651  1.000 25.57017 ? 72  LYS A O   1 
ATOM   365  C  CB  . LYS A 1 72  ? 2.64810   -19.86907 -4.47753  1.000 26.52142 ? 72  LYS A CB  1 
ATOM   366  C  CG  . LYS A 1 72  ? 1.86689   -20.65795 -5.54707  1.000 34.90810 ? 72  LYS A CG  1 
ATOM   367  C  CD  . LYS A 1 72  ? 2.85045   -21.24757 -6.57891  1.000 41.03341 ? 72  LYS A CD  1 
ATOM   368  C  CE  . LYS A 1 72  ? 3.88576   -20.20820 -7.02839  1.000 47.25253 ? 72  LYS A CE  1 
ATOM   369  N  NZ  . LYS A 1 72  ? 3.40244   -19.39723 -8.18494  1.000 55.02725 ? 72  LYS A NZ  1 
ATOM   370  N  N   . LYS A 1 73  ? 2.65223   -17.80024 -1.75635  1.000 18.86928 ? 73  LYS A N   1 
ATOM   371  C  CA  . LYS A 1 73  ? 3.63446   -17.06415 -0.95511  1.000 19.49335 ? 73  LYS A CA  1 
ATOM   372  C  C   . LYS A 1 73  ? 3.07891   -16.72656 0.41517   1.000 16.87771 ? 73  LYS A C   1 
ATOM   373  O  O   . LYS A 1 73  ? 3.53241   -15.79316 1.08480   1.000 16.00038 ? 73  LYS A O   1 
ATOM   374  C  CB  . LYS A 1 73  ? 4.11279   -15.79366 -1.67057  1.000 18.69930 ? 73  LYS A CB  1 
ATOM   375  C  CG  . LYS A 1 73  ? 4.59279   -16.03698 -3.06564  1.000 23.51445 ? 73  LYS A CG  1 
ATOM   376  C  CD  . LYS A 1 73  ? 5.24214   -14.82250 -3.63883  1.000 24.62619 ? 73  LYS A CD  1 
ATOM   377  C  CE  . LYS A 1 73  ? 5.60052   -15.10912 -5.07900  1.000 32.82145 ? 73  LYS A CE  1 
ATOM   378  N  NZ  . LYS A 1 73  ? 6.49490   -14.04906 -5.53899  1.000 36.75450 ? 73  LYS A NZ  1 
ATOM   379  N  N   . ARG A 1 74  ? 2.11122   -17.49821 0.86156   1.000 19.57092 ? 74  ARG A N   1 
ATOM   380  C  CA  . ARG A 1 74  ? 1.48543   -17.27275 2.14692   1.000 18.57192 ? 74  ARG A CA  1 
ATOM   381  C  C   . ARG A 1 74  ? 2.42532   -17.65884 3.27387   1.000 14.14200 ? 74  ARG A C   1 
ATOM   382  O  O   . ARG A 1 74  ? 3.30068   -18.50999 3.08859   1.000 20.10015 ? 74  ARG A O   1 
ATOM   383  C  CB  . ARG A 1 74  ? 0.23721   -18.12845 2.26866   1.000 21.57316 ? 74  ARG A CB  1 
ATOM   384  C  CG  . ARG A 1 74  ? -0.77029  -17.70230 1.37496   1.000 22.07984 ? 74  ARG A CG  1 
ATOM   385  C  CD  . ARG A 1 74  ? -1.77272  -18.81941 1.12349   1.000 21.23454 ? 74  ARG A CD  1 
ATOM   386  N  NE  . ARG A 1 74  ? -2.75219  -18.25030 0.20059   1.000 23.35556 ? 74  ARG A NE  1 
ATOM   387  C  CZ  . ARG A 1 74  ? -3.71655  -18.92036 -0.40918  1.000 27.08841 ? 74  ARG A CZ  1 
ATOM   388  N  NH1 . ARG A 1 74  ? -3.87339  -20.21743 -0.17486  1.000 28.44272 ? 74  ARG A NH1 1 
ATOM   389  N  NH2 . ARG A 1 74  ? -4.55150  -18.25996 -1.23270  1.000 26.56058 ? 74  ARG A NH2 1 
ATOM   390  N  N   . PRO A 1 75  ? 2.26825   -17.04266 4.45945   1.000 16.06152 ? 75  PRO A N   1 
ATOM   391  C  CA  . PRO A 1 75  ? 1.32052   -15.99485 4.84539   1.000 12.96654 ? 75  PRO A CA  1 
ATOM   392  C  C   . PRO A 1 75  ? 1.77457   -14.62180 4.43016   1.000 17.89777 ? 75  PRO A C   1 
ATOM   393  O  O   . PRO A 1 75  ? 2.96150   -14.31261 4.50896   1.000 17.09117 ? 75  PRO A O   1 
ATOM   394  C  CB  . PRO A 1 75  ? 1.28344   -16.06719 6.37822   1.000 19.77817 ? 75  PRO A CB  1 
ATOM   395  C  CG  . PRO A 1 75  ? 2.60859   -16.63254 6.73842   1.000 21.74738 ? 75  PRO A CG  1 
ATOM   396  C  CD  . PRO A 1 75  ? 3.04835   -17.53033 5.61834   1.000 21.30671 ? 75  PRO A CD  1 
ATOM   397  N  N   . TRP A 1 76  ? 0.81464   -13.79840 4.04071   1.000 14.37844 ? 76  TRP A N   1 
ATOM   398  C  CA  . TRP A 1 76  ? 1.05144   -12.38023 3.74852   1.000 12.61891 ? 76  TRP A CA  1 
ATOM   399  C  C   . TRP A 1 76  ? 0.57788   -11.53241 4.91351   1.000 15.57821 ? 76  TRP A C   1 
ATOM   400  O  O   . TRP A 1 76  ? -0.39857  -11.86552 5.59646   1.000 16.41834 ? 76  TRP A O   1 
ATOM   401  C  CB  . TRP A 1 76  ? 0.25031   -11.93433 2.51813   1.000 13.49129 ? 76  TRP A CB  1 
ATOM   402  C  CG  . TRP A 1 76  ? 0.61578   -12.53551 1.21483   1.000 11.97192 ? 76  TRP A CG  1 
ATOM   403  C  CD1 . TRP A 1 76  ? 0.06304   -13.64990 0.62550   1.000 14.72404 ? 76  TRP A CD1 1 
ATOM   404  C  CD2 . TRP A 1 76  ? 1.60529   -12.04408 0.30761   1.000 12.02239 ? 76  TRP A CD2 1 
ATOM   405  N  NE1 . TRP A 1 76  ? 0.66672   -13.87242 -0.60248  1.000 14.59300 ? 76  TRP A NE1 1 
ATOM   406  C  CE2 . TRP A 1 76  ? 1.60901   -12.89244 -0.81648  1.000 12.98499 ? 76  TRP A CE2 1 
ATOM   407  C  CE3 . TRP A 1 76  ? 2.48308   -10.93268 0.33727   1.000 12.27167 ? 76  TRP A CE3 1 
ATOM   408  C  CZ2 . TRP A 1 76  ? 2.45037   -12.68501 -1.92117  1.000 13.15181 ? 76  TRP A CZ2 1 
ATOM   409  C  CZ3 . TRP A 1 76  ? 3.35728   -10.76080 -0.73924  1.000 11.38883 ? 76  TRP A CZ3 1 
ATOM   410  C  CH2 . TRP A 1 76  ? 3.30193   -11.60210 -1.86910  1.000 11.42859 ? 76  TRP A CH2 1 
ATOM   411  N  N   . GLU A 1 77  ? 1.23859   -10.40616 5.11758   1.000 12.22736 ? 77  GLU A N   1 
ATOM   412  C  CA  . GLU A 1 77  ? 0.73915   -9.38655  6.01723   1.000 13.58038 ? 77  GLU A CA  1 
ATOM   413  C  C   . GLU A 1 77  ? 0.38778   -8.16329  5.18820   1.000 14.04774 ? 77  GLU A C   1 
ATOM   414  O  O   . GLU A 1 77  ? 1.19358   -7.72435  4.35954   1.000 12.15818 ? 77  GLU A O   1 
ATOM   415  C  CB  . GLU A 1 77  ? 1.80373   -9.04134  7.06692   1.000 19.85600 ? 77  GLU A CB  1 
ATOM   416  C  CG  . GLU A 1 77  ? 1.26656   -8.37194  8.26417   1.000 24.53032 ? 77  GLU A CG  1 
ATOM   417  C  CD  . GLU A 1 77  ? 2.12610   -8.67051  9.50924   1.000 28.19388 ? 77  GLU A CD  1 
ATOM   418  O  OE1 . GLU A 1 77  ? 3.35737   -8.65172  9.40438   1.000 24.08488 ? 77  GLU A OE1 1 
ATOM   419  O  OE2 . GLU A 1 77  ? 1.56980   -8.95561  10.57593  1.000 38.98867 ? 77  GLU A OE2 1 
ATOM   420  N  N   . MET A 1 78  ? -0.77329  -7.56581  5.45080   1.000 13.27105 ? 78  MET A N   1 
ATOM   421  C  CA  . MET A 1 78  ? -1.04624  -6.27456  4.80969   1.000 13.65211 ? 78  MET A CA  1 
ATOM   422  C  C   . MET A 1 78  ? -0.35580  -5.20815  5.65757   1.000 15.46354 ? 78  MET A C   1 
ATOM   423  O  O   . MET A 1 78  ? -0.63573  -5.08975  6.85567   1.000 15.33776 ? 78  MET A O   1 
ATOM   424  C  CB  . MET A 1 78  ? -2.54765  -5.98754  4.67507   1.000 16.13275 ? 78  MET A CB  1 
ATOM   425  C  CG  . MET A 1 78  ? -2.81666  -4.77404  3.78886   1.000 14.97578 ? 78  MET A CG  1 
ATOM   426  S  SD  . MET A 1 78  ? -4.62170  -4.59819  3.42950   1.000 17.36673 ? 78  MET A SD  1 
ATOM   427  C  CE  . MET A 1 78  ? -4.85219  -5.83774  2.16497   1.000 13.72387 ? 78  MET A CE  1 
ATOM   428  N  N   . VAL A 1 79  ? 0.61691   -4.51115  5.04815   1.000 10.68948 ? 79  VAL A N   1 
ATOM   429  C  CA  . VAL A 1 79  ? 1.43428   -3.52135  5.74559   1.000 12.91357 ? 79  VAL A CA  1 
ATOM   430  C  C   . VAL A 1 79  ? 0.63525   -2.25496  5.96669   1.000 16.63651 ? 79  VAL A C   1 
ATOM   431  O  O   . VAL A 1 79  ? 0.55951   -1.70100  7.07873   1.000 14.76512 ? 79  VAL A O   1 
ATOM   432  C  CB  . VAL A 1 79  ? 2.68473   -3.24298  4.89824   1.000 11.09148 ? 79  VAL A CB  1 
ATOM   433  C  CG1 . VAL A 1 79  ? 3.52426   -2.06843  5.49847   1.000 12.50532 ? 79  VAL A CG1 1 
ATOM   434  C  CG2 . VAL A 1 79  ? 3.52123   -4.54701  4.75619   1.000 11.33323 ? 79  VAL A CG2 1 
ATOM   435  N  N   . LEU A 1 80  ? 0.05808   -1.75755  4.88752   1.000 12.70925 ? 80  LEU A N   1 
ATOM   436  C  CA  . LEU A 1 80  ? -0.71100  -0.51030  4.95191   1.000 12.13575 ? 80  LEU A CA  1 
ATOM   437  C  C   . LEU A 1 80  ? -1.66585  -0.44074  3.77745   1.000 12.70378 ? 80  LEU A C   1 
ATOM   438  O  O   . LEU A 1 80  ? -1.52040  -1.17305  2.79636   1.000 13.19600 ? 80  LEU A O   1 
ATOM   439  C  CB  . LEU A 1 80  ? 0.19980   0.71791   4.93713   1.000 13.33662 ? 80  LEU A CB  1 
ATOM   440  C  CG  . LEU A 1 80  ? 1.06081   0.99038   3.67657   1.000 13.40914 ? 80  LEU A CG  1 
ATOM   441  C  CD1 . LEU A 1 80  ? 0.32444   1.68194   2.54242   1.000 17.02729 ? 80  LEU A CD1 1 
ATOM   442  C  CD2 . LEU A 1 80  ? 2.26555   1.85268   4.06590   1.000 13.73595 ? 80  LEU A CD2 1 
ATOM   443  N  N   . CYS A 1 81  ? -2.64698  0.46080   3.88737   1.000 10.37160 ? 81  CYS A N   1 
ATOM   444  C  CA  . CYS A 1 81  ? -3.38566  0.83231   2.68931   1.000 12.32819 ? 81  CYS A CA  1 
ATOM   445  C  C   . CYS A 1 81  ? -3.51454  2.33458   2.66499   1.000 14.07312 ? 81  CYS A C   1 
ATOM   446  O  O   . CYS A 1 81  ? -3.34551  2.99732   3.66986   1.000 13.86485 ? 81  CYS A O   1 
ATOM   447  C  CB  . CYS A 1 81  ? -4.75683  0.13680   2.62166   1.000 17.96767 ? 81  CYS A CB  1 
ATOM   448  S  SG  . CYS A 1 81  ? -6.00197  0.77900   3.71366   1.000 18.38101 ? 81  CYS A SG  1 
ATOM   449  N  N   . ILE A 1 82  ? -3.73170  2.86974   1.46950   1.000 13.18217 ? 82  ILE A N   1 
ATOM   450  C  CA  A ILE A 1 82  ? -4.01466  4.28273   1.29185   0.620 10.85410 ? 82  ILE A CA  1 
ATOM   451  C  CA  B ILE A 1 82  ? -4.00220  4.28874   1.25069   0.380 10.88667 ? 82  ILE A CA  1 
ATOM   452  C  C   . ILE A 1 82  ? -5.43320  4.37879   0.76370   1.000 11.40791 ? 82  ILE A C   1 
ATOM   453  O  O   . ILE A 1 82  ? -5.79080  3.69553   -0.18974  1.000 11.89161 ? 82  ILE A O   1 
ATOM   454  C  CB  A ILE A 1 82  ? -2.98693  4.91911   0.35709   0.620 12.93317 ? 82  ILE A CB  1 
ATOM   455  C  CB  B ILE A 1 82  ? -3.05913  4.89782   0.20399   0.380 12.85481 ? 82  ILE A CB  1 
ATOM   456  C  CG1 A ILE A 1 82  ? -1.59635  4.80217   1.03725   0.620 13.84211 ? 82  ILE A CG1 1 
ATOM   457  C  CG1 B ILE A 1 82  ? -1.60385  4.49819   0.47934   0.380 12.69348 ? 82  ILE A CG1 1 
ATOM   458  C  CG2 A ILE A 1 82  ? -3.33538  6.39001   0.02933   0.620 13.06358 ? 82  ILE A CG2 1 
ATOM   459  C  CG2 B ILE A 1 82  ? -3.20053  6.42798   0.17219   0.380 13.01367 ? 82  ILE A CG2 1 
ATOM   460  C  CD1 A ILE A 1 82  ? -0.53450  4.90774   0.10592   0.620 12.06573 ? 82  ILE A CD1 1 
ATOM   461  C  CD1 B ILE A 1 82  ? -1.00045  3.81866   -0.65012  0.380 14.36025 ? 82  ILE A CD1 1 
ATOM   462  N  N   . TYR A 1 83  ? -6.25827  5.18702   1.43356   1.000 11.60497 ? 83  TYR A N   1 
ATOM   463  C  CA  . TYR A 1 83  ? -7.63876  5.28765   0.97104   1.000 10.51737 ? 83  TYR A CA  1 
ATOM   464  C  C   . TYR A 1 83  ? -8.04178  6.74709   0.95044   1.000 13.63744 ? 83  TYR A C   1 
ATOM   465  O  O   . TYR A 1 83  ? -7.26607  7.63776   1.33495   1.000 14.43907 ? 83  TYR A O   1 
ATOM   466  C  CB  . TYR A 1 83  ? -8.54948  4.42450   1.85236   1.000 12.64074 ? 83  TYR A CB  1 
ATOM   467  C  CG  . TYR A 1 83  ? -8.70338  4.85794   3.30617   1.000 14.69178 ? 83  TYR A CG  1 
ATOM   468  C  CD1 . TYR A 1 83  ? -9.65993  5.79927   3.65387   1.000 18.34725 ? 83  TYR A CD1 1 
ATOM   469  C  CD2 . TYR A 1 83  ? -7.96316  4.26142   4.33588   1.000 16.52425 ? 83  TYR A CD2 1 
ATOM   470  C  CE1 . TYR A 1 83  ? -9.84535  6.17335   4.98990   1.000 18.80756 ? 83  TYR A CE1 1 
ATOM   471  C  CE2 . TYR A 1 83  ? -8.15791  4.63286   5.68048   1.000 14.12713 ? 83  TYR A CE2 1 
ATOM   472  C  CZ  . TYR A 1 83  ? -9.11563  5.57151   5.97558   1.000 16.03285 ? 83  TYR A CZ  1 
ATOM   473  O  OH  . TYR A 1 83  ? -9.34765  5.92230   7.28511   1.000 20.45380 ? 83  TYR A OH  1 
ATOM   474  N  N   . GLY A 1 84  ? -9.25495  7.00067   0.43590   1.000 13.16004 ? 84  GLY A N   1 
ATOM   475  C  CA  . GLY A 1 84  ? -9.69067  8.37112   0.29261   1.000 16.04266 ? 84  GLY A CA  1 
ATOM   476  C  C   . GLY A 1 84  ? -9.73442  8.85860   -1.12713  1.000 15.98377 ? 84  GLY A C   1 
ATOM   477  O  O   . GLY A 1 84  ? -10.17918 9.99452   -1.36338  1.000 15.92810 ? 84  GLY A O   1 
ATOM   478  N  N   . PHE A 1 85  ? -9.27603  8.03547   -2.07883  1.000 13.64317 ? 85  PHE A N   1 
ATOM   479  C  CA  . PHE A 1 85  ? -9.38212  8.38484   -3.47037  1.000 13.50293 ? 85  PHE A CA  1 
ATOM   480  C  C   . PHE A 1 85  ? -10.84671 8.59910   -3.81916  1.000 15.06670 ? 85  PHE A C   1 
ATOM   481  O  O   . PHE A 1 85  ? -11.71752 7.83223   -3.36823  1.000 16.06928 ? 85  PHE A O   1 
ATOM   482  C  CB  . PHE A 1 85  ? -8.82148  7.26336   -4.34726  1.000 12.99076 ? 85  PHE A CB  1 
ATOM   483  C  CG  . PHE A 1 85  ? -7.37038  7.00043   -4.12058  1.000 11.81394 ? 85  PHE A CG  1 
ATOM   484  C  CD1 . PHE A 1 85  ? -6.41941  7.77000   -4.79461  1.000 12.70860 ? 85  PHE A CD1 1 
ATOM   485  C  CD2 . PHE A 1 85  ? -6.97547  6.00018   -3.24945  1.000 13.93925 ? 85  PHE A CD2 1 
ATOM   486  C  CE1 . PHE A 1 85  ? -5.05037  7.53219   -4.55567  1.000 12.68149 ? 85  PHE A CE1 1 
ATOM   487  C  CE2 . PHE A 1 85  ? -5.62692  5.74387   -3.00680  1.000 13.19541 ? 85  PHE A CE2 1 
ATOM   488  C  CZ  . PHE A 1 85  ? -4.67005  6.51068   -3.69371  1.000 13.08069 ? 85  PHE A CZ  1 
ATOM   489  N  N   . PRO A 1 86  ? -11.13945 9.60592   -4.62920  1.000 14.04136 ? 86  PRO A N   1 
ATOM   490  C  CA  . PRO A 1 86  ? -12.53289 9.99007   -4.86698  1.000 17.92108 ? 86  PRO A CA  1 
ATOM   491  C  C   . PRO A 1 86  ? -13.28451 9.02861   -5.76018  1.000 22.31412 ? 86  PRO A C   1 
ATOM   492  O  O   . PRO A 1 86  ? -14.52629 8.96564   -5.68359  1.000 19.90821 ? 86  PRO A O   1 
ATOM   493  C  CB  . PRO A 1 86  ? -12.38495 11.34959  -5.55280  1.000 17.62857 ? 86  PRO A CB  1 
ATOM   494  C  CG  . PRO A 1 86  ? -11.01666 11.31576  -6.17148  1.000 21.82718 ? 86  PRO A CG  1 
ATOM   495  C  CD  . PRO A 1 86  ? -10.18486 10.59005  -5.18380  1.000 16.88784 ? 86  PRO A CD  1 
ATOM   496  N  N   . THR A 1 87  ? -12.57607 8.29013   -6.61892  1.000 15.26614 ? 87  THR A N   1 
ATOM   497  C  CA  . THR A 1 87  ? -13.18548 7.34362   -7.53413  1.000 16.91380 ? 87  THR A CA  1 
ATOM   498  C  C   . THR A 1 87  ? -12.34125 6.08062   -7.59976  1.000 18.29162 ? 87  THR A C   1 
ATOM   499  O  O   . THR A 1 87  ? -11.15450 6.08202   -7.24905  1.000 17.46723 ? 87  THR A O   1 
ATOM   500  C  CB  . THR A 1 87  ? -13.28493 7.89953   -8.96716  1.000 18.02027 ? 87  THR A CB  1 
ATOM   501  O  OG1 . THR A 1 87  ? -11.96381 8.18144   -9.47321  1.000 17.74376 ? 87  THR A OG1 1 
ATOM   502  C  CG2 . THR A 1 87  ? -14.05976 9.15499   -8.96989  1.000 19.53458 ? 87  THR A CG2 1 
ATOM   503  N  N   . ASN A 1 88  ? -12.94121 5.01603   -8.12693  1.000 16.37596 ? 88  ASN A N   1 
ATOM   504  C  CA  . ASN A 1 88  ? -12.13678 3.83417   -8.41331  1.000 18.07962 ? 88  ASN A CA  1 
ATOM   505  C  C   . ASN A 1 88  ? -11.02240 4.16816   -9.39599  1.000 14.39410 ? 88  ASN A C   1 
ATOM   506  O  O   . ASN A 1 88  ? -9.89216  3.71377   -9.23892  1.000 14.66301 ? 88  ASN A O   1 
ATOM   507  C  CB  . ASN A 1 88  ? -13.02460 2.69252   -8.93979  1.000 20.17374 ? 88  ASN A CB  1 
ATOM   508  C  CG  . ASN A 1 88  ? -13.69608 3.01169   -10.26222 1.000 20.72929 ? 88  ASN A CG  1 
ATOM   509  O  OD1 . ASN A 1 88  ? -13.91806 4.17762   -10.62254 1.000 23.00597 ? 88  ASN A OD1 1 
ATOM   510  N  ND2 . ASN A 1 88  ? -14.06869 1.95089   -10.99405 1.000 27.31217 ? 88  ASN A ND2 1 
ATOM   511  N  N   . VAL A 1 89  ? -11.30182 5.01985   -10.37715 1.000 14.81764 ? 89  VAL A N   1 
ATOM   512  C  CA  . VAL A 1 89  ? -10.30795 5.33136   -11.39737 1.000 15.43143 ? 89  VAL A CA  1 
ATOM   513  C  C   . VAL A 1 89  ? -9.11060  6.04808   -10.77361 1.000 14.58552 ? 89  VAL A C   1 
ATOM   514  O  O   . VAL A 1 89  ? -7.95467  5.78632   -11.13255 1.000 15.49120 ? 89  VAL A O   1 
ATOM   515  C  CB  . VAL A 1 89  ? -10.94692 6.19188   -12.49944 1.000 21.85967 ? 89  VAL A CB  1 
ATOM   516  C  CG1 . VAL A 1 89  ? -9.84350  6.64522   -13.47609 1.000 21.12312 ? 89  VAL A CG1 1 
ATOM   517  C  CG2 . VAL A 1 89  ? -12.02422 5.38698   -13.22657 1.000 27.76360 ? 89  VAL A CG2 1 
ATOM   518  N  N   . SER A 1 90  ? -9.37621  6.93761   -9.79916  1.000 14.55314 ? 90  SER A N   1 
ATOM   519  C  CA  . SER A 1 90  ? -8.26645  7.67609   -9.18710  1.000 13.83729 ? 90  SER A CA  1 
ATOM   520  C  C   . SER A 1 90  ? -7.36371  6.71855   -8.40052  1.000 12.32613 ? 90  SER A C   1 
ATOM   521  O  O   . SER A 1 90  ? -6.12231  6.74475   -8.53379  1.000 13.33151 ? 90  SER A O   1 
ATOM   522  C  CB  . SER A 1 90  ? -8.82466  8.78038   -8.29503  1.000 17.40549 ? 90  SER A CB  1 
ATOM   523  O  OG  . SER A 1 90  ? -7.80093  9.38292   -7.54277  1.000 16.98947 ? 90  SER A OG  1 
ATOM   524  N  N   . ALA A 1 91  ? -7.97840  5.78818   -7.66080  1.000 12.47320 ? 91  ALA A N   1 
ATOM   525  C  CA  . ALA A 1 91  ? -7.17888  4.78154   -6.96784  1.000 10.88745 ? 91  ALA A CA  1 
ATOM   526  C  C   . ALA A 1 91  ? -6.43808  3.89193   -7.95689  1.000 10.64053 ? 91  ALA A C   1 
ATOM   527  O  O   . ALA A 1 91  ? -5.29394  3.50703   -7.70220  1.000 10.83811 ? 91  ALA A O   1 
ATOM   528  C  CB  . ALA A 1 91  ? -8.07379  3.93694   -6.05123  1.000 11.85456 ? 91  ALA A CB  1 
ATOM   529  N  N   . LEU A 1 92  ? -7.07516  3.51573   -9.08082  1.000 11.07771 ? 92  LEU A N   1 
ATOM   530  C  CA  . LEU A 1 92  ? -6.37775  2.63657   -10.03315 1.000 12.08902 ? 92  LEU A CA  1 
ATOM   531  C  C   . LEU A 1 92  ? -5.20769  3.32534   -10.72671 1.000 11.95988 ? 92  LEU A C   1 
ATOM   532  O  O   . LEU A 1 92  ? -4.19586  2.66816   -11.04021 1.000 12.31454 ? 92  LEU A O   1 
ATOM   533  C  CB  . LEU A 1 92  ? -7.35801  2.12533   -11.10254 1.000 13.56858 ? 92  LEU A CB  1 
ATOM   534  C  CG  . LEU A 1 92  ? -8.38172  1.16326   -10.47852 1.000 14.05052 ? 92  LEU A CG  1 
ATOM   535  C  CD1 . LEU A 1 92  ? -9.62258  1.09137   -11.33939 1.000 19.56964 ? 92  LEU A CD1 1 
ATOM   536  C  CD2 . LEU A 1 92  ? -7.75895  -0.21469  -10.25999 1.000 14.80688 ? 92  LEU A CD2 1 
ATOM   537  N  N   . GLN A 1 93  ? -5.31365  4.63516   -10.97200 1.000 12.30836 ? 93  GLN A N   1 
ATOM   538  C  CA  . GLN A 1 93  ? -4.17130  5.39797   -11.49492 1.000 11.79141 ? 93  GLN A CA  1 
ATOM   539  C  C   . GLN A 1 93  ? -3.01157  5.37594   -10.51939 1.000 10.96504 ? 93  GLN A C   1 
ATOM   540  O  O   . GLN A 1 93  ? -1.84049  5.22115   -10.91734 1.000 11.60021 ? 93  GLN A O   1 
ATOM   541  C  CB  . GLN A 1 93  ? -4.57861  6.85573   -11.76202 1.000 13.83650 ? 93  GLN A CB  1 
ATOM   542  C  CG  . GLN A 1 93  ? -5.64256  6.98944   -12.84760 1.000 16.73765 ? 93  GLN A CG  1 
ATOM   543  C  CD  . GLN A 1 93  ? -6.22315  8.41113   -12.96251 1.000 22.42960 ? 93  GLN A CD  1 
ATOM   544  O  OE1 . GLN A 1 93  ? -6.29551  9.13106   -11.98497 1.000 19.81415 ? 93  GLN A OE1 1 
ATOM   545  N  NE2 . GLN A 1 93  ? -6.68611  8.78975   -14.17126 1.000 21.97085 ? 93  GLN A NE2 1 
ATOM   546  N  N   . PHE A 1 94  ? -3.32693  5.49706   -9.22537  1.000 11.02811 ? 94  PHE A N   1 
ATOM   547  C  CA  . PHE A 1 94  ? -2.26908  5.45810   -8.19454  1.000 11.99320 ? 94  PHE A CA  1 
ATOM   548  C  C   . PHE A 1 94  ? -1.64110  4.07596   -8.09979  1.000 9.83326  ? 94  PHE A C   1 
ATOM   549  O  O   . PHE A 1 94  ? -0.41205  3.93537   -8.10603  1.000 10.62992 ? 94  PHE A O   1 
ATOM   550  C  CB  . PHE A 1 94  ? -2.87804  5.89105   -6.85062  1.000 11.07576 ? 94  PHE A CB  1 
ATOM   551  C  CG  . PHE A 1 94  ? -1.87380  6.16639   -5.76503  1.000 9.24258  ? 94  PHE A CG  1 
ATOM   552  C  CD1 . PHE A 1 94  ? -1.43453  5.12965   -4.95663  1.000 11.98305 ? 94  PHE A CD1 1 
ATOM   553  C  CD2 . PHE A 1 94  ? -1.44980  7.45987   -5.52048  1.000 9.05149  ? 94  PHE A CD2 1 
ATOM   554  C  CE1 . PHE A 1 94  ? -0.52166  5.38849   -3.94937  1.000 11.09022 ? 94  PHE A CE1 1 
ATOM   555  C  CE2 . PHE A 1 94  ? -0.55426  7.73901   -4.49783  1.000 12.09528 ? 94  PHE A CE2 1 
ATOM   556  C  CZ  . PHE A 1 94  ? -0.09496  6.71347   -3.69575  1.000 13.80531 ? 94  PHE A CZ  1 
ATOM   557  N  N   . GLU A 1 95  ? -2.47580  3.02957   -8.10997  1.000 9.14006  ? 95  GLU A N   1 
ATOM   558  C  CA  . GLU A 1 95  ? -1.96540  1.66073   -8.08387  1.000 11.74854 ? 95  GLU A CA  1 
ATOM   559  C  C   . GLU A 1 95  ? -1.02186  1.42017   -9.25102  1.000 10.40968 ? 95  GLU A C   1 
ATOM   560  O  O   . GLU A 1 95  ? 0.07840   0.87690   -9.08065  1.000 10.70151 ? 95  GLU A O   1 
ATOM   561  C  CB  . GLU A 1 95  ? -3.13112  0.66803   -8.16625  1.000 10.84202 ? 95  GLU A CB  1 
ATOM   562  C  CG  . GLU A 1 95  ? -2.62496  -0.80615  -8.17758  1.000 12.07655 ? 95  GLU A CG  1 
ATOM   563  C  CD  . GLU A 1 95  ? -3.58357  -1.77500  -8.81678  1.000 18.26539 ? 95  GLU A CD  1 
ATOM   564  O  OE1 . GLU A 1 95  ? -4.52582  -1.36569  -9.55436  1.000 15.35734 ? 95  GLU A OE1 1 
ATOM   565  O  OE2 . GLU A 1 95  ? -3.36658  -2.98362  -8.61590  1.000 15.73408 ? 95  GLU A OE2 1 
ATOM   566  N  N   . TRP A 1 96  ? -1.44149  1.82985   -10.45986 1.000 11.82519 ? 96  TRP A N   1 
ATOM   567  C  CA  . TRP A 1 96  ? -0.61533  1.53853   -11.62197 1.000 11.78567 ? 96  TRP A CA  1 
ATOM   568  C  C   . TRP A 1 96  ? 0.74066   2.23883   -11.50563 1.000 12.02496 ? 96  TRP A C   1 
ATOM   569  O  O   . TRP A 1 96  ? 1.78134   1.65388   -11.80926 1.000 12.42256 ? 96  TRP A O   1 
ATOM   570  C  CB  . TRP A 1 96  ? -1.37412  1.93591   -12.90491 1.000 13.78414 ? 96  TRP A CB  1 
ATOM   571  C  CG  . TRP A 1 96  ? -0.66551  1.32338   -14.08644 1.000 18.78221 ? 96  TRP A CG  1 
ATOM   572  C  CD1 . TRP A 1 96  ? -0.81859  0.04369   -14.57908 1.000 18.59316 ? 96  TRP A CD1 1 
ATOM   573  C  CD2 . TRP A 1 96  ? 0.34664   1.91719   -14.83162 1.000 20.25231 ? 96  TRP A CD2 1 
ATOM   574  N  NE1 . TRP A 1 96  ? 0.04759   -0.17927  -15.59597 1.000 20.80490 ? 96  TRP A NE1 1 
ATOM   575  C  CE2 . TRP A 1 96  ? 0.80018   0.95409   -15.76152 1.000 18.80708 ? 96  TRP A CE2 1 
ATOM   576  C  CE3 . TRP A 1 96  ? 0.94589   3.17521   -14.80130 1.000 18.19966 ? 96  TRP A CE3 1 
ATOM   577  C  CZ2 . TRP A 1 96  ? 1.79427   1.22327   -16.67186 1.000 23.43590 ? 96  TRP A CZ2 1 
ATOM   578  C  CZ3 . TRP A 1 96  ? 1.95093   3.43493   -15.70048 1.000 21.18127 ? 96  TRP A CZ3 1 
ATOM   579  C  CH2 . TRP A 1 96  ? 2.34776   2.47485   -16.62898 1.000 21.39691 ? 96  TRP A CH2 1 
ATOM   580  N  N   . ALA A 1 97  ? 0.74776   3.48233   -11.03606 1.000 10.32632 ? 97  ALA A N   1 
ATOM   581  C  CA  . ALA A 1 97  ? 2.02448   4.19260   -10.95694 1.000 9.24001  ? 97  ALA A CA  1 
ATOM   582  C  C   . ALA A 1 97  ? 2.91286   3.60640   -9.85593  1.000 10.86953 ? 97  ALA A C   1 
ATOM   583  O  O   . ALA A 1 97  ? 4.13787   3.56976   -9.98745  1.000 10.64434 ? 97  ALA A O   1 
ATOM   584  C  CB  . ALA A 1 97  ? 1.77565   5.69577   -10.72198 1.000 9.31406  ? 97  ALA A CB  1 
ATOM   585  N  N   . TRP A 1 98  ? 2.30629   3.16962   -8.75423  1.000 10.24121 ? 98  TRP A N   1 
ATOM   586  C  CA  . TRP A 1 98  ? 3.09949   2.59517   -7.66896  1.000 8.38312  ? 98  TRP A CA  1 
ATOM   587  C  C   . TRP A 1 98  ? 3.75005   1.28848   -8.09248  1.000 9.28751  ? 98  TRP A C   1 
ATOM   588  O  O   . TRP A 1 98  ? 4.89814   0.99782   -7.70775  1.000 11.70202 ? 98  TRP A O   1 
ATOM   589  C  CB  . TRP A 1 98  ? 2.17547   2.36313   -6.47424  1.000 10.39882 ? 98  TRP A CB  1 
ATOM   590  C  CG  . TRP A 1 98  ? 2.81018   2.07037   -5.14529  1.000 10.55462 ? 98  TRP A CG  1 
ATOM   591  C  CD1 . TRP A 1 98  ? 4.15866   2.05670   -4.81038  1.000 10.03681 ? 98  TRP A CD1 1 
ATOM   592  C  CD2 . TRP A 1 98  ? 2.08689   1.73701   -3.95782  1.000 8.95002  ? 98  TRP A CD2 1 
ATOM   593  N  NE1 . TRP A 1 98  ? 4.27706   1.76864   -3.44918  1.000 9.78786  ? 98  TRP A NE1 1 
ATOM   594  C  CE2 . TRP A 1 98  ? 3.02615   1.57651   -2.91767  1.000 9.90870  ? 98  TRP A CE2 1 
ATOM   595  C  CE3 . TRP A 1 98  ? 0.71253   1.60550   -3.66264  1.000 10.03516 ? 98  TRP A CE3 1 
ATOM   596  C  CZ2 . TRP A 1 98  ? 2.64953   1.25303   -1.59696  1.000 11.93812 ? 98  TRP A CZ2 1 
ATOM   597  C  CZ3 . TRP A 1 98  ? 0.32328   1.27260   -2.35942  1.000 10.51096 ? 98  TRP A CZ3 1 
ATOM   598  C  CH2 . TRP A 1 98  ? 1.30837   1.09333   -1.32860  1.000 10.14495 ? 98  TRP A CH2 1 
ATOM   599  N  N   . GLN A 1 99  ? 3.01274   0.48754   -8.87654  1.000 10.09083 ? 99  GLN A N   1 
ATOM   600  C  CA  . GLN A 1 99  ? 3.54616   -0.76678  -9.43639  1.000 12.06275 ? 99  GLN A CA  1 
ATOM   601  C  C   . GLN A 1 99  ? 4.55375   -0.54107  -10.56310 1.000 13.54644 ? 99  GLN A C   1 
ATOM   602  O  O   . GLN A 1 99  ? 5.41462   -1.39671  -10.79914 1.000 14.26190 ? 99  GLN A O   1 
ATOM   603  C  CB  . GLN A 1 99  ? 2.38947   -1.58881  -10.01168 1.000 13.40895 ? 99  GLN A CB  1 
ATOM   604  C  CG  . GLN A 1 99  ? 1.33711   -1.99977  -9.00667  1.000 19.14902 ? 99  GLN A CG  1 
ATOM   605  C  CD  . GLN A 1 99  ? 0.06791   -2.53862  -9.69173  1.000 22.79801 ? 99  GLN A CD  1 
ATOM   606  O  OE1 . GLN A 1 99  ? -0.36097  -2.07363  -10.78121 1.000 24.87817 ? 99  GLN A OE1 1 
ATOM   607  N  NE2 . GLN A 1 99  ? -0.56055  -3.50132  -9.04494  1.000 22.82886 ? 99  GLN A NE2 1 
ATOM   608  N  N   . HIS A 1 100 ? 4.41295   0.54638   -11.31786 1.000 10.65287 ? 100 HIS A N   1 
ATOM   609  C  CA  . HIS A 1 100 ? 5.22000   0.81358   -12.50976 1.000 12.08657 ? 100 HIS A CA  1 
ATOM   610  C  C   . HIS A 1 100 ? 5.79732   2.22276   -12.43224 1.000 11.92614 ? 100 HIS A C   1 
ATOM   611  O  O   . HIS A 1 100 ? 5.52095   3.06548   -13.29615 1.000 12.83009 ? 100 HIS A O   1 
ATOM   612  C  CB  . HIS A 1 100 ? 4.37365   0.66688   -13.78640 1.000 13.64395 ? 100 HIS A CB  1 
ATOM   613  C  CG  . HIS A 1 100 ? 3.62056   -0.61466  -13.86916 1.000 14.67533 ? 100 HIS A CG  1 
ATOM   614  N  ND1 . HIS A 1 100 ? 2.33905   -0.76106  -13.38649 1.000 17.09880 ? 100 HIS A ND1 1 
ATOM   615  C  CD2 . HIS A 1 100 ? 3.96043   -1.81421  -14.41168 1.000 21.46193 ? 100 HIS A CD2 1 
ATOM   616  C  CE1 . HIS A 1 100 ? 1.91830   -1.99285  -13.62276 1.000 17.57802 ? 100 HIS A CE1 1 
ATOM   617  N  NE2 . HIS A 1 100 ? 2.87572   -2.65454  -14.24278 1.000 21.34584 ? 100 HIS A NE2 1 
ATOM   618  N  N   . PRO A 1 101 ? 6.61767   2.51280   -11.41905 1.000 10.62168 ? 101 PRO A N   1 
ATOM   619  C  CA  . PRO A 1 101 ? 7.11218   3.89876   -11.24303 1.000 10.63316 ? 101 PRO A CA  1 
ATOM   620  C  C   . PRO A 1 101 ? 7.99155   4.34885   -12.37680 1.000 12.90033 ? 101 PRO A C   1 
ATOM   621  O  O   . PRO A 1 101 ? 8.06702   5.55709   -12.61339 1.000 15.93258 ? 101 PRO A O   1 
ATOM   622  C  CB  . PRO A 1 101 ? 7.89351   3.85224   -9.90878  1.000 12.29548 ? 101 PRO A CB  1 
ATOM   623  C  CG  . PRO A 1 101 ? 8.27164   2.33234   -9.76277  1.000 14.59938 ? 101 PRO A CG  1 
ATOM   624  C  CD  . PRO A 1 101 ? 7.06229   1.61684   -10.33307 1.000 13.96071 ? 101 PRO A CD  1 
ATOM   625  N  N   . ARG A 1 102 ? 8.61384   3.40560   -13.10176 1.000 13.51905 ? 102 ARG A N   1 
ATOM   626  C  CA  . ARG A 1 102 ? 9.50545   3.79165   -14.18567 1.000 17.11455 ? 102 ARG A CA  1 
ATOM   627  C  C   . ARG A 1 102 ? 8.76683   4.09097   -15.47107 1.000 17.22729 ? 102 ARG A C   1 
ATOM   628  O  O   . ARG A 1 102 ? 9.36374   4.74783   -16.32827 1.000 22.11176 ? 102 ARG A O   1 
ATOM   629  C  CB  . ARG A 1 102 ? 10.52675  2.71375   -14.50572 1.000 20.43502 ? 102 ARG A CB  1 
ATOM   630  C  CG  . ARG A 1 102 ? 11.15203  2.10419   -13.30116 1.000 22.12024 ? 102 ARG A CG  1 
ATOM   631  C  CD  . ARG A 1 102 ? 11.74914  3.15017   -12.44423 1.000 24.63109 ? 102 ARG A CD  1 
ATOM   632  N  NE  . ARG A 1 102 ? 13.18458  3.23728   -12.67385 1.000 33.06551 ? 102 ARG A NE  1 
ATOM   633  C  CZ  . ARG A 1 102 ? 14.06718  2.34698   -12.20321 1.000 28.80615 ? 102 ARG A CZ  1 
ATOM   634  N  N   . GLU A 1 103 ? 7.51635   3.61285   -15.61989 1.000 15.84570 ? 103 GLU A N   1 
ATOM   635  C  CA  . GLU A 1 103 ? 6.68006   3.99425   -16.76475 1.000 16.47877 ? 103 GLU A CA  1 
ATOM   636  C  C   . GLU A 1 103 ? 5.86921   5.25723   -16.51012 1.000 18.28016 ? 103 GLU A C   1 
ATOM   637  O  O   . GLU A 1 103 ? 5.68802   6.06567   -17.42312 1.000 19.55575 ? 103 GLU A O   1 
ATOM   638  C  CB  . GLU A 1 103 ? 5.74686   2.85177   -17.15927 1.000 13.34316 ? 103 GLU A CB  1 
ATOM   639  C  CG  . GLU A 1 103 ? 6.55384   1.61080   -17.65733 1.000 12.51697 ? 103 GLU A CG  1 
ATOM   640  C  CD  . GLU A 1 103 ? 5.78432   0.71821   -18.64645 1.000 13.56997 ? 103 GLU A CD  1 
ATOM   641  O  OE1 . GLU A 1 103 ? 4.97575   1.17822   -19.46608 1.000 14.92723 ? 103 GLU A OE1 1 
ATOM   642  O  OE2 . GLU A 1 103 ? 6.11781   -0.46939  -18.67853 1.000 14.86478 ? 103 GLU A OE2 1 
ATOM   643  N  N   . SER A 1 104 ? 5.40893   5.45332   -15.28813 1.000 13.82845 ? 104 SER A N   1 
ATOM   644  C  CA  . SER A 1 104 ? 4.55708   6.59970   -14.94903 1.000 12.14077 ? 104 SER A CA  1 
ATOM   645  C  C   . SER A 1 104 ? 5.20442   7.93163   -15.30615 1.000 13.76073 ? 104 SER A C   1 
ATOM   646  O  O   . SER A 1 104 ? 6.36649   8.17573   -14.98099 1.000 13.80762 ? 104 SER A O   1 
ATOM   647  C  CB  . SER A 1 104 ? 4.29798   6.56100   -13.43290 1.000 13.64580 ? 104 SER A CB  1 
ATOM   648  O  OG  . SER A 1 104 ? 3.78879   7.79145   -12.94146 1.000 13.93061 ? 104 SER A OG  1 
ATOM   649  N  N   . VAL A 1 105 ? 4.43470   8.81374   -15.95290 1.000 11.39677 ? 105 VAL A N   1 
ATOM   650  C  CA  . VAL A 1 105 ? 4.93787   10.18491  -16.16696 1.000 12.16159 ? 105 VAL A CA  1 
ATOM   651  C  C   . VAL A 1 105 ? 5.15424   10.88929  -14.84291 1.000 12.81899 ? 105 VAL A C   1 
ATOM   652  O  O   . VAL A 1 105 ? 6.16029   11.59543  -14.64510 1.000 14.68223 ? 105 VAL A O   1 
ATOM   653  C  CB  . VAL A 1 105 ? 3.95956   10.99172  -17.02190 1.000 13.44548 ? 105 VAL A CB  1 
ATOM   654  C  CG1 . VAL A 1 105 ? 4.60349   12.38740  -17.32984 1.000 15.36336 ? 105 VAL A CG1 1 
ATOM   655  C  CG2 . VAL A 1 105 ? 3.55133   10.24744  -18.31318 1.000 16.86231 ? 105 VAL A CG2 1 
ATOM   656  N  N   . ALA A 1 106 ? 4.19169   10.73985  -13.91606 1.000 12.54543 ? 106 ALA A N   1 
ATOM   657  C  CA  . ALA A 1 106 ? 4.24333   11.46759  -12.66222 1.000 11.55296 ? 106 ALA A CA  1 
ATOM   658  C  C   . ALA A 1 106 ? 5.45439   11.04505  -11.84774 1.000 14.05485 ? 106 ALA A C   1 
ATOM   659  O  O   . ALA A 1 106 ? 6.09740   11.87658  -11.19616 1.000 14.07478 ? 106 ALA A O   1 
ATOM   660  C  CB  . ALA A 1 106 ? 2.98287   11.23098  -11.83409 1.000 11.73077 ? 106 ALA A CB  1 
ATOM   661  N  N   . VAL A 1 107 ? 5.75927   9.74705   -11.84948 1.000 10.54552 ? 107 VAL A N   1 
ATOM   662  C  CA  . VAL A 1 107 ? 6.69496   9.21780   -10.86302 1.000 11.52132 ? 107 VAL A CA  1 
ATOM   663  C  C   . VAL A 1 107 ? 8.11365   9.06766   -11.41842 1.000 14.04239 ? 107 VAL A C   1 
ATOM   664  O  O   . VAL A 1 107 ? 9.06236   8.96313   -10.63691 1.000 15.10328 ? 107 VAL A O   1 
ATOM   665  C  CB  . VAL A 1 107 ? 6.16230   7.86757   -10.32189 1.000 10.81203 ? 107 VAL A CB  1 
ATOM   666  C  CG1 . VAL A 1 107 ? 7.07632   7.34536   -9.27173  1.000 13.75419 ? 107 VAL A CG1 1 
ATOM   667  C  CG2 . VAL A 1 107 ? 4.75102   8.08103   -9.75114  1.000 11.89790 ? 107 VAL A CG2 1 
ATOM   668  N  N   . ARG A 1 108 ? 8.29725   9.08259   -12.73225 1.000 15.46791 ? 108 ARG A N   1 
ATOM   669  C  CA  . ARG A 1 108 ? 9.57406   8.52581   -13.19646 1.000 15.37514 ? 108 ARG A CA  1 
ATOM   670  C  C   . ARG A 1 108 ? 10.77325  9.39906   -12.81306 1.000 15.28291 ? 108 ARG A C   1 
ATOM   671  O  O   . ARG A 1 108 ? 11.84726  8.85343   -12.54890 1.000 18.15170 ? 108 ARG A O   1 
ATOM   672  C  CB  . ARG A 1 108 ? 9.52006   8.31229   -14.68293 1.000 18.83703 ? 108 ARG A CB  1 
ATOM   673  C  CG  . ARG A 1 108 ? 9.26736   9.60625   -15.41031 1.000 18.58750 ? 108 ARG A CG  1 
ATOM   674  C  CD  . ARG A 1 108 ? 9.52985   9.31224   -16.84130 1.000 25.66743 ? 108 ARG A CD  1 
ATOM   675  N  NE  . ARG A 1 108 ? 9.56255   10.53220  -17.63394 1.000 24.70692 ? 108 ARG A NE  1 
ATOM   676  C  CZ  . ARG A 1 108 ? 9.74049   10.50270  -18.93930 1.000 30.59287 ? 108 ARG A CZ  1 
ATOM   677  N  NH1 . ARG A 1 108 ? 9.85136   9.30870   -19.51855 1.000 27.13978 ? 108 ARG A NH1 1 
ATOM   678  N  NH2 . ARG A 1 108 ? 9.73442   11.63152  -19.65715 1.000 26.45511 ? 108 ARG A NH2 1 
ATOM   679  N  N   . GLU A 1 109 ? 10.60502  10.72392  -12.71984 1.000 13.84176 ? 109 GLU A N   1 
ATOM   680  C  CA  . GLU A 1 109 ? 11.75885  11.54825  -12.36138 1.000 15.59409 ? 109 GLU A CA  1 
ATOM   681  C  C   . GLU A 1 109 ? 12.16197  11.28550  -10.92787 1.000 17.90126 ? 109 GLU A C   1 
ATOM   682  O  O   . GLU A 1 109 ? 13.34573  11.07885  -10.61593 1.000 19.72417 ? 109 GLU A O   1 
ATOM   683  C  CB  . GLU A 1 109 ? 11.45424  13.02921  -12.58954 1.000 22.80999 ? 109 GLU A CB  1 
ATOM   684  C  CG  . GLU A 1 109 ? 12.65124  13.89224  -12.30690 1.000 29.22591 ? 109 GLU A CG  1 
ATOM   685  C  CD  . GLU A 1 109 ? 12.35609  15.35831  -12.52321 1.000 42.28291 ? 109 GLU A CD  1 
ATOM   686  O  OE1 . GLU A 1 109 ? 11.62317  15.95019  -11.69154 1.000 44.76789 ? 109 GLU A OE1 1 
ATOM   687  O  OE2 . GLU A 1 109 ? 12.85831  15.90366  -13.52190 1.000 50.81869 ? 109 GLU A OE2 1 
ATOM   688  N  N   . ALA A 1 110 ? 11.17611  11.22837  -10.03782 1.000 15.85408 ? 110 ALA A N   1 
ATOM   689  C  CA  . ALA A 1 110 ? 11.49146  10.84387  -8.67688  1.000 17.45081 ? 110 ALA A CA  1 
ATOM   690  C  C   . ALA A 1 110 ? 12.06850  9.43456   -8.64227  1.000 19.76034 ? 110 ALA A C   1 
ATOM   691  O  O   . ALA A 1 110 ? 13.03466  9.16926   -7.91628  1.000 21.32952 ? 110 ALA A O   1 
ATOM   692  C  CB  . ALA A 1 110 ? 10.22312  10.95989  -7.81015  1.000 20.26072 ? 110 ALA A CB  1 
ATOM   693  N  N   . ALA A 1 111 ? 11.53055  8.52041   -9.46263  1.000 18.19757 ? 111 ALA A N   1 
ATOM   694  C  CA  . ALA A 1 111 ? 12.04613  7.13338   -9.40799  1.000 18.18659 ? 111 ALA A CA  1 
ATOM   695  C  C   . ALA A 1 111 ? 13.49086  7.04491   -9.88176  1.000 18.51722 ? 111 ALA A C   1 
ATOM   696  O  O   . ALA A 1 111 ? 14.23194  6.16958   -9.43029  1.000 18.08247 ? 111 ALA A O   1 
ATOM   697  C  CB  . ALA A 1 111 ? 11.17969  6.18770   -10.24199 1.000 21.88089 ? 111 ALA A CB  1 
ATOM   698  N  N   . ALA A 1 112 ? 13.91942  7.94978   -10.76505 1.000 18.30600 ? 112 ALA A N   1 
ATOM   699  C  CA  . ALA A 1 112 ? 15.27458  7.88942   -11.29121 1.000 19.81606 ? 112 ALA A CA  1 
ATOM   700  C  C   . ALA A 1 112 ? 16.32183  8.12949   -10.21979 1.000 23.43901 ? 112 ALA A C   1 
ATOM   701  O  O   . ALA A 1 112 ? 17.49983  7.87136   -10.47538 1.000 22.24535 ? 112 ALA A O   1 
ATOM   702  C  CB  . ALA A 1 112 ? 15.46845  8.92039   -12.41913 1.000 18.59235 ? 112 ALA A CB  1 
ATOM   703  N  N   . ALA A 1 113 ? 15.92748  8.60321   -9.04469  1.000 20.40459 ? 113 ALA A N   1 
ATOM   704  C  CA  . ALA A 1 113 ? 16.84052  8.87159   -7.95051  1.000 18.56086 ? 113 ALA A CA  1 
ATOM   705  C  C   . ALA A 1 113 ? 16.79418  7.81671   -6.85146  1.000 21.34014 ? 113 ALA A C   1 
ATOM   706  O  O   . ALA A 1 113 ? 17.51634  7.94478   -5.86648  1.000 22.10841 ? 113 ALA A O   1 
ATOM   707  C  CB  . ALA A 1 113 ? 16.52172  10.25792  -7.36359  1.000 23.99669 ? 113 ALA A CB  1 
ATOM   708  N  N   . PHE A 1 114 ? 15.99688  6.76257   -6.99559  1.000 18.15629 ? 114 PHE A N   1 
ATOM   709  C  CA  . PHE A 1 114 ? 15.90574  5.72907   -5.97087  1.000 14.84432 ? 114 PHE A CA  1 
ATOM   710  C  C   . PHE A 1 114 ? 17.03849  4.72922   -6.10178  1.000 18.21554 ? 114 PHE A C   1 
ATOM   711  O  O   . PHE A 1 114 ? 17.37978  4.33079   -7.21292  1.000 19.25581 ? 114 PHE A O   1 
ATOM   712  C  CB  . PHE A 1 114 ? 14.58232  4.95946   -6.11007  1.000 18.16943 ? 114 PHE A CB  1 
ATOM   713  C  CG  . PHE A 1 114 ? 13.47712  5.50781   -5.24245  1.000 16.32856 ? 114 PHE A CG  1 
ATOM   714  C  CD1 . PHE A 1 114 ? 13.07995  6.81255   -5.39133  1.000 20.14214 ? 114 PHE A CD1 1 
ATOM   715  C  CD2 . PHE A 1 114 ? 12.87791  4.72128   -4.26265  1.000 18.99146 ? 114 PHE A CD2 1 
ATOM   716  C  CE1 . PHE A 1 114 ? 12.08128  7.35795   -4.61510  1.000 20.62467 ? 114 PHE A CE1 1 
ATOM   717  C  CE2 . PHE A 1 114 ? 11.87228  5.27016   -3.45563  1.000 18.64358 ? 114 PHE A CE2 1 
ATOM   718  C  CZ  . PHE A 1 114 ? 11.49480  6.59817   -3.63036  1.000 18.90604 ? 114 PHE A CZ  1 
ATOM   719  N  N   . LYS A 1 115 ? 17.58118  4.30340   -4.94840  1.000 19.14938 ? 115 LYS A N   1 
ATOM   720  C  CA  . LYS A 1 115 ? 18.61943  3.28355   -4.86908  1.000 18.42201 ? 115 LYS A CA  1 
ATOM   721  C  C   . LYS A 1 115 ? 18.04372  1.87624   -4.90532  1.000 18.72280 ? 115 LYS A C   1 
ATOM   722  O  O   . LYS A 1 115 ? 18.75496  0.93702   -5.27496  1.000 21.76607 ? 115 LYS A O   1 
ATOM   723  C  CB  . LYS A 1 115 ? 19.41794  3.46082   -3.56387  1.000 22.66240 ? 115 LYS A CB  1 
ATOM   724  C  CG  . LYS A 1 115 ? 20.01025  4.88143   -3.37884  1.000 32.01384 ? 115 LYS A CG  1 
ATOM   725  C  CD  . LYS A 1 115 ? 21.08423  4.84660   -2.27066  1.000 34.45634 ? 115 LYS A CD  1 
ATOM   726  C  CE  . LYS A 1 115 ? 20.64455  5.64386   -1.05162  1.000 43.47064 ? 115 LYS A CE  1 
ATOM   727  N  NZ  . LYS A 1 115 ? 21.67674  5.65999   0.03613   1.000 43.77186 ? 115 LYS A NZ  1 
ATOM   728  N  N   . SER A 1 116 ? 16.76928  1.70499   -4.52848  1.000 19.20288 ? 116 SER A N   1 
ATOM   729  C  CA  . SER A 1 116 ? 16.16657  0.38300   -4.50939  1.000 18.26726 ? 116 SER A CA  1 
ATOM   730  C  C   . SER A 1 116 ? 14.66225  0.54937   -4.65998  1.000 16.58504 ? 116 SER A C   1 
ATOM   731  O  O   . SER A 1 116 ? 14.08145  1.51582   -4.15831  1.000 15.80925 ? 116 SER A O   1 
ATOM   732  C  CB  . SER A 1 116 ? 16.44284  -0.37878  -3.20348  1.000 19.86815 ? 116 SER A CB  1 
ATOM   733  O  OG  . SER A 1 116 ? 15.85894  -1.68065  -3.24441  1.000 20.27242 ? 116 SER A OG  1 
ATOM   734  N  N   . PHE A 1 117 ? 14.04335  -0.42842  -5.32293  1.000 15.98627 ? 117 PHE A N   1 
ATOM   735  C  CA  . PHE A 1 117 ? 12.59528  -0.52697  -5.37110  1.000 15.23358 ? 117 PHE A CA  1 
ATOM   736  C  C   . PHE A 1 117 ? 12.09144  -1.76770  -4.62777  1.000 12.03307 ? 117 PHE A C   1 
ATOM   737  O  O   . PHE A 1 117 ? 10.88840  -2.04964  -4.65073  1.000 13.69302 ? 117 PHE A O   1 
ATOM   738  C  CB  . PHE A 1 117 ? 12.12902  -0.53136  -6.83442  1.000 20.94381 ? 117 PHE A CB  1 
ATOM   739  C  CG  . PHE A 1 117 ? 12.35054  0.78375   -7.53209  1.000 18.97620 ? 117 PHE A CG  1 
ATOM   740  C  CD1 . PHE A 1 117 ? 11.41073  1.76984   -7.46022  1.000 17.32454 ? 117 PHE A CD1 1 
ATOM   741  C  CD2 . PHE A 1 117 ? 13.52714  1.03045   -8.19110  1.000 22.64066 ? 117 PHE A CD2 1 
ATOM   742  C  CE1 . PHE A 1 117 ? 11.63296  2.98744   -8.06200  1.000 16.40607 ? 117 PHE A CE1 1 
ATOM   743  C  CE2 . PHE A 1 117 ? 13.75564  2.24937   -8.81310  1.000 24.57903 ? 117 PHE A CE2 1 
ATOM   744  C  CZ  . PHE A 1 117 ? 12.81958  3.20402   -8.75704  1.000 18.32987 ? 117 PHE A CZ  1 
ATOM   745  N  N   . SER A 1 118 ? 12.97713  -2.52815  -3.97861  1.000 12.02417 ? 118 SER A N   1 
ATOM   746  C  CA  . SER A 1 118 ? 12.62174  -3.83099  -3.43809  1.000 12.18208 ? 118 SER A CA  1 
ATOM   747  C  C   . SER A 1 118 ? 12.38613  -3.76499  -1.94636  1.000 11.95897 ? 118 SER A C   1 
ATOM   748  O  O   . SER A 1 118 ? 13.11536  -3.06438  -1.23039  1.000 11.96985 ? 118 SER A O   1 
ATOM   749  C  CB  . SER A 1 118 ? 13.72658  -4.86712  -3.67499  1.000 16.80346 ? 118 SER A CB  1 
ATOM   750  O  OG  . SER A 1 118 ? 14.03210  -4.92968  -5.04117  1.000 24.75407 ? 118 SER A OG  1 
ATOM   751  N  N   . GLY A 1 119 ? 11.37716  -4.51157  -1.47919  1.000 11.35903 ? 119 GLY A N   1 
ATOM   752  C  CA  . GLY A 1 119 ? 11.12319  -4.62572  -0.05208  1.000 12.92394 ? 119 GLY A CA  1 
ATOM   753  C  C   . GLY A 1 119 ? 10.17514  -3.55263  0.46308   1.000 12.22796 ? 119 GLY A C   1 
ATOM   754  O  O   . GLY A 1 119 ? 10.01266  -2.48246  -0.14009  1.000 12.29772 ? 119 GLY A O   1 
ATOM   755  N  N   . VAL A 1 120 ? 9.63065   -3.80171  1.67307   1.000 9.77629  ? 120 VAL A N   1 
ATOM   756  C  CA  A VAL A 1 120 ? 8.67005   -2.87467  2.27317   0.520 12.28590 ? 120 VAL A CA  1 
ATOM   757  C  CA  B VAL A 1 120 ? 8.65811   -2.85661  2.24062   0.480 12.27120 ? 120 VAL A CA  1 
ATOM   758  C  C   . VAL A 1 120 ? 9.26881   -1.48026  2.42436   1.000 10.90734 ? 120 VAL A C   1 
ATOM   759  O  O   . VAL A 1 120 ? 8.59220   -0.45324  2.20418   1.000 12.16993 ? 120 VAL A O   1 
ATOM   760  C  CB  A VAL A 1 120 ? 8.20962   -3.44075  3.63486   0.520 13.01188 ? 120 VAL A CB  1 
ATOM   761  C  CB  B VAL A 1 120 ? 8.08615   -3.34712  3.58875   0.480 13.03382 ? 120 VAL A CB  1 
ATOM   762  C  CG1 A VAL A 1 120 ? 7.35048   -2.45599  4.36158   0.520 12.18363 ? 120 VAL A CG1 1 
ATOM   763  C  CG1 B VAL A 1 120 ? 6.92930   -4.30616  3.39163   0.480 16.31893 ? 120 VAL A CG1 1 
ATOM   764  C  CG2 A VAL A 1 120 ? 7.43144   -4.67676  3.42952   0.520 18.11499 ? 120 VAL A CG2 1 
ATOM   765  C  CG2 B VAL A 1 120 ? 9.17564   -3.87586  4.47773   0.480 11.22171 ? 120 VAL A CG2 1 
ATOM   766  N  N   . ALA A 1 121 ? 10.52823  -1.40288  2.89618   1.000 11.34307 ? 121 ALA A N   1 
ATOM   767  C  CA  . ALA A 1 121 ? 11.08533  -0.06939  3.13536   1.000 9.49013  ? 121 ALA A CA  1 
ATOM   768  C  C   . ALA A 1 121 ? 11.05795  0.75981   1.84996   1.000 11.69065 ? 121 ALA A C   1 
ATOM   769  O  O   . ALA A 1 121 ? 10.72674  1.96423   1.86889   1.000 12.63524 ? 121 ALA A O   1 
ATOM   770  C  CB  . ALA A 1 121 ? 12.51975  -0.18612  3.66370   1.000 11.27045 ? 121 ALA A CB  1 
ATOM   771  N  N   . SER A 1 122 ? 11.48527  0.14023   0.72973   1.000 10.71183 ? 122 SER A N   1 
ATOM   772  C  CA  . SER A 1 122 ? 11.46923  0.85117   -0.54675  1.000 9.87695  ? 122 SER A CA  1 
ATOM   773  C  C   . SER A 1 122 ? 10.05717  1.14565   -1.02649  1.000 10.51044 ? 122 SER A C   1 
ATOM   774  O  O   . SER A 1 122 ? 9.81695   2.22338   -1.56911  1.000 10.18812 ? 122 SER A O   1 
ATOM   775  C  CB  . SER A 1 122 ? 12.20728  0.07055   -1.63522  1.000 12.84988 ? 122 SER A CB  1 
ATOM   776  O  OG  . SER A 1 122 ? 13.52337  -0.31707  -1.17953  1.000 12.99984 ? 122 SER A OG  1 
ATOM   777  N  N   . LYS A 1 123 ? 9.12558   0.18593   -0.89243  1.000 10.15284 ? 123 LYS A N   1 
ATOM   778  C  CA  . LYS A 1 123 ? 7.78479   0.48045   -1.41216  1.000 10.55696 ? 123 LYS A CA  1 
ATOM   779  C  C   . LYS A 1 123 ? 7.13542   1.61390   -0.61658  1.000 9.74817  ? 123 LYS A C   1 
ATOM   780  O  O   . LYS A 1 123 ? 6.33027   2.38694   -1.17594  1.000 10.87189 ? 123 LYS A O   1 
ATOM   781  C  CB  . LYS A 1 123 ? 6.89059   -0.76145  -1.35737  1.000 9.89655  ? 123 LYS A CB  1 
ATOM   782  C  CG  . LYS A 1 123 ? 7.39130   -1.94848  -2.22786  1.000 10.29868 ? 123 LYS A CG  1 
ATOM   783  C  CD  . LYS A 1 123 ? 7.58058   -1.55423  -3.66009  1.000 12.55427 ? 123 LYS A CD  1 
ATOM   784  C  CE  . LYS A 1 123 ? 7.82333   -2.78081  -4.52492  1.000 17.10724 ? 123 LYS A CE  1 
ATOM   785  N  NZ  . LYS A 1 123 ? 8.36658   -2.44257  -5.88859  1.000 16.13860 ? 123 LYS A NZ  1 
ATOM   786  N  N   . ILE A 1 124 ? 7.42837   1.71865   0.69002   1.000 9.40126  ? 124 ILE A N   1 
ATOM   787  C  CA  . ILE A 1 124 ? 6.83388   2.80618   1.48024   1.000 9.79584  ? 124 ILE A CA  1 
ATOM   788  C  C   . ILE A 1 124 ? 7.50556   4.13781   1.15887   1.000 11.19622 ? 124 ILE A C   1 
ATOM   789  O  O   . ILE A 1 124 ? 6.85149   5.17973   1.02786   1.000 11.16701 ? 124 ILE A O   1 
ATOM   790  C  CB  . ILE A 1 124 ? 6.91280   2.46490   2.99031   1.000 9.74608  ? 124 ILE A CB  1 
ATOM   791  C  CG1 . ILE A 1 124 ? 5.94467   1.29734   3.28963   1.000 11.56953 ? 124 ILE A CG1 1 
ATOM   792  C  CG2 . ILE A 1 124 ? 6.51991   3.70512   3.82483   1.000 12.80541 ? 124 ILE A CG2 1 
ATOM   793  C  CD1 . ILE A 1 124 ? 6.08631   0.78196   4.74334   1.000 13.68869 ? 124 ILE A CD1 1 
ATOM   794  N  N   . LYS A 1 125 ? 8.84012   4.14482   1.02859   1.000 11.84379 ? 125 LYS A N   1 
ATOM   795  C  CA  A LYS A 1 125 ? 9.49490   5.37486   0.60995   0.378 10.19171 ? 125 LYS A CA  1 
ATOM   796  C  CA  B LYS A 1 125 ? 9.50479   5.37446   0.60742   0.622 10.13609 ? 125 LYS A CA  1 
ATOM   797  C  C   . LYS A 1 125 ? 8.95087   5.85802   -0.72408  1.000 11.13157 ? 125 LYS A C   1 
ATOM   798  O  O   . LYS A 1 125 ? 8.73195   7.07113   -0.92224  1.000 10.64381 ? 125 LYS A O   1 
ATOM   799  C  CB  A LYS A 1 125 ? 10.99445  5.14039   0.53252   0.378 12.03788 ? 125 LYS A CB  1 
ATOM   800  C  CB  B LYS A 1 125 ? 11.02197  5.15409   0.49658   0.622 12.02884 ? 125 LYS A CB  1 
ATOM   801  C  CG  A LYS A 1 125 ? 11.59793  5.32318   1.87248   0.378 12.24100 ? 125 LYS A CG  1 
ATOM   802  C  CG  B LYS A 1 125 ? 11.80764  6.45507   0.21792   0.622 14.39569 ? 125 LYS A CG  1 
ATOM   803  N  N   . LEU A 1 126 ? 8.74212   4.92519   -1.65630  1.000 10.84248 ? 126 LEU A N   1 
ATOM   804  C  CA  . LEU A 1 126 ? 8.16290   5.27820   -2.95644  1.000 9.60229  ? 126 LEU A CA  1 
ATOM   805  C  C   . LEU A 1 126 ? 6.75484   5.84310   -2.80194  1.000 10.90298 ? 126 LEU A C   1 
ATOM   806  O  O   . LEU A 1 126 ? 6.42071   6.86963   -3.43382  1.000 11.39769 ? 126 LEU A O   1 
ATOM   807  C  CB  . LEU A 1 126 ? 8.17210   4.04056   -3.88173  1.000 10.31171 ? 126 LEU A CB  1 
ATOM   808  C  CG  . LEU A 1 126 ? 7.51046   4.20202   -5.24134  1.000 10.24810 ? 126 LEU A CG  1 
ATOM   809  C  CD1 . LEU A 1 126 ? 8.17319   5.38871   -5.95946  1.000 12.41303 ? 126 LEU A CD1 1 
ATOM   810  C  CD2 . LEU A 1 126 ? 7.61958   2.83871   -6.05972  1.000 12.47644 ? 126 LEU A CD2 1 
ATOM   811  N  N   . VAL A 1 127 ? 5.90358   5.20034   -1.97712  1.000 10.89108 ? 127 VAL A N   1 
ATOM   812  C  CA  . VAL A 1 127 ? 4.52399   5.70163   -1.93584  1.000 9.60050  ? 127 VAL A CA  1 
ATOM   813  C  C   . VAL A 1 127 ? 4.44950   7.06654   -1.22847  1.000 10.70738 ? 127 VAL A C   1 
ATOM   814  O  O   . VAL A 1 127 ? 3.63969   7.92076   -1.61100  1.000 10.85047 ? 127 VAL A O   1 
ATOM   815  C  CB  . VAL A 1 127 ? 3.58364   4.63977   -1.33426  1.000 12.26900 ? 127 VAL A CB  1 
ATOM   816  C  CG1 . VAL A 1 127 ? 3.59686   4.61018   0.16089   1.000 9.62031  ? 127 VAL A CG1 1 
ATOM   817  C  CG2 . VAL A 1 127 ? 2.18144   4.84962   -1.92741  1.000 10.67156 ? 127 VAL A CG2 1 
ATOM   818  N  N   . TYR A 1 128 ? 5.27163   7.31034   -0.19187  1.000 9.88633  ? 128 TYR A N   1 
ATOM   819  C  CA  . TYR A 1 128 ? 5.29907   8.66295   0.39994   1.000 11.86858 ? 128 TYR A CA  1 
ATOM   820  C  C   . TYR A 1 128 ? 5.81043   9.69586   -0.59925  1.000 12.62590 ? 128 TYR A C   1 
ATOM   821  O  O   . TYR A 1 128 ? 5.32751   10.84817  -0.63595  1.000 12.17692 ? 128 TYR A O   1 
ATOM   822  C  CB  . TYR A 1 128 ? 6.20551   8.66806   1.63658   1.000 11.71029 ? 128 TYR A CB  1 
ATOM   823  C  CG  . TYR A 1 128 ? 5.51434   8.21851   2.91187   1.000 11.77703 ? 128 TYR A CG  1 
ATOM   824  C  CD1 . TYR A 1 128 ? 4.76501   7.04315   2.96425   1.000 12.69369 ? 128 TYR A CD1 1 
ATOM   825  C  CD2 . TYR A 1 128 ? 5.57128   9.00262   4.07121   1.000 14.72809 ? 128 TYR A CD2 1 
ATOM   826  C  CE1 . TYR A 1 128 ? 4.16075   6.62754   4.13447   1.000 13.34455 ? 128 TYR A CE1 1 
ATOM   827  C  CE2 . TYR A 1 128 ? 4.92727   8.60446   5.24295   1.000 15.41668 ? 128 TYR A CE2 1 
ATOM   828  C  CZ  . TYR A 1 128 ? 4.22866   7.40182   5.27607   1.000 15.18543 ? 128 TYR A CZ  1 
ATOM   829  O  OH  . TYR A 1 128 ? 3.60143   6.95738   6.45165   1.000 16.75860 ? 128 TYR A OH  1 
ATOM   830  N  N   . THR A 1 129 ? 6.78562   9.29277   -1.43354  1.000 10.07653 ? 129 THR A N   1 
ATOM   831  C  CA  . THR A 1 129 ? 7.21521   10.17613  -2.50319  1.000 10.67652 ? 129 THR A CA  1 
ATOM   832  C  C   . THR A 1 129 ? 6.03656   10.47727  -3.42665  1.000 11.46115 ? 129 THR A C   1 
ATOM   833  O  O   . THR A 1 129 ? 5.80275   11.62957  -3.80379  1.000 11.70978 ? 129 THR A O   1 
ATOM   834  C  CB  . THR A 1 129 ? 8.36428   9.51000   -3.26687  1.000 11.53619 ? 129 THR A CB  1 
ATOM   835  O  OG1 . THR A 1 129 ? 9.49603   9.41388   -2.37294  1.000 13.05779 ? 129 THR A OG1 1 
ATOM   836  C  CG2 . THR A 1 129 ? 8.77066   10.38020  -4.47945  1.000 17.16433 ? 129 THR A CG2 1 
ATOM   837  N  N   . MET A 1 130 ? 5.29128   9.44030   -3.80356  1.000 10.64894 ? 130 MET A N   1 
ATOM   838  C  CA  . MET A 1 130 ? 4.15828   9.65293   -4.70988  1.000 8.98962  ? 130 MET A CA  1 
ATOM   839  C  C   . MET A 1 130 ? 3.13818   10.59755  -4.10732  1.000 11.57249 ? 130 MET A C   1 
ATOM   840  O  O   . MET A 1 130 ? 2.53958   11.40587  -4.81736  1.000 10.44820 ? 130 MET A O   1 
ATOM   841  C  CB  . MET A 1 130 ? 3.46838   8.32223   -5.03351  1.000 10.54384 ? 130 MET A CB  1 
ATOM   842  C  CG  . MET A 1 130 ? 4.34802   7.46638   -5.94765  1.000 11.17535 ? 130 MET A CG  1 
ATOM   843  S  SD  . MET A 1 130 ? 3.58947   5.82640   -6.21226  1.000 12.65078 ? 130 MET A SD  1 
ATOM   844  C  CE  . MET A 1 130 ? 1.94735   6.28202   -6.86366  1.000 11.46155 ? 130 MET A CE  1 
ATOM   845  N  N   . LEU A 1 131 ? 2.85397   10.43067  -2.82196  1.000 11.31111 ? 131 LEU A N   1 
ATOM   846  C  CA  . LEU A 1 131 ? 1.82679   11.25854  -2.18446  1.000 10.76856 ? 131 LEU A CA  1 
ATOM   847  C  C   . LEU A 1 131 ? 2.22754   12.71596  -2.18374  1.000 13.50199 ? 131 LEU A C   1 
ATOM   848  O  O   . LEU A 1 131 ? 1.36253   13.57641  -1.99426  1.000 11.26415 ? 131 LEU A O   1 
ATOM   849  C  CB  . LEU A 1 131 ? 1.56604   10.76010  -0.74806  1.000 12.18240 ? 131 LEU A CB  1 
ATOM   850  C  CG  . LEU A 1 131 ? 0.90229   9.37616   -0.66391  1.000 10.47167 ? 131 LEU A CG  1 
ATOM   851  C  CD1 . LEU A 1 131 ? 0.92815   8.87486   0.80281   1.000 11.67073 ? 131 LEU A CD1 1 
ATOM   852  C  CD2 . LEU A 1 131 ? -0.54007  9.55801   -1.05346  1.000 11.07823 ? 131 LEU A CD2 1 
ATOM   853  N  N   . ASN A 1 132 ? 3.50529   13.00893  -2.40779  1.000 10.90252 ? 132 ASN A N   1 
ATOM   854  C  CA  . ASN A 1 132 ? 3.96244   14.39504  -2.52025  1.000 11.22792 ? 132 ASN A CA  1 
ATOM   855  C  C   . ASN A 1 132 ? 3.97213   14.93124  -3.95301  1.000 13.65253 ? 132 ASN A C   1 
ATOM   856  O  O   . ASN A 1 132 ? 4.22461   16.12774  -4.15736  1.000 13.29717 ? 132 ASN A O   1 
ATOM   857  C  CB  . ASN A 1 132 ? 5.37634   14.51089  -1.92176  1.000 12.72076 ? 132 ASN A CB  1 
ATOM   858  C  CG  . ASN A 1 132 ? 5.33293   14.71053  -0.44523  1.000 13.52269 ? 132 ASN A CG  1 
ATOM   859  O  OD1 . ASN A 1 132 ? 5.05339   15.84063  0.00671   1.000 17.06774 ? 132 ASN A OD1 1 
ATOM   860  N  ND2 . ASN A 1 132 ? 5.50962   13.62429  0.33550   1.000 12.24068 ? 132 ASN A ND2 1 
ATOM   861  N  N   . LEU A 1 133 ? 3.66515   14.08302  -4.97310  1.000 12.19101 ? 133 LEU A N   1 
ATOM   862  C  CA  . LEU A 1 133 ? 3.71405   14.54249  -6.35480  1.000 10.60029 ? 133 LEU A CA  1 
ATOM   863  C  C   . LEU A 1 133 ? 2.42873   15.28605  -6.70449  1.000 11.62116 ? 133 LEU A C   1 
ATOM   864  O  O   . LEU A 1 133 ? 1.36080   14.98041  -6.15785  1.000 11.80247 ? 133 LEU A O   1 
ATOM   865  C  CB  . LEU A 1 133 ? 3.87098   13.36949  -7.31604  1.000 12.77570 ? 133 LEU A CB  1 
ATOM   866  C  CG  . LEU A 1 133 ? 5.16594   12.62315  -7.03479  1.000 13.26396 ? 133 LEU A CG  1 
ATOM   867  C  CD1 . LEU A 1 133 ? 5.18247   11.33811  -7.90387  1.000 13.43734 ? 133 LEU A CD1 1 
ATOM   868  C  CD2 . LEU A 1 133 ? 6.42296   13.49688  -7.31814  1.000 14.98967 ? 133 LEU A CD2 1 
ATOM   869  N  N   . PRO A 1 134 ? 2.51070   16.25473  -7.64106  1.000 12.53567 ? 134 PRO A N   1 
ATOM   870  C  CA  . PRO A 1 134 ? 1.29975   16.97863  -8.06568  1.000 12.52623 ? 134 PRO A CA  1 
ATOM   871  C  C   . PRO A 1 134 ? 0.14753   16.10381  -8.46310  1.000 13.48420 ? 134 PRO A C   1 
ATOM   872  O  O   . PRO A 1 134 ? -1.00325  16.49934  -8.21751  1.000 14.76259 ? 134 PRO A O   1 
ATOM   873  C  CB  . PRO A 1 134 ? 1.78633   17.80417  -9.27227  1.000 13.53718 ? 134 PRO A CB  1 
ATOM   874  C  CG  . PRO A 1 134 ? 3.19500   18.07578  -8.95559  1.000 15.28337 ? 134 PRO A CG  1 
ATOM   875  C  CD  . PRO A 1 134 ? 3.72453   16.82043  -8.23055  1.000 14.32851 ? 134 PRO A CD  1 
ATOM   876  N  N   . ALA A 1 135 ? 0.40401   14.91235  -9.04399  1.000 12.68151 ? 135 ALA A N   1 
ATOM   877  C  CA  . ALA A 1 135 ? -0.70155  14.05434  -9.47310  1.000 14.39923 ? 135 ALA A CA  1 
ATOM   878  C  C   . ALA A 1 135 ? -1.62136  13.65494  -8.32399  1.000 12.43256 ? 135 ALA A C   1 
ATOM   879  O  O   . ALA A 1 135 ? -2.81789  13.42783  -8.54086  1.000 14.15909 ? 135 ALA A O   1 
ATOM   880  C  CB  . ALA A 1 135 ? -0.13275  12.78448  -10.15452 1.000 13.92295 ? 135 ALA A CB  1 
ATOM   881  N  N   . TRP A 1 136 ? -1.09350  13.56020  -7.08556  1.000 11.04615 ? 136 TRP A N   1 
ATOM   882  C  CA  . TRP A 1 136 ? -1.90046  13.11166  -5.95507  1.000 10.17952 ? 136 TRP A CA  1 
ATOM   883  C  C   . TRP A 1 136 ? -1.86043  14.01560  -4.72974  1.000 11.20332 ? 136 TRP A C   1 
ATOM   884  O  O   . TRP A 1 136 ? -2.62296  13.75915  -3.80960  1.000 12.60887 ? 136 TRP A O   1 
ATOM   885  C  CB  . TRP A 1 136 ? -1.47646  11.66585  -5.54098  1.000 12.12996 ? 136 TRP A CB  1 
ATOM   886  C  CG  . TRP A 1 136 ? -1.66273  10.75297  -6.69873  1.000 10.22565 ? 136 TRP A CG  1 
ATOM   887  C  CD1 . TRP A 1 136 ? -2.85779  10.28654  -7.19868  1.000 12.00504 ? 136 TRP A CD1 1 
ATOM   888  C  CD2 . TRP A 1 136 ? -0.62927  10.22675  -7.56179  1.000 10.96077 ? 136 TRP A CD2 1 
ATOM   889  N  NE1 . TRP A 1 136 ? -2.60934  9.51011   -8.34475  1.000 11.67619 ? 136 TRP A NE1 1 
ATOM   890  C  CE2 . TRP A 1 136 ? -1.26329  9.45858   -8.56858  1.000 11.71767 ? 136 TRP A CE2 1 
ATOM   891  C  CE3 . TRP A 1 136 ? 0.76216   10.35287  -7.58940  1.000 11.03772 ? 136 TRP A CE3 1 
ATOM   892  C  CZ2 . TRP A 1 136 ? -0.54748  8.80531   -9.57933  1.000 11.62497 ? 136 TRP A CZ2 1 
ATOM   893  C  CZ3 . TRP A 1 136 ? 1.47289   9.71424   -8.59283  1.000 10.93341 ? 136 TRP A CZ3 1 
ATOM   894  C  CH2 . TRP A 1 136 ? 0.81821   8.94997   -9.58136  1.000 11.91780 ? 136 TRP A CH2 1 
ATOM   895  N  N   . ASN A 1 137 ? -1.02620  15.05251  -4.67940  1.000 13.11648 ? 137 ASN A N   1 
ATOM   896  C  CA  . ASN A 1 137 ? -0.79312  15.69039  -3.39193  1.000 11.33494 ? 137 ASN A CA  1 
ATOM   897  C  C   . ASN A 1 137 ? -1.90332  16.65265  -2.99071  1.000 12.87168 ? 137 ASN A C   1 
ATOM   898  O  O   . ASN A 1 137 ? -1.79790  17.24212  -1.91276  1.000 14.44348 ? 137 ASN A O   1 
ATOM   899  C  CB  . ASN A 1 137 ? 0.59510   16.38040  -3.36945  1.000 11.30614 ? 137 ASN A CB  1 
ATOM   900  C  CG  . ASN A 1 137 ? 0.70612   17.56290  -4.32408  1.000 11.12173 ? 137 ASN A CG  1 
ATOM   901  O  OD1 . ASN A 1 137 ? -0.29417  18.15726  -4.72913  1.000 14.39786 ? 137 ASN A OD1 1 
ATOM   902  N  ND2 . ASN A 1 137 ? 1.94696   17.93576  -4.64655  1.000 13.60153 ? 137 ASN A ND2 1 
ATOM   903  N  N   . SER A 1 138 ? -2.94106  16.80771  -3.81056  1.000 12.22217 ? 138 SER A N   1 
ATOM   904  C  CA  . SER A 1 138 ? -4.10033  17.58154  -3.42597  1.000 12.69471 ? 138 SER A CA  1 
ATOM   905  C  C   . SER A 1 138 ? -5.25547  16.70619  -2.97435  1.000 14.00709 ? 138 SER A C   1 
ATOM   906  O  O   . SER A 1 138 ? -6.32553  17.22908  -2.65474  1.000 16.55042 ? 138 SER A O   1 
ATOM   907  C  CB  . SER A 1 138 ? -4.50500  18.50760  -4.59744  1.000 15.03905 ? 138 SER A CB  1 
ATOM   908  O  OG  . SER A 1 138 ? -5.29372  19.58179  -4.09789  1.000 17.09920 ? 138 SER A OG  1 
ATOM   909  N  N   . LEU A 1 139 ? -5.09726  15.38471  -2.96936  1.000 11.41003 ? 139 LEU A N   1 
ATOM   910  C  CA  . LEU A 1 139 ? -6.20179  14.50696  -2.62895  1.000 13.28250 ? 139 LEU A CA  1 
ATOM   911  C  C   . LEU A 1 139 ? -6.27731  14.31939  -1.10529  1.000 14.69182 ? 139 LEU A C   1 
ATOM   912  O  O   . LEU A 1 139 ? -5.27331  14.44362  -0.39832  1.000 13.03519 ? 139 LEU A O   1 
ATOM   913  C  CB  . LEU A 1 139 ? -6.03802  13.15229  -3.33083  1.000 11.70133 ? 139 LEU A CB  1 
ATOM   914  C  CG  . LEU A 1 139 ? -6.03836  13.20791  -4.85858  1.000 12.39154 ? 139 LEU A CG  1 
ATOM   915  C  CD1 . LEU A 1 139 ? -5.82429  11.73442  -5.34265  1.000 14.09523 ? 139 LEU A CD1 1 
ATOM   916  C  CD2 . LEU A 1 139 ? -7.37441  13.65338  -5.32962  1.000 16.30809 ? 139 LEU A CD2 1 
ATOM   917  N  N   . ASN A 1 140 ? -7.49134  14.04527  -0.59334  1.000 12.87669 ? 140 ASN A N   1 
ATOM   918  C  CA  . ASN A 1 140 ? -7.68069  13.92691  0.84746   1.000 13.58890 ? 140 ASN A CA  1 
ATOM   919  C  C   . ASN A 1 140 ? -7.49228  12.47184  1.23868   1.000 14.55747 ? 140 ASN A C   1 
ATOM   920  O  O   . ASN A 1 140 ? -8.45618  11.72160  1.43733   1.000 16.46433 ? 140 ASN A O   1 
ATOM   921  C  CB  . ASN A 1 140 ? -9.07780  14.39871  1.26107   1.000 16.61734 ? 140 ASN A CB  1 
ATOM   922  C  CG  . ASN A 1 140 ? -9.20670  15.89002  1.22568   1.000 26.68654 ? 140 ASN A CG  1 
ATOM   923  O  OD1 . ASN A 1 140 ? -8.25714  16.59444  1.52192   1.000 25.57841 ? 140 ASN A OD1 1 
ATOM   924  N  ND2 . ASN A 1 140 ? -10.39240 16.38992  0.85938   1.000 29.69124 ? 140 ASN A ND2 1 
ATOM   925  N  N   . LEU A 1 141 ? -6.22751  12.06521  1.34685   1.000 11.69478 ? 141 LEU A N   1 
ATOM   926  C  CA  . LEU A 1 141 ? -5.87759  10.65061  1.46106   1.000 13.55011 ? 141 LEU A CA  1 
ATOM   927  C  C   . LEU A 1 141 ? -5.44433  10.33921  2.88249   1.000 15.37841 ? 141 LEU A C   1 
ATOM   928  O  O   . LEU A 1 141 ? -4.94536  11.22238  3.60640   1.000 14.99701 ? 141 LEU A O   1 
ATOM   929  C  CB  . LEU A 1 141 ? -4.74006  10.25931  0.50222   1.000 13.36749 ? 141 LEU A CB  1 
ATOM   930  C  CG  . LEU A 1 141 ? -5.08782  10.48977  -0.97215  1.000 10.72745 ? 141 LEU A CG  1 
ATOM   931  C  CD1 . LEU A 1 141 ? -3.90827  10.14987  -1.81011  1.000 13.01390 ? 141 LEU A CD1 1 
ATOM   932  C  CD2 . LEU A 1 141 ? -6.25703  9.60424   -1.30887  1.000 12.41386 ? 141 LEU A CD2 1 
ATOM   933  N  N   . THR A 1 142 ? -5.63390  9.06921   3.26502   1.000 12.46506 ? 142 THR A N   1 
ATOM   934  C  CA  . THR A 1 142 ? -5.22559  8.53063   4.56553   1.000 13.86456 ? 142 THR A CA  1 
ATOM   935  C  C   . THR A 1 142 ? -4.30002  7.36283   4.33697   1.000 14.72525 ? 142 THR A C   1 
ATOM   936  O  O   . THR A 1 142 ? -4.61938  6.48170   3.52980   1.000 13.16605 ? 142 THR A O   1 
ATOM   937  C  CB  . THR A 1 142 ? -6.43010  8.03546   5.36895   1.000 13.64697 ? 142 THR A CB  1 
ATOM   938  O  OG1 . THR A 1 142 ? -7.26571  9.16976   5.63967   1.000 16.38727 ? 142 THR A OG1 1 
ATOM   939  C  CG2 . THR A 1 142 ? -5.97367  7.43440   6.68815   1.000 16.02227 ? 142 THR A CG2 1 
ATOM   940  N  N   . VAL A 1 143 ? -3.17699  7.36379   5.05705   1.000 11.73520 ? 143 VAL A N   1 
ATOM   941  C  CA  . VAL A 1 143 ? -2.26003  6.22837   5.09784   1.000 10.71328 ? 143 VAL A CA  1 
ATOM   942  C  C   . VAL A 1 143 ? -2.61310  5.44721   6.35095   1.000 14.31071 ? 143 VAL A C   1 
ATOM   943  O  O   . VAL A 1 143 ? -2.46390  5.96888   7.46295   1.000 14.11481 ? 143 VAL A O   1 
ATOM   944  C  CB  . VAL A 1 143 ? -0.80028  6.70131   5.14922   1.000 11.75203 ? 143 VAL A CB  1 
ATOM   945  C  CG1 . VAL A 1 143 ? 0.14515   5.52457   5.26282   1.000 12.26568 ? 143 VAL A CG1 1 
ATOM   946  C  CG2 . VAL A 1 143 ? -0.47356  7.49893   3.86957   1.000 13.29301 ? 143 VAL A CG2 1 
ATOM   947  N  N   . ASN A 1 144 ? -3.08339  4.21410   6.18120   1.000 12.73325 ? 144 ASN A N   1 
ATOM   948  C  CA  . ASN A 1 144 ? -3.47540  3.37039   7.29758   1.000 12.87194 ? 144 ASN A CA  1 
ATOM   949  C  C   . ASN A 1 144 ? -2.49373  2.21922   7.45042   1.000 12.97748 ? 144 ASN A C   1 
ATOM   950  O  O   . ASN A 1 144 ? -2.52176  1.26698   6.65800   1.000 12.77893 ? 144 ASN A O   1 
ATOM   951  C  CB  . ASN A 1 144 ? -4.89241  2.85022   7.08763   1.000 13.80287 ? 144 ASN A CB  1 
ATOM   952  C  CG  . ASN A 1 144 ? -5.40214  2.08941   8.29254   1.000 18.52129 ? 144 ASN A CG  1 
ATOM   953  O  OD1 . ASN A 1 144 ? -6.06987  2.66459   9.13657   1.000 20.05250 ? 144 ASN A OD1 1 
ATOM   954  N  ND2 . ASN A 1 144 ? -5.02574  0.81249   8.41081   1.000 15.42175 ? 144 ASN A ND2 1 
ATOM   955  N  N   . TYR A 1 145 ? -1.67082  2.26489   8.50444   1.000 14.07641 ? 145 TYR A N   1 
ATOM   956  C  CA  . TYR A 1 145 ? -0.89239  1.09308   8.86627   1.000 14.44922 ? 145 TYR A CA  1 
ATOM   957  C  C   . TYR A 1 145 ? -1.75421  0.12516   9.64456   1.000 18.49435 ? 145 TYR A C   1 
ATOM   958  O  O   . TYR A 1 145 ? -2.52800  0.54452   10.49452  1.000 16.60500 ? 145 TYR A O   1 
ATOM   959  C  CB  . TYR A 1 145 ? 0.30484   1.49624   9.73763   1.000 13.84047 ? 145 TYR A CB  1 
ATOM   960  C  CG  . TYR A 1 145 ? 1.35771   2.23456   8.96517   1.000 12.84999 ? 145 TYR A CG  1 
ATOM   961  C  CD1 . TYR A 1 145 ? 2.35204   1.52947   8.24469   1.000 13.69047 ? 145 TYR A CD1 1 
ATOM   962  C  CD2 . TYR A 1 145 ? 1.38488   3.61610   8.95929   1.000 15.54015 ? 145 TYR A CD2 1 
ATOM   963  C  CE1 . TYR A 1 145 ? 3.31382   2.22439   7.52288   1.000 11.25699 ? 145 TYR A CE1 1 
ATOM   964  C  CE2 . TYR A 1 145 ? 2.33525   4.30954   8.23526   1.000 16.99216 ? 145 TYR A CE2 1 
ATOM   965  C  CZ  . TYR A 1 145 ? 3.29029   3.59706   7.52861   1.000 14.28790 ? 145 TYR A CZ  1 
ATOM   966  O  OH  . TYR A 1 145 ? 4.23708   4.31402   6.83533   1.000 16.32348 ? 145 TYR A OH  1 
ATOM   967  N  N   . PHE A 1 146 ? -1.63910  -1.17547  9.33829   1.000 16.39027 ? 146 PHE A N   1 
ATOM   968  C  CA  . PHE A 1 146 ? -2.43771  -2.14685  10.07272  1.000 18.08873 ? 146 PHE A CA  1 
ATOM   969  C  C   . PHE A 1 146 ? -1.75778  -2.61294  11.33912  1.000 23.81061 ? 146 PHE A C   1 
ATOM   970  O  O   . PHE A 1 146 ? -2.43331  -3.15911  12.22829  1.000 22.58545 ? 146 PHE A O   1 
ATOM   971  C  CB  . PHE A 1 146 ? -2.77802  -3.31997  9.17540   1.000 17.46247 ? 146 PHE A CB  1 
ATOM   972  C  CG  . PHE A 1 146 ? -3.72599  -2.93512  8.12878   1.000 17.21791 ? 146 PHE A CG  1 
ATOM   973  C  CD1 . PHE A 1 146 ? -5.05908  -2.75854  8.46794   1.000 19.21233 ? 146 PHE A CD1 1 
ATOM   974  C  CD2 . PHE A 1 146 ? -3.29766  -2.61469  6.83608   1.000 16.71088 ? 146 PHE A CD2 1 
ATOM   975  C  CE1 . PHE A 1 146 ? -5.98444  -2.35529  7.51960   1.000 16.54864 ? 146 PHE A CE1 1 
ATOM   976  C  CE2 . PHE A 1 146 ? -4.21460  -2.23302  5.89710   1.000 18.72351 ? 146 PHE A CE2 1 
ATOM   977  C  CZ  . PHE A 1 146 ? -5.55132  -2.11323  6.22890   1.000 17.09962 ? 146 PHE A CZ  1 
ATOM   978  N  N   . SER A 1 147 ? -0.46435  -2.32996  11.46723  1.000 20.61588 ? 147 SER A N   1 
ATOM   979  C  CA  A SER A 1 147 ? 0.27873   -2.63396  12.68006  0.546 23.27300 ? 147 SER A CA  1 
ATOM   980  C  CA  B SER A 1 147 ? 0.24653   -2.60196  12.70712  0.454 23.26898 ? 147 SER A CA  1 
ATOM   981  C  C   . SER A 1 147 ? 1.36637   -1.58535  12.88654  1.000 24.83116 ? 147 SER A C   1 
ATOM   982  O  O   . SER A 1 147 ? 1.96469   -1.10038  11.91264  1.000 23.41439 ? 147 SER A O   1 
ATOM   983  C  CB  A SER A 1 147 ? 0.89922   -4.03287  12.60586  0.546 23.26135 ? 147 SER A CB  1 
ATOM   984  C  CB  B SER A 1 147 ? 0.81923   -4.02351  12.73594  0.454 23.28125 ? 147 SER A CB  1 
ATOM   985  O  OG  A SER A 1 147 ? 1.84307   -4.17850  13.63240  0.546 18.35265 ? 147 SER A OG  1 
ATOM   986  O  OG  B SER A 1 147 ? 1.74391   -4.17758  11.69048  0.454 21.62957 ? 147 SER A OG  1 
ATOM   987  N  N   . SER A 1 148 ? 1.63801   -1.25789  14.17159  1.000 25.78436 ? 148 SER A N   1 
ATOM   988  C  CA  . SER A 1 148 ? 2.72413   -0.34256  14.52325  1.000 17.53757 ? 148 SER A CA  1 
ATOM   989  C  C   . SER A 1 148 ? 4.08259   -0.85172  14.05460  1.000 17.03357 ? 148 SER A C   1 
ATOM   990  O  O   . SER A 1 148 ? 4.99087   -0.04613  13.84253  1.000 20.69038 ? 148 SER A O   1 
ATOM   991  C  CB  . SER A 1 148 ? 2.74095   -0.14110  16.03051  1.000 31.84915 ? 148 SER A CB  1 
ATOM   992  O  OG  . SER A 1 148 ? 1.38390   -0.10334  16.44737  1.000 38.26555 ? 148 SER A OG  1 
ATOM   993  N  N   . LYS A 1 149 ? 4.19079   -2.16321  13.85847  1.000 17.97250 ? 149 LYS A N   1 
ATOM   994  C  CA  . LYS A 1 149 ? 5.31325   -2.92582  13.29179  1.000 19.21765 ? 149 LYS A CA  1 
ATOM   995  C  C   . LYS A 1 149 ? 5.96897   -2.22898  12.10130  1.000 18.98714 ? 149 LYS A C   1 
ATOM   996  O  O   . LYS A 1 149 ? 7.18319   -2.28953  11.90834  1.000 15.47656 ? 149 LYS A O   1 
ATOM   997  C  CB  . LYS A 1 149 ? 4.74296   -4.29572  12.86430  1.000 21.26100 ? 149 LYS A CB  1 
ATOM   998  C  CG  . LYS A 1 149 ? 5.62431   -5.28428  12.22948  1.000 24.32883 ? 149 LYS A CG  1 
ATOM   999  C  CD  . LYS A 1 149 ? 4.91244   -6.64943  12.09944  1.000 27.58502 ? 149 LYS A CD  1 
ATOM   1000 N  N   . TYR A 1 150 ? 5.15767   -1.56688  11.26037  1.000 15.45207 ? 150 TYR A N   1 
ATOM   1001 C  CA  . TYR A 1 150 ? 5.63836   -1.02344  10.00141  1.000 14.12815 ? 150 TYR A CA  1 
ATOM   1002 C  C   . TYR A 1 150 ? 5.67848   0.50455   9.96806   1.000 11.21897 ? 150 TYR A C   1 
ATOM   1003 O  O   . TYR A 1 150 ? 6.22544   1.09572   9.02301   1.000 13.55665 ? 150 TYR A O   1 
ATOM   1004 C  CB  . TYR A 1 150 ? 4.72141   -1.53047  8.87387   1.000 13.29251 ? 150 TYR A CB  1 
ATOM   1005 C  CG  . TYR A 1 150 ? 4.78840   -3.02712  8.71425   1.000 14.35743 ? 150 TYR A CG  1 
ATOM   1006 C  CD1 . TYR A 1 150 ? 5.96781   -3.62269  8.23813   1.000 14.32484 ? 150 TYR A CD1 1 
ATOM   1007 C  CD2 . TYR A 1 150 ? 3.71141   -3.83058  8.99547   1.000 16.20926 ? 150 TYR A CD2 1 
ATOM   1008 C  CE1 . TYR A 1 150 ? 6.05518   -4.94312  8.05865   1.000 16.09186 ? 150 TYR A CE1 1 
ATOM   1009 C  CE2 . TYR A 1 150 ? 3.79234   -5.20509  8.80209   1.000 19.14348 ? 150 TYR A CE2 1 
ATOM   1010 C  CZ  . TYR A 1 150 ? 4.98480   -5.74344  8.34828   1.000 18.34138 ? 150 TYR A CZ  1 
ATOM   1011 O  OH  . TYR A 1 150 ? 5.12398   -7.11828  8.15592   1.000 17.71755 ? 150 TYR A OH  1 
ATOM   1012 N  N   . ALA A 1 151 ? 5.14624   1.15688   10.99934  1.000 15.30447 ? 151 ALA A N   1 
ATOM   1013 C  CA  . ALA A 1 151 ? 4.90603   2.60030   10.86021  1.000 15.82876 ? 151 ALA A CA  1 
ATOM   1014 C  C   . ALA A 1 151 ? 6.19282   3.40849   10.83536  1.000 18.02269 ? 151 ALA A C   1 
ATOM   1015 O  O   . ALA A 1 151 ? 6.21848   4.52288   10.30222  1.000 16.90849 ? 151 ALA A O   1 
ATOM   1016 C  CB  . ALA A 1 151 ? 4.00817   3.06938   11.99339  1.000 17.16266 ? 151 ALA A CB  1 
ATOM   1017 N  N   . HIS A 1 152 ? 7.27190   2.87806   11.40878  1.000 15.38562 ? 152 HIS A N   1 
ATOM   1018 C  CA  . HIS A 1 152 ? 8.52969   3.62705   11.40839  1.000 18.54252 ? 152 HIS A CA  1 
ATOM   1019 C  C   . HIS A 1 152 ? 9.06046   3.86778   10.01393  1.000 16.78085 ? 152 HIS A C   1 
ATOM   1020 O  O   . HIS A 1 152 ? 9.85971   4.79323   9.83699   1.000 17.57441 ? 152 HIS A O   1 
ATOM   1021 C  CB  . HIS A 1 152 ? 9.59222   2.88387   12.19916  1.000 15.12385 ? 152 HIS A CB  1 
ATOM   1022 C  CG  . HIS A 1 152 ? 9.91778   1.55058   11.59969  1.000 14.34105 ? 152 HIS A CG  1 
ATOM   1023 N  ND1 . HIS A 1 152 ? 9.04189   0.49425   11.64517  1.000 13.38048 ? 152 HIS A ND1 1 
ATOM   1024 C  CD2 . HIS A 1 152 ? 10.99790  1.12667   10.90422  1.000 15.89594 ? 152 HIS A CD2 1 
ATOM   1025 C  CE1 . HIS A 1 152 ? 9.55340   -0.52001  10.95977  1.000 13.33907 ? 152 HIS A CE1 1 
ATOM   1026 N  NE2 . HIS A 1 152 ? 10.75150  -0.17103  10.52846  1.000 14.95844 ? 152 HIS A NE2 1 
ATOM   1027 N  N   . HIS A 1 153 ? 8.67213   3.04363   9.01411   1.000 15.11345 ? 153 HIS A N   1 
ATOM   1028 C  CA  . HIS A 1 153 ? 9.15002   3.30996   7.66227   1.000 14.30590 ? 153 HIS A CA  1 
ATOM   1029 C  C   . HIS A 1 153 ? 8.70475   4.68348   7.19738   1.000 16.89852 ? 153 HIS A C   1 
ATOM   1030 O  O   . HIS A 1 153 ? 9.41197   5.34490   6.43225   1.000 16.81162 ? 153 HIS A O   1 
ATOM   1031 C  CB  . HIS A 1 153 ? 8.61985   2.24522   6.69363   1.000 13.46605 ? 153 HIS A CB  1 
ATOM   1032 C  CG  . HIS A 1 153 ? 9.24483   0.91207   6.88702   1.000 14.60656 ? 153 HIS A CG  1 
ATOM   1033 N  ND1 . HIS A 1 153 ? 10.59398  0.69790   6.69428   1.000 14.45860 ? 153 HIS A ND1 1 
ATOM   1034 C  CD2 . HIS A 1 153 ? 8.72048   -0.26692  7.29799   1.000 12.74462 ? 153 HIS A CD2 1 
ATOM   1035 C  CE1 . HIS A 1 153 ? 10.87149  -0.56797  6.97740   1.000 16.28724 ? 153 HIS A CE1 1 
ATOM   1036 N  NE2 . HIS A 1 153 ? 9.75545   -1.17350  7.35659   1.000 14.42998 ? 153 HIS A NE2 1 
ATOM   1037 N  N   . GLY A 1 154 ? 7.53785   5.11542   7.66961   1.000 18.66300 ? 154 GLY A N   1 
ATOM   1038 C  CA  . GLY A 1 154 ? 7.02095   6.41775   7.25973   1.000 18.97033 ? 154 GLY A CA  1 
ATOM   1039 C  C   . GLY A 1 154 ? 7.88244   7.52753   7.79365   1.000 22.83083 ? 154 GLY A C   1 
ATOM   1040 O  O   . GLY A 1 154 ? 8.11447   8.53612   7.11180   1.000 23.62218 ? 154 GLY A O   1 
ATOM   1041 N  N   . GLY A 1 155 ? 8.44269   7.32326   8.98505   1.000 23.25440 ? 155 GLY A N   1 
ATOM   1042 C  CA  . GLY A 1 155 ? 9.35641   8.29116   9.54342   1.000 24.87105 ? 155 GLY A CA  1 
ATOM   1043 C  C   . GLY A 1 155 ? 10.62633  8.44947   8.75986   1.000 29.30802 ? 155 GLY A C   1 
ATOM   1044 O  O   . GLY A 1 155 ? 11.23614  9.52556   8.80336   1.000 34.91784 ? 155 GLY A O   1 
ATOM   1045 N  N   . LYS A 1 156 ? 11.01896  7.43620   7.99408   1.000 22.35852 ? 156 LYS A N   1 
ATOM   1046 C  CA  . LYS A 1 156 ? 12.23746  7.52986   7.20560   1.000 18.57540 ? 156 LYS A CA  1 
ATOM   1047 C  C   . LYS A 1 156 ? 11.95877  7.89208   5.75236   1.000 23.42648 ? 156 LYS A C   1 
ATOM   1048 O  O   . LYS A 1 156 ? 12.85298  7.81256   4.90878   1.000 28.57870 ? 156 LYS A O   1 
ATOM   1049 C  CB  . LYS A 1 156 ? 13.01816  6.21764   7.31735   1.000 29.58575 ? 156 LYS A CB  1 
ATOM   1050 C  CG  . LYS A 1 156 ? 13.38675  5.93735   8.77106   1.000 32.42437 ? 156 LYS A CG  1 
ATOM   1051 C  CD  . LYS A 1 156 ? 14.50887  4.96377   8.86965   1.000 34.98201 ? 156 LYS A CD  1 
ATOM   1052 N  N   . SER A 1 157 ? 10.73013  8.31328   5.45220   1.000 21.96445 ? 157 SER A N   1 
ATOM   1053 C  CA  . SER A 1 157 ? 10.24170  8.66603   4.12168   1.000 19.83884 ? 157 SER A CA  1 
ATOM   1054 C  C   . SER A 1 157 ? 9.95885   10.16442  4.07673   1.000 19.85943 ? 157 SER A C   1 
ATOM   1055 O  O   . SER A 1 157 ? 9.84576   10.80277  5.12275   1.000 19.42461 ? 157 SER A O   1 
ATOM   1056 C  CB  . SER A 1 157 ? 8.94276   7.89712   3.86561   1.000 14.90945 ? 157 SER A CB  1 
ATOM   1057 O  OG  . SER A 1 157 ? 9.26266   6.51553   3.89369   1.000 18.27864 ? 157 SER A OG  1 
ATOM   1058 N  N   . PRO A 1 158 ? 9.81024   10.75427  2.89478   1.000 18.27346 ? 158 PRO A N   1 
ATOM   1059 C  CA  . PRO A 1 158 ? 9.52730   12.19227  2.85469   1.000 17.28438 ? 158 PRO A CA  1 
ATOM   1060 C  C   . PRO A 1 158 ? 8.22228   12.50910  3.56420   1.000 19.77223 ? 158 PRO A C   1 
ATOM   1061 O  O   . PRO A 1 158 ? 7.24809   11.76485  3.46927   1.000 19.88363 ? 158 PRO A O   1 
ATOM   1062 C  CB  . PRO A 1 158 ? 9.46261   12.51167  1.35640   1.000 23.25317 ? 158 PRO A CB  1 
ATOM   1063 C  CG  . PRO A 1 158 ? 9.30615   11.20086  0.66908   1.000 30.04151 ? 158 PRO A CG  1 
ATOM   1064 C  CD  . PRO A 1 158 ? 9.97967   10.18463  1.54481   1.000 20.12138 ? 158 PRO A CD  1 
ATOM   1065 N  N   . SER A 1 159 ? 8.20847   13.63830  4.26830   1.000 16.89669 ? 159 SER A N   1 
ATOM   1066 C  CA  . SER A 1 159 ? 7.02479   14.02429  5.01443   1.000 16.73571 ? 159 SER A CA  1 
ATOM   1067 C  C   . SER A 1 159 ? 5.85189   14.19020  4.07024   1.000 13.58549 ? 159 SER A C   1 
ATOM   1068 O  O   . SER A 1 159 ? 6.01704   14.67406  2.94848   1.000 17.64241 ? 159 SER A O   1 
ATOM   1069 C  CB  . SER A 1 159 ? 7.26449   15.36640  5.74978   1.000 20.18780 ? 159 SER A CB  1 
ATOM   1070 O  OG  . SER A 1 159 ? 8.34848   15.21545  6.65540   1.000 30.79406 ? 159 SER A OG  1 
ATOM   1071 N  N   . LEU A 1 160 ? 4.67932   13.83884  4.54985   1.000 13.35209 ? 160 LEU A N   1 
ATOM   1072 C  CA  . LEU A 1 160 ? 3.48155   13.89945  3.72985   1.000 13.66603 ? 160 LEU A CA  1 
ATOM   1073 C  C   . LEU A 1 160 ? 2.87026   15.29230  3.71867   1.000 15.98697 ? 160 LEU A C   1 
ATOM   1074 O  O   . LEU A 1 160 ? 3.01386   16.06872  4.67715   1.000 15.36409 ? 160 LEU A O   1 
ATOM   1075 C  CB  . LEU A 1 160 ? 2.42706   12.93917  4.24949   1.000 14.16639 ? 160 LEU A CB  1 
ATOM   1076 C  CG  . LEU A 1 160 ? 2.82983   11.48487  4.07921   1.000 14.63543 ? 160 LEU A CG  1 
ATOM   1077 C  CD1 . LEU A 1 160 ? 1.70473   10.63252  4.55818   1.000 20.15313 ? 160 LEU A CD1 1 
ATOM   1078 C  CD2 . LEU A 1 160 ? 3.22339   11.16865  2.61035   1.000 15.23435 ? 160 LEU A CD2 1 
ATOM   1079 N  N   . PRO A 1 161 ? 2.12213   15.59568  2.67312   1.000 12.89085 ? 161 PRO A N   1 
ATOM   1080 C  CA  . PRO A 1 161 ? 1.34599   16.85418  2.67677   1.000 13.48830 ? 161 PRO A CA  1 
ATOM   1081 C  C   . PRO A 1 161 ? 0.50476   16.96519  3.94549   1.000 15.06978 ? 161 PRO A C   1 
ATOM   1082 O  O   . PRO A 1 161 ? -0.07117  15.98245  4.44426   1.000 13.33474 ? 161 PRO A O   1 
ATOM   1083 C  CB  . PRO A 1 161 ? 0.47616   16.73424  1.42049   1.000 16.04497 ? 161 PRO A CB  1 
ATOM   1084 C  CG  . PRO A 1 161 ? 1.33786   15.84961  0.46305   1.000 13.52180 ? 161 PRO A CG  1 
ATOM   1085 C  CD  . PRO A 1 161 ? 1.95083   14.82188  1.41689   1.000 12.16473 ? 161 PRO A CD  1 
ATOM   1086 N  N   . LEU A 1 162 ? 0.42540   18.18418  4.48434   1.000 13.19254 ? 162 LEU A N   1 
ATOM   1087 C  CA  . LEU A 1 162 ? -0.02277  18.29197  5.87077   1.000 15.04428 ? 162 LEU A CA  1 
ATOM   1088 C  C   . LEU A 1 162 ? -1.51310  18.00750  6.06637   1.000 13.67309 ? 162 LEU A C   1 
ATOM   1089 O  O   . LEU A 1 162 ? -1.94567  17.74907  7.20580   1.000 16.52687 ? 162 LEU A O   1 
ATOM   1090 C  CB  . LEU A 1 162 ? 0.32986   19.67547  6.43146   1.000 14.87509 ? 162 LEU A CB  1 
ATOM   1091 C  CG  . LEU A 1 162 ? 1.81914   20.04080  6.36960   1.000 16.41113 ? 162 LEU A CG  1 
ATOM   1092 C  CD1 . LEU A 1 162 ? 2.03359   21.33450  7.11153   1.000 14.29947 ? 162 LEU A CD1 1 
ATOM   1093 C  CD2 . LEU A 1 162 ? 2.71298   19.01886  6.99730   1.000 16.58783 ? 162 LEU A CD2 1 
ATOM   1094 N  N   . HIS A 1 163 ? -2.32486  18.06694  5.01852   1.000 12.13017 ? 163 HIS A N   1 
ATOM   1095 C  CA  . HIS A 1 163 ? -3.73485  17.75276  5.15845   1.000 14.26081 ? 163 HIS A CA  1 
ATOM   1096 C  C   . HIS A 1 163 ? -3.99971  16.26189  5.13642   1.000 14.01025 ? 163 HIS A C   1 
ATOM   1097 O  O   . HIS A 1 163 ? -5.12996  15.84549  5.40935   1.000 15.45866 ? 163 HIS A O   1 
ATOM   1098 C  CB  . HIS A 1 163 ? -4.52242  18.39936  4.02968   1.000 15.58380 ? 163 HIS A CB  1 
ATOM   1099 C  CG  . HIS A 1 163 ? -4.18982  17.82996  2.69634   1.000 12.06200 ? 163 HIS A CG  1 
ATOM   1100 N  ND1 . HIS A 1 163 ? -3.02333  18.11349  2.03131   1.000 14.30854 ? 163 HIS A ND1 1 
ATOM   1101 C  CD2 . HIS A 1 163 ? -4.86452  16.95259  1.91820   1.000 14.47484 ? 163 HIS A CD2 1 
ATOM   1102 C  CE1 . HIS A 1 163 ? -2.97801  17.42131  0.90704   1.000 15.19461 ? 163 HIS A CE1 1 
ATOM   1103 N  NE2 . HIS A 1 163 ? -4.09986  16.73860  0.79903   1.000 12.38408 ? 163 HIS A NE2 1 
ATOM   1104 N  N   . MET A 1 164 ? -2.99373  15.45663  4.79599   1.000 13.01137 ? 164 MET A N   1 
ATOM   1105 C  CA  . MET A 1 164 ? -3.21479  14.01416  4.74349   1.000 11.68525 ? 164 MET A CA  1 
ATOM   1106 C  C   . MET A 1 164 ? -3.09835  13.42413  6.13950   1.000 13.78019 ? 164 MET A C   1 
ATOM   1107 O  O   . MET A 1 164 ? -2.49182  14.00584  7.03628   1.000 18.22270 ? 164 MET A O   1 
ATOM   1108 C  CB  . MET A 1 164 ? -2.21165  13.36495  3.76472   1.000 12.52000 ? 164 MET A CB  1 
ATOM   1109 C  CG  . MET A 1 164 ? -2.47373  13.76952  2.32736   1.000 14.42025 ? 164 MET A CG  1 
ATOM   1110 S  SD  . MET A 1 164 ? -1.37972  12.81654  1.23937   1.000 13.32860 ? 164 MET A SD  1 
ATOM   1111 C  CE  . MET A 1 164 ? -1.83544  13.51816  -0.37766  1.000 10.79532 ? 164 MET A CE  1 
ATOM   1112 N  N   . LYS A 1 165 ? -3.73985  12.29014  6.34595   1.000 12.38339 ? 165 LYS A N   1 
ATOM   1113 C  CA  . LYS A 1 165 ? -3.76642  11.65843  7.66178   1.000 14.23674 ? 165 LYS A CA  1 
ATOM   1114 C  C   . LYS A 1 165 ? -2.89684  10.41327  7.63081   1.000 16.74319 ? 165 LYS A C   1 
ATOM   1115 O  O   . LYS A 1 165 ? -2.90326  9.68961   6.63517   1.000 16.11118 ? 165 LYS A O   1 
ATOM   1116 C  CB  . LYS A 1 165 ? -5.19621  11.26401  8.03516   1.000 17.88247 ? 165 LYS A CB  1 
ATOM   1117 N  N   . VAL A 1 166 ? -2.16859  10.15106  8.71872   1.000 15.81052 ? 166 VAL A N   1 
ATOM   1118 C  CA  . VAL A 1 166 ? -1.50558  8.86669   8.91791   1.000 13.59838 ? 166 VAL A CA  1 
ATOM   1119 C  C   . VAL A 1 166 ? -2.04723  8.27977   10.20811  1.000 17.79447 ? 166 VAL A C   1 
ATOM   1120 O  O   . VAL A 1 166 ? -2.15066  8.98455   11.22336  1.000 17.04120 ? 166 VAL A O   1 
ATOM   1121 C  CB  . VAL A 1 166 ? 0.02888   9.00400   8.99386   1.000 15.28870 ? 166 VAL A CB  1 
ATOM   1122 C  CG1 . VAL A 1 166 ? 0.68230   7.64202   9.18402   1.000 18.39080 ? 166 VAL A CG1 1 
ATOM   1123 C  CG2 . VAL A 1 166 ? 0.53721   9.60972   7.70133   1.000 18.64340 ? 166 VAL A CG2 1 
ATOM   1124 N  N   . GLN A 1 167 ? -2.35613  6.99518   10.18764  1.000 14.34119 ? 167 GLN A N   1 
ATOM   1125 C  CA  . GLN A 1 167 ? -2.90881  6.36093   11.37403  1.000 14.92058 ? 167 GLN A CA  1 
ATOM   1126 C  C   . GLN A 1 167 ? -2.49096  4.90637   11.42339  1.000 17.66152 ? 167 GLN A C   1 
ATOM   1127 O  O   . GLN A 1 167 ? -2.10198  4.31243   10.42203  1.000 15.20105 ? 167 GLN A O   1 
ATOM   1128 C  CB  . GLN A 1 167 ? -4.43282  6.46882   11.40777  1.000 19.73270 ? 167 GLN A CB  1 
ATOM   1129 C  CG  . GLN A 1 167 ? -5.12943  5.66735   10.31076  1.000 17.80492 ? 167 GLN A CG  1 
ATOM   1130 C  CD  . GLN A 1 167 ? -6.53707  6.08447   10.10377  1.000 19.95929 ? 167 GLN A CD  1 
ATOM   1131 O  OE1 . GLN A 1 167 ? -6.92252  7.18361   10.48891  1.000 25.76461 ? 167 GLN A OE1 1 
ATOM   1132 N  NE2 . GLN A 1 167 ? -7.33817  5.21323   9.48525   1.000 19.67360 ? 167 GLN A NE2 1 
ATOM   1133 N  N   . VAL A 1 168 ? -2.53967  4.35068   12.62847  1.000 19.90876 ? 168 VAL A N   1 
ATOM   1134 C  CA  . VAL A 1 168 ? -2.40749  2.91881   12.84477  1.000 16.68087 ? 168 VAL A CA  1 
ATOM   1135 C  C   . VAL A 1 168 ? -3.76199  2.40984   13.31027  1.000 20.67735 ? 168 VAL A C   1 
ATOM   1136 O  O   . VAL A 1 168 ? -4.24139  2.79104   14.37998  1.000 21.48279 ? 168 VAL A O   1 
ATOM   1137 C  CB  . VAL A 1 168 ? -1.33068  2.58903   13.87080  1.000 19.41726 ? 168 VAL A CB  1 
ATOM   1138 C  CG1 . VAL A 1 168 ? -1.19182  1.04709   13.95250  1.000 22.15104 ? 168 VAL A CG1 1 
ATOM   1139 C  CG2 . VAL A 1 168 ? -0.01979  3.28421   13.51008  1.000 19.98127 ? 168 VAL A CG2 1 
ATOM   1140 N  N   . CYS A 1 169 ? -4.38737  1.56738   12.50289  1.000 18.64085 ? 169 CYS A N   1 
ATOM   1141 C  CA  A CYS A 1 169 ? -5.73019  1.05865   12.77124  0.581 20.54097 ? 169 CYS A CA  1 
ATOM   1142 C  CA  B CYS A 1 169 ? -5.72957  1.04919   12.76731  0.419 20.56088 ? 169 CYS A CA  1 
ATOM   1143 C  C   . CYS A 1 169 ? -5.77194  -0.39074  12.31418  1.000 23.73887 ? 169 CYS A C   1 
ATOM   1144 O  O   . CYS A 1 169 ? -5.55810  -0.66150  11.13572  1.000 20.11017 ? 169 CYS A O   1 
ATOM   1145 C  CB  A CYS A 1 169 ? -6.78008  1.89854   12.03552  0.581 22.17287 ? 169 CYS A CB  1 
ATOM   1146 C  CB  B CYS A 1 169 ? -6.80908  1.81777   12.01747  0.419 22.15723 ? 169 CYS A CB  1 
ATOM   1147 S  SG  A CYS A 1 169 ? -8.52389  1.52609   12.32360  0.581 29.59660 ? 169 CYS A SG  1 
ATOM   1148 S  SG  B CYS A 1 169 ? -7.05992  3.45330   12.57820  0.419 21.81811 ? 169 CYS A SG  1 
ATOM   1149 N  N   . ALA A 1 170 ? -6.04658  -1.30062  13.23873  1.000 23.58445 ? 170 ALA A N   1 
ATOM   1150 C  CA  . ALA A 1 170 ? -6.07643  -2.70600  12.88046  1.000 22.02435 ? 170 ALA A CA  1 
ATOM   1151 C  C   . ALA A 1 170 ? -7.20502  -2.98669  11.90462  1.000 17.67737 ? 170 ALA A C   1 
ATOM   1152 O  O   . ALA A 1 170 ? -8.21999  -2.30971  11.89243  1.000 22.28288 ? 170 ALA A O   1 
ATOM   1153 C  CB  . ALA A 1 170 ? -6.26111  -3.58247  14.12291  1.000 25.05735 ? 170 ALA A CB  1 
ATOM   1154 N  N   . MET A 1 171 ? -7.06254  -4.11675  11.19831  1.000 20.07162 ? 171 MET A N   1 
ATOM   1155 C  CA  A MET A 1 171 ? -8.02193  -4.49965  10.16359  0.359 21.64229 ? 171 MET A CA  1 
ATOM   1156 C  CA  B MET A 1 171 ? -8.01959  -4.51105  10.16364  0.641 21.59064 ? 171 MET A CA  1 
ATOM   1157 C  C   . MET A 1 171 ? -9.45053  -4.55867  10.70032  1.000 25.58334 ? 171 MET A C   1 
ATOM   1158 O  O   . MET A 1 171 ? -10.39049 -4.04095  10.06752  1.000 30.90720 ? 171 MET A O   1 
ATOM   1159 C  CB  A MET A 1 171 ? -7.61878  -5.85115  9.58918   0.359 23.10313 ? 171 MET A CB  1 
ATOM   1160 C  CB  B MET A 1 171 ? -7.61020  -5.87790  9.60515   0.641 23.09431 ? 171 MET A CB  1 
ATOM   1161 C  CG  A MET A 1 171 ? -8.62709  -6.42176  8.65039   0.359 24.97234 ? 171 MET A CG  1 
ATOM   1162 C  CG  B MET A 1 171 ? -8.47244  -6.35702  8.47521   0.641 25.14965 ? 171 MET A CG  1 
ATOM   1163 S  SD  A MET A 1 171 ? -7.70449  -7.19245  7.32827   0.359 24.20000 ? 171 MET A SD  1 
ATOM   1164 S  SD  B MET A 1 171 ? -8.11857  -5.45856  6.96148   0.641 22.85442 ? 171 MET A SD  1 
ATOM   1165 C  CE  A MET A 1 171 ? -7.04066  -5.77753  6.48318   0.359 17.13526 ? 171 MET A CE  1 
ATOM   1166 C  CE  B MET A 1 171 ? -6.48960  -6.02437  6.53749   0.641 17.88397 ? 171 MET A CE  1 
ATOM   1167 N  N   . GLU A 1 172 ? -9.63140  -5.17305  11.87752  1.000 24.25507 ? 172 GLU A N   1 
ATOM   1168 C  CA  . GLU A 1 172 ? -10.96139 -5.31893  12.47166  1.000 28.16763 ? 172 GLU A CA  1 
ATOM   1169 C  C   . GLU A 1 172 ? -11.63154 -3.97785  12.74450  1.000 27.74739 ? 172 GLU A C   1 
ATOM   1170 O  O   . GLU A 1 172 ? -12.86483 -3.88557  12.70888  1.000 36.53477 ? 172 GLU A O   1 
ATOM   1171 C  CB  . GLU A 1 172 ? -10.88027 -6.13206  13.76245  1.000 28.81316 ? 172 GLU A CB  1 
ATOM   1172 N  N   . ASP A 1 173 ? -10.86090 -2.92510  12.98174  1.000 27.68311 ? 173 ASP A N   1 
ATOM   1173 C  CA  . ASP A 1 173 ? -11.48738 -1.62994  13.19412  1.000 30.66304 ? 173 ASP A CA  1 
ATOM   1174 C  C   . ASP A 1 173 ? -11.74714 -0.90218  11.88430  1.000 32.36061 ? 173 ASP A C   1 
ATOM   1175 O  O   . ASP A 1 173 ? -12.83609 -0.34584  11.67693  1.000 27.90062 ? 173 ASP A O   1 
ATOM   1176 C  CB  . ASP A 1 173 ? -10.61116 -0.78679  14.11690  1.000 31.78604 ? 173 ASP A CB  1 
ATOM   1177 C  CG  . ASP A 1 173 ? -10.51882 -1.38506  15.50787  1.000 37.71858 ? 173 ASP A CG  1 
ATOM   1178 O  OD1 . ASP A 1 173 ? -9.47968  -1.21141  16.17477  1.000 39.03680 ? 173 ASP A OD1 1 
ATOM   1179 O  OD2 . ASP A 1 173 ? -11.49295 -2.05446  15.90962  1.000 37.75038 ? 173 ASP A OD2 1 
ATOM   1180 N  N   . LEU A 1 174 ? -10.78441 -0.91430  10.96680  1.000 24.86088 ? 174 LEU A N   1 
ATOM   1181 C  CA  . LEU A 1 174 ? -10.99388 -0.16281  9.72671   1.000 23.40999 ? 174 LEU A CA  1 
ATOM   1182 C  C   . LEU A 1 174 ? -12.17096 -0.69444  8.91498   1.000 28.76108 ? 174 LEU A C   1 
ATOM   1183 O  O   . LEU A 1 174 ? -12.84680 0.07200   8.17568   1.000 28.82251 ? 174 LEU A O   1 
ATOM   1184 C  CB  . LEU A 1 174 ? -9.70481  -0.20309  8.89732   1.000 24.67381 ? 174 LEU A CB  1 
ATOM   1185 C  CG  . LEU A 1 174 ? -9.68732  0.71012   7.67438   1.000 28.57054 ? 174 LEU A CG  1 
ATOM   1186 C  CD1 . LEU A 1 174 ? -9.53560  2.13080   8.12940   1.000 26.90363 ? 174 LEU A CD1 1 
ATOM   1187 C  CD2 . LEU A 1 174 ? -8.51958  0.29060   6.76650   1.000 22.31583 ? 174 LEU A CD2 1 
ATOM   1188 N  N   . GLN A 1 175 ? -12.42722 -2.00845  9.01580   1.000 26.99833 ? 175 GLN A N   1 
ATOM   1189 C  CA  . GLN A 1 175 ? -13.45019 -2.61341  8.16078   1.000 28.76125 ? 175 GLN A CA  1 
ATOM   1190 C  C   . GLN A 1 175 ? -14.78773 -1.87565  8.24837   1.000 32.14687 ? 175 GLN A C   1 
ATOM   1191 O  O   . GLN A 1 175 ? -15.49531 -1.73314  7.23678   1.000 25.88687 ? 175 GLN A O   1 
ATOM   1192 C  CB  . GLN A 1 175 ? -13.61647 -4.09227  8.52244   1.000 30.06406 ? 175 GLN A CB  1 
ATOM   1193 C  CG  . GLN A 1 175 ? -14.57240 -4.83249  7.62532   1.000 38.67271 ? 175 GLN A CG  1 
ATOM   1194 N  N   . TYR A 1 176 ? -15.13902 -1.36782  9.44016   1.000 29.10066 ? 176 TYR A N   1 
ATOM   1195 C  CA  . TYR A 1 176 ? -16.43627 -0.70310  9.57205   1.000 27.45898 ? 176 TYR A CA  1 
ATOM   1196 C  C   . TYR A 1 176 ? -16.46973 0.59016   8.77402   1.000 31.64167 ? 176 TYR A C   1 
ATOM   1197 O  O   . TYR A 1 176 ? -17.52630 0.97758   8.25644   1.000 33.69780 ? 176 TYR A O   1 
ATOM   1198 C  CB  . TYR A 1 176 ? -16.74316 -0.45137  11.04895  1.000 29.16957 ? 176 TYR A CB  1 
ATOM   1199 C  CG  . TYR A 1 176 ? -16.79544 -1.74873  11.83061  1.000 28.79666 ? 176 TYR A CG  1 
ATOM   1200 N  N   . PHE A 1 177 ? -15.31587 1.24678   8.62511   1.000 31.00847 ? 177 PHE A N   1 
ATOM   1201 C  CA  . PHE A 1 177 ? -15.24089 2.46487   7.82990   1.000 29.58621 ? 177 PHE A CA  1 
ATOM   1202 C  C   . PHE A 1 177 ? -15.27631 2.16837   6.33954   1.000 37.09103 ? 177 PHE A C   1 
ATOM   1203 O  O   . PHE A 1 177 ? -15.59792 3.05856   5.53753   1.000 34.01188 ? 177 PHE A O   1 
ATOM   1204 C  CB  . PHE A 1 177 ? -13.98035 3.25265   8.20512   1.000 28.53359 ? 177 PHE A CB  1 
ATOM   1205 C  CG  . PHE A 1 177 ? -13.98283 3.73708   9.62499   1.000 27.49944 ? 177 PHE A CG  1 
ATOM   1206 C  CD1 . PHE A 1 177 ? -13.64935 2.88394   10.67462  1.000 28.49190 ? 177 PHE A CD1 1 
ATOM   1207 C  CD2 . PHE A 1 177 ? -14.38631 5.02181   9.92349   1.000 30.26965 ? 177 PHE A CD2 1 
ATOM   1208 C  CE1 . PHE A 1 177 ? -13.68029 3.31196   11.98953  1.000 30.68110 ? 177 PHE A CE1 1 
ATOM   1209 C  CE2 . PHE A 1 177 ? -14.40487 5.47445   11.24727  1.000 29.05957 ? 177 PHE A CE2 1 
ATOM   1210 C  CZ  . PHE A 1 177 ? -14.05387 4.61045   12.28622  1.000 25.31201 ? 177 PHE A CZ  1 
ATOM   1211 N  N   . THR A 1 178 ? -14.97274 0.93101   5.93739   1.000 34.81017 ? 178 THR A N   1 
ATOM   1212 C  CA  . THR A 1 178 ? -15.12845 0.65754   4.51105   1.000 29.37627 ? 178 THR A CA  1 
ATOM   1213 C  C   . THR A 1 178 ? -16.58741 0.53306   4.08048   1.000 36.61761 ? 178 THR A C   1 
ATOM   1214 O  O   . THR A 1 178 ? -16.86215 0.56321   2.87501   1.000 38.75942 ? 178 THR A O   1 
ATOM   1215 C  CB  . THR A 1 178 ? -14.36716 -0.60880  4.12397   1.000 27.62177 ? 178 THR A CB  1 
ATOM   1216 O  OG1 . THR A 1 178 ? -15.04080 -1.73403  4.69915   1.000 37.60467 ? 178 THR A OG1 1 
ATOM   1217 C  CG2 . THR A 1 178 ? -12.97178 -0.52194  4.68588   1.000 27.91192 ? 178 THR A CG2 1 
ATOM   1218 N  N   . LYS A 1 179 ? -17.52488 0.37935   5.01573   1.000 33.93065 ? 179 LYS A N   1 
ATOM   1219 C  CA  . LYS A 1 179 ? -18.93637 0.27312   4.65219   1.000 36.14283 ? 179 LYS A CA  1 
ATOM   1220 C  C   . LYS A 1 179 ? -19.56552 1.66736   4.51068   1.000 42.42978 ? 179 LYS A C   1 
ATOM   1221 O  O   . LYS A 1 179 ? -20.67444 1.81881   3.96021   1.000 41.85099 ? 179 LYS A O   1 
ATOM   1222 C  CB  . LYS A 1 179 ? -19.69959 -0.56994  5.68310   1.000 31.87741 ? 179 LYS A CB  1 
HETATM 1223 CA CA  . CA  B 2 .   ? -12.27537 -4.66718  -10.07748 1.000 37.86425 ? 201 CA  A CA  1 
HETATM 1224 O  O   . HOH C 3 .   ? 20.77346  0.67406   -6.15994  1.000 22.29183 ? 301 HOH A O   1 
HETATM 1225 O  O   . HOH C 3 .   ? -5.64270  -13.27489 6.46347   1.000 33.09533 ? 302 HOH A O   1 
HETATM 1226 O  O   . HOH C 3 .   ? -2.09316  -2.43725  -12.31854 1.000 33.81984 ? 303 HOH A O   1 
HETATM 1227 O  O   . HOH C 3 .   ? 9.49566   -6.48508  2.51387   1.000 21.97691 ? 304 HOH A O   1 
HETATM 1228 O  O   . HOH C 3 .   ? -9.06685  -13.86829 9.00399   1.000 39.49498 ? 305 HOH A O   1 
HETATM 1229 O  O   . HOH C 3 .   ? -11.40027 10.08739  -11.02241 1.000 33.78016 ? 306 HOH A O   1 
HETATM 1230 O  O   . HOH C 3 .   ? -6.07189  -6.27586  -5.35674  1.000 16.06524 ? 307 HOH A O   1 
HETATM 1231 O  O   . HOH C 3 .   ? -5.08106  -4.79186  -7.99417  1.000 14.44716 ? 308 HOH A O   1 
HETATM 1232 O  O   . HOH C 3 .   ? 7.14247   7.58950   -18.89647 1.000 21.62967 ? 309 HOH A O   1 
HETATM 1233 O  O   . HOH C 3 .   ? -7.10515  -0.39580  15.61183  1.000 34.17811 ? 310 HOH A O   1 
HETATM 1234 O  O   . HOH C 3 .   ? -14.90406 -15.06335 -3.10737  1.000 29.00120 ? 311 HOH A O   1 
HETATM 1235 O  O   . HOH C 3 .   ? -7.24746  19.62953  -2.27745  1.000 24.05252 ? 312 HOH A O   1 
HETATM 1236 O  O   . HOH C 3 .   ? 7.56512   0.43123   14.00680  1.000 23.52230 ? 313 HOH A O   1 
HETATM 1237 O  O   . HOH C 3 .   ? -7.47359  11.65427  -8.82596  0.580 30.87367 ? 314 HOH A O   1 
HETATM 1238 O  O   . HOH C 3 .   ? 21.28513  5.99736   2.62247   1.000 38.96113 ? 315 HOH A O   1 
HETATM 1239 O  O   . HOH C 3 .   ? 8.40317   12.48832  -13.54402 1.000 21.76010 ? 316 HOH A O   1 
HETATM 1240 O  O   . HOH C 3 .   ? 11.98104  10.34217  -2.31140  1.000 32.63296 ? 317 HOH A O   1 
HETATM 1241 O  O   . HOH C 3 .   ? 4.31763   8.35441   8.59513   1.000 21.25738 ? 318 HOH A O   1 
HETATM 1242 O  O   . HOH C 3 .   ? 8.61178   12.46550  -10.53072 1.000 19.90405 ? 319 HOH A O   1 
HETATM 1243 O  O   . HOH C 3 .   ? 7.22495   11.01589  6.68481   1.000 27.12236 ? 320 HOH A O   1 
HETATM 1244 O  O   . HOH C 3 .   ? -8.50668  17.90386  3.83748   1.000 33.07981 ? 321 HOH A O   1 
HETATM 1245 O  O   . HOH C 3 .   ? 15.13247  12.57173  -9.28323  1.000 32.94891 ? 322 HOH A O   1 
HETATM 1246 O  O   . HOH C 3 .   ? 1.21733   7.89467   -13.70839 1.000 15.19323 ? 323 HOH A O   1 
HETATM 1247 O  O   . HOH C 3 .   ? -13.87508 -11.12027 4.77119   1.000 27.53085 ? 324 HOH A O   1 
HETATM 1248 O  O   . HOH C 3 .   ? 6.95096   -0.77032  -7.44281  1.000 21.25364 ? 325 HOH A O   1 
HETATM 1249 O  O   . HOH C 3 .   ? -7.36861  -17.52033 -2.23955  1.000 23.16744 ? 326 HOH A O   1 
HETATM 1250 O  O   . HOH C 3 .   ? 4.40006   -20.16523 1.26543   1.000 35.10194 ? 327 HOH A O   1 
HETATM 1251 O  O   . HOH C 3 .   ? 6.94277   -1.80122  -16.48037 1.000 25.60265 ? 328 HOH A O   1 
HETATM 1252 O  O   . HOH C 3 .   ? 8.70100   -4.92132  -6.92006  1.000 30.00282 ? 329 HOH A O   1 
HETATM 1253 O  O   . HOH C 3 .   ? -4.25468  -0.05721  -11.91735 1.000 17.95443 ? 330 HOH A O   1 
HETATM 1254 O  O   . HOH C 3 .   ? 5.10159   17.84632  1.83816   1.000 22.64150 ? 331 HOH A O   1 
HETATM 1255 O  O   . HOH C 3 .   ? 17.19332  -4.01102  -3.66216  1.000 33.59593 ? 332 HOH A O   1 
HETATM 1256 O  O   . HOH C 3 .   ? 5.15130   17.74219  4.53572   1.000 27.27078 ? 333 HOH A O   1 
HETATM 1257 O  O   . HOH C 3 .   ? 5.35937   14.48246  -10.93249 1.000 21.55296 ? 334 HOH A O   1 
HETATM 1258 O  O   . HOH C 3 .   ? 4.33641   17.81562  -1.73641  1.000 26.09740 ? 335 HOH A O   1 
HETATM 1259 O  O   . HOH C 3 .   ? -13.92865 -19.17342 -0.45331  1.000 35.90005 ? 336 HOH A O   1 
HETATM 1260 O  O   . HOH C 3 .   ? -14.18734 -19.64303 -4.49162  1.000 31.63402 ? 337 HOH A O   1 
HETATM 1261 O  O   . HOH C 3 .   ? -16.29761 -0.97928  0.14001   1.000 30.58037 ? 338 HOH A O   1 
HETATM 1262 O  O   . HOH C 3 .   ? -5.13860  9.27137   -9.42331  1.000 19.75207 ? 339 HOH A O   1 
HETATM 1263 O  O   . HOH C 3 .   ? -8.94476  10.08271  3.61346   1.000 21.85968 ? 340 HOH A O   1 
HETATM 1264 O  O   . HOH C 3 .   ? 13.56496  -13.25861 0.15772   1.000 30.35658 ? 341 HOH A O   1 
HETATM 1265 O  O   . HOH C 3 .   ? -1.09856  6.34264   -13.34058 1.000 17.14353 ? 342 HOH A O   1 
HETATM 1266 O  O   . HOH C 3 .   ? -5.51497  -3.37596  -11.18757 1.000 18.68668 ? 343 HOH A O   1 
HETATM 1267 O  O   . HOH C 3 .   ? -5.24364  12.14211  -8.92786  0.587 26.41060 ? 344 HOH A O   1 
HETATM 1268 O  O   . HOH C 3 .   ? -7.78443  16.52182  5.85182   1.000 32.57327 ? 345 HOH A O   1 
HETATM 1269 O  O   . HOH C 3 .   ? 6.87422   -2.85757  -12.65335 1.000 34.87250 ? 346 HOH A O   1 
HETATM 1270 O  O   . HOH C 3 .   ? -3.16435  6.01972   14.76162  1.000 30.41251 ? 347 HOH A O   1 
HETATM 1271 O  O   . HOH C 3 .   ? 6.11347   -3.36832  -8.95355  1.000 33.37917 ? 348 HOH A O   1 
HETATM 1272 O  O   . HOH C 3 .   ? -0.17796  19.33595  -1.03312  1.000 16.72584 ? 349 HOH A O   1 
HETATM 1273 O  O   . HOH C 3 .   ? -1.08135  -20.03929 -8.36989  1.000 29.55508 ? 350 HOH A O   1 
HETATM 1274 O  O   . HOH C 3 .   ? 13.99665  -15.85742 1.32052   1.000 39.58369 ? 351 HOH A O   1 
HETATM 1275 O  O   . HOH C 3 .   ? -13.49073 -0.63250  -10.09656 1.000 38.13479 ? 352 HOH A O   1 
HETATM 1276 O  O   . HOH C 3 .   ? 9.28192   -3.87003  7.94588   1.000 18.46928 ? 353 HOH A O   1 
HETATM 1277 O  O   . HOH C 3 .   ? 16.67624  5.35947   -2.51575  1.000 27.96258 ? 354 HOH A O   1 
HETATM 1278 O  O   . HOH C 3 .   ? 14.97624  1.78145   -0.02014  1.000 24.12409 ? 355 HOH A O   1 
HETATM 1279 O  O   . HOH C 3 .   ? 2.69147   14.43048  -10.59564 1.000 18.32042 ? 356 HOH A O   1 
HETATM 1280 O  O   . HOH C 3 .   ? -8.12485  11.11993  -14.78201 1.000 37.28424 ? 357 HOH A O   1 
HETATM 1281 O  O   . HOH C 3 .   ? -6.89603  14.05459  4.13694   1.000 28.91151 ? 358 HOH A O   1 
HETATM 1282 O  O   . HOH C 3 .   ? 8.89157   -4.14495  10.64297  1.000 17.39603 ? 359 HOH A O   1 
HETATM 1283 O  O   . HOH C 3 .   ? 7.62116   -8.37056  7.75010   1.000 31.41323 ? 360 HOH A O   1 
HETATM 1284 O  O   . HOH C 3 .   ? 2.55088   -6.02106  -6.91674  1.000 18.09683 ? 361 HOH A O   1 
HETATM 1285 O  O   . HOH C 3 .   ? 0.24103   -5.26475  9.54284   1.000 27.10519 ? 362 HOH A O   1 
HETATM 1286 O  O   . HOH C 3 .   ? 0.41444   -2.77509  -16.69725 1.000 27.49184 ? 363 HOH A O   1 
HETATM 1287 O  O   . HOH C 3 .   ? -0.19819  -2.44235  16.08917  1.000 29.81513 ? 364 HOH A O   1 
HETATM 1288 O  O   . HOH C 3 .   ? -9.56523  12.94921  -2.21241  1.000 29.16700 ? 365 HOH A O   1 
HETATM 1289 O  O   . HOH C 3 .   ? -7.75805  -6.82979  13.25025  1.000 30.87402 ? 366 HOH A O   1 
HETATM 1290 O  O   . HOH C 3 .   ? 16.50583  4.52278   -9.94284  1.000 23.70502 ? 367 HOH A O   1 
HETATM 1291 O  O   . HOH C 3 .   ? 0.33235   14.74966  6.98934   1.000 28.55935 ? 368 HOH A O   1 
HETATM 1292 O  O   . HOH C 3 .   ? -2.41363  -21.51027 -12.80733 1.000 32.75836 ? 369 HOH A O   1 
HETATM 1293 O  O   . HOH C 3 .   ? 15.24787  -2.68538  -6.61103  1.000 27.24138 ? 370 HOH A O   1 
HETATM 1294 O  O   . HOH C 3 .   ? 11.25285  6.17824   11.92883  1.000 38.54072 ? 371 HOH A O   1 
HETATM 1295 O  O   . HOH C 3 .   ? -2.57076  -8.43355  7.51566   1.000 20.22301 ? 372 HOH A O   1 
HETATM 1296 O  O   . HOH C 3 .   ? -8.38240  11.05053  -11.52243 1.000 34.59466 ? 373 HOH A O   1 
HETATM 1297 O  O   . HOH C 3 .   ? 5.72060   -5.44083  -5.45244  1.000 25.02546 ? 374 HOH A O   1 
HETATM 1298 O  O   . HOH C 3 .   ? -11.80406 6.09881   -0.57730  1.000 24.27479 ? 375 HOH A O   1 
HETATM 1299 O  O   . HOH C 3 .   ? -3.42439  16.13855  -6.58236  1.000 13.81993 ? 376 HOH A O   1 
HETATM 1300 O  O   . HOH C 3 .   ? -11.33381 11.56810  1.09817   1.000 30.36420 ? 377 HOH A O   1 
HETATM 1301 O  O   . HOH C 3 .   ? 2.88756   15.32311  7.48951   1.000 29.53046 ? 378 HOH A O   1 
HETATM 1302 O  O   . HOH C 3 .   ? -4.55933  -5.56677  11.60194  1.000 30.18300 ? 379 HOH A O   1 
HETATM 1303 O  O   . HOH C 3 .   ? 7.06450   -7.65486  -6.00173  1.000 40.37657 ? 380 HOH A O   1 
HETATM 1304 O  O   . HOH C 3 .   ? 11.67264  3.56301   4.13431   1.000 29.52112 ? 381 HOH A O   1 
HETATM 1305 O  O   . HOH C 3 .   ? -16.31545 0.99828   -2.59688  0.789 24.23711 ? 382 HOH A O   1 
HETATM 1306 O  O   . HOH C 3 .   ? -12.11591 -4.28993  5.17672   1.000 30.96672 ? 383 HOH A O   1 
HETATM 1307 O  O   . HOH C 3 .   ? 4.42911   6.85411   10.50506  1.000 33.16926 ? 384 HOH A O   1 
HETATM 1308 O  O   . HOH C 3 .   ? -16.18652 -6.10396  -2.48663  1.000 25.46441 ? 385 HOH A O   1 
HETATM 1309 O  O   . HOH C 3 .   ? -2.20494  -10.97112 7.76453   1.000 33.84939 ? 386 HOH A O   1 
HETATM 1310 O  O   . HOH C 3 .   ? 12.90357  6.35785   -13.74966 1.000 23.16593 ? 387 HOH A O   1 
HETATM 1311 O  O   . HOH C 3 .   ? 12.53039  -3.55948  3.27602   1.000 15.82557 ? 388 HOH A O   1 
HETATM 1312 O  O   . HOH C 3 .   ? 18.52657  1.88244   -8.51349  1.000 29.84950 ? 389 HOH A O   1 
HETATM 1313 O  O   . HOH C 3 .   ? 9.22047   -7.85074  -3.94878  1.000 17.98369 ? 390 HOH A O   1 
HETATM 1314 O  O   . HOH C 3 .   ? -15.84906 5.72057   -8.43063  1.000 23.37245 ? 391 HOH A O   1 
HETATM 1315 O  O   . HOH C 3 .   ? -7.47554  -17.83978 -5.21517  1.000 20.37376 ? 392 HOH A O   1 
HETATM 1316 O  O   . HOH C 3 .   ? 14.83904  3.32957   -1.84513  1.000 35.35590 ? 393 HOH A O   1 
HETATM 1317 O  O   . HOH C 3 .   ? 1.45022   20.42499  2.67805   1.000 19.87032 ? 394 HOH A O   1 
HETATM 1318 O  O   . HOH C 3 .   ? 7.90108   13.79323  -4.38518  1.000 24.97950 ? 395 HOH A O   1 
HETATM 1319 O  O   . HOH C 3 .   ? 1.58713   9.39500   -14.84084 1.000 14.08379 ? 396 HOH A O   1 
HETATM 1320 O  O   . HOH C 3 .   ? -2.10737  12.44995  10.76511  1.000 29.31110 ? 397 HOH A O   1 
HETATM 1321 O  O   . HOH C 3 .   ? -7.48452  19.31752  0.23387   1.000 29.01950 ? 398 HOH A O   1 
HETATM 1322 O  O   . HOH C 3 .   ? 11.52922  -5.38134  -6.84074  1.000 38.88732 ? 399 HOH A O   1 
HETATM 1323 O  O   . HOH C 3 .   ? 10.71900  15.49219  3.90147   1.000 33.41481 ? 400 HOH A O   1 
HETATM 1324 O  O   . HOH C 3 .   ? 13.04708  10.81885  -5.19288  1.000 31.10593 ? 401 HOH A O   1 
HETATM 1325 O  O   . HOH C 3 .   ? 7.39720   16.27359  -4.99406  1.000 37.18577 ? 402 HOH A O   1 
HETATM 1326 O  O   . HOH C 3 .   ? 0.06855   13.96562  9.12848   1.000 42.12235 ? 403 HOH A O   1 
HETATM 1327 O  O   . HOH C 3 .   ? -10.39362 19.55689  2.10112   1.000 43.18304 ? 404 HOH A O   1 
HETATM 1328 O  O   . HOH C 3 .   ? -5.09319  10.47741  -16.71114 1.000 33.08799 ? 405 HOH A O   1 
HETATM 1329 O  O   . HOH C 3 .   ? -11.17055 -20.54121 6.40243   1.000 41.11514 ? 406 HOH A O   1 
HETATM 1330 O  O   . HOH C 3 .   ? -14.93682 -8.43725  4.86105   1.000 34.12273 ? 407 HOH A O   1 
HETATM 1331 O  O   . HOH C 3 .   ? 5.64830   -3.98324  -15.91143 1.000 33.02237 ? 408 HOH A O   1 
HETATM 1332 O  O   . HOH C 3 .   ? -16.03573 5.84501   -12.88681 1.000 46.04895 ? 409 HOH A O   1 
HETATM 1333 O  O   . HOH C 3 .   ? -5.14018  16.09500  -8.22777  1.000 37.81454 ? 410 HOH A O   1 
HETATM 1334 O  O   . HOH C 3 .   ? -17.18823 3.69935   -9.20211  1.000 37.49591 ? 411 HOH A O   1 
HETATM 1335 O  O   . HOH C 3 .   ? 2.26099   19.59696  -1.42590  1.000 25.14515 ? 412 HOH A O   1 
HETATM 1336 O  O   . HOH C 3 .   ? 9.35450   14.72148  -9.03192  1.000 34.27826 ? 413 HOH A O   1 
HETATM 1337 O  O   . HOH C 3 .   ? -9.42797  13.66072  4.61225   1.000 39.42612 ? 414 HOH A O   1 
HETATM 1338 O  O   . HOH C 3 .   ? -14.74329 -17.87051 -2.65725  1.000 39.27228 ? 415 HOH A O   1 
HETATM 1339 O  O   . HOH C 3 .   ? 5.60023   19.59352  -5.35481  1.000 35.39957 ? 416 HOH A O   1 
HETATM 1340 O  O   . HOH C 3 .   ? -6.84106  13.61500  -9.08631  1.000 34.97397 ? 417 HOH A O   1 
HETATM 1341 O  O   . HOH C 3 .   ? -11.58479 -8.76379  11.41621  1.000 43.31881 ? 418 HOH A O   1 
HETATM 1342 O  O   . HOH C 3 .   ? 3.48340   -4.14048  -8.32312  1.000 34.42341 ? 419 HOH A O   1 
HETATM 1343 O  O   . HOH C 3 .   ? 5.08473   16.67890  8.82971   1.000 41.33482 ? 420 HOH A O   1 
HETATM 1344 O  O   . HOH C 3 .   ? -11.68615 8.96148   3.27619   1.000 32.22281 ? 421 HOH A O   1 
HETATM 1345 O  O   . HOH C 3 .   ? -17.85255 4.91181   -12.16549 1.000 47.91532 ? 422 HOH A O   1 
HETATM 1346 O  O   . HOH C 3 .   ? -13.00691 6.66416   2.55770   1.000 39.34988 ? 423 HOH A O   1 
HETATM 1347 O  O   . HOH C 3 .   ? -3.77327  -7.45915  8.72923   1.000 35.76939 ? 424 HOH A O   1 
HETATM 1348 O  O   . HOH C 3 .   ? 3.41707   19.82278  0.95063   1.000 27.44505 ? 425 HOH A O   1 
HETATM 1349 O  O   . HOH C 3 .   ? 15.80529  6.61371   -14.53293 1.000 31.36235 ? 426 HOH A O   1 
HETATM 1350 O  O   . HOH C 3 .   ? -8.78118  2.74155   14.22842  1.000 33.98520 ? 427 HOH A O   1 
HETATM 1351 O  O   . HOH C 3 .   ? 7.07056   16.43389  -10.40202 1.000 40.58512 ? 428 HOH A O   1 
HETATM 1352 O  O   . HOH C 3 .   ? -17.72812 6.28206   -7.95542  1.000 37.97183 ? 429 HOH A O   1 
HETATM 1353 O  O   . HOH C 3 .   ? 10.12682  14.15440  -5.78264  1.000 39.94873 ? 430 HOH A O   1 
HETATM 1354 O  O   . HOH C 3 .   ? 7.37407   -5.68543  16.71090  1.000 47.27607 ? 431 HOH A O   1 
# 
loop_
_pdbx_poly_seq_scheme.asym_id 
_pdbx_poly_seq_scheme.entity_id 
_pdbx_poly_seq_scheme.seq_id 
_pdbx_poly_seq_scheme.mon_id 
_pdbx_poly_seq_scheme.ndb_seq_num 
_pdbx_poly_seq_scheme.pdb_seq_num 
_pdbx_poly_seq_scheme.auth_seq_num 
_pdbx_poly_seq_scheme.pdb_mon_id 
_pdbx_poly_seq_scheme.auth_mon_id 
_pdbx_poly_seq_scheme.pdb_strand_id 
_pdbx_poly_seq_scheme.pdb_ins_code 
_pdbx_poly_seq_scheme.hetero 
A 1 1   MET 1   1   ?   ?   ?   A . n 
A 1 2   ARG 2   2   ?   ?   ?   A . n 
A 1 3   GLU 3   3   ?   ?   ?   A . n 
A 1 4   LYS 4   4   ?   ?   ?   A . n 
A 1 5   ARG 5   5   ?   ?   ?   A . n 
A 1 6   GLY 6   6   ?   ?   ?   A . n 
A 1 7   ASN 7   7   ?   ?   ?   A . n 
A 1 8   ARG 8   8   ?   ?   ?   A . n 
A 1 9   LYS 9   9   ?   ?   ?   A . n 
A 1 10  ALA 10  10  ?   ?   ?   A . n 
A 1 11  LEU 11  11  ?   ?   ?   A . n 
A 1 12  ASP 12  12  ?   ?   ?   A . n 
A 1 13  PRO 13  13  ?   ?   ?   A . n 
A 1 14  VAL 14  14  ?   ?   ?   A . n 
A 1 15  GLY 15  15  ?   ?   ?   A . n 
A 1 16  GLU 16  16  ?   ?   ?   A . n 
A 1 17  ASP 17  17  ?   ?   ?   A . n 
A 1 18  GLY 18  18  ?   ?   ?   A . n 
A 1 19  VAL 19  19  ?   ?   ?   A . n 
A 1 20  THR 20  20  ?   ?   ?   A . n 
A 1 21  GLY 21  21  ?   ?   ?   A . n 
A 1 22  LYS 22  22  ?   ?   ?   A . n 
A 1 23  ASP 23  23  ?   ?   ?   A . n 
A 1 24  GLY 24  24  ?   ?   ?   A . n 
A 1 25  LYS 25  25  ?   ?   ?   A . n 
A 1 26  GLY 26  26  ?   ?   ?   A . n 
A 1 27  PHE 27  27  27  PHE PHE A . n 
A 1 28  PHE 28  28  28  PHE PHE A . n 
A 1 29  ALA 29  29  29  ALA ALA A . n 
A 1 30  CYS 30  30  30  CYS CYS A . n 
A 1 31  TYR 31  31  31  TYR TYR A . n 
A 1 32  LEU 32  32  32  LEU LEU A . n 
A 1 33  LEU 33  33  33  LEU LEU A . n 
A 1 34  THR 34  34  34  THR THR A . n 
A 1 35  SER 35  35  35  SER SER A . n 
A 1 36  LEU 36  36  36  LEU LEU A . n 
A 1 37  SER 37  37  37  SER SER A . n 
A 1 38  PRO 38  38  38  PRO PRO A . n 
A 1 39  ARG 39  39  39  ARG ARG A . n 
A 1 40  HIS 40  40  40  HIS HIS A . n 
A 1 41  LYS 41  41  41  LYS LYS A . n 
A 1 42  GLY 42  42  42  GLY GLY A . n 
A 1 43  GLN 43  43  43  GLN GLN A . n 
A 1 44  THR 44  44  44  THR THR A . n 
A 1 45  TYR 45  45  45  TYR TYR A . n 
A 1 46  ILE 46  46  46  ILE ILE A . n 
A 1 47  GLY 47  47  47  GLY GLY A . n 
A 1 48  PHE 48  48  48  PHE PHE A . n 
A 1 49  THR 49  49  49  THR THR A . n 
A 1 50  VAL 50  50  50  VAL VAL A . n 
A 1 51  ASN 51  51  51  ASN ASN A . n 
A 1 52  PRO 52  52  52  PRO PRO A . n 
A 1 53  ARG 53  53  53  ARG ARG A . n 
A 1 54  ARG 54  54  54  ARG ARG A . n 
A 1 55  ARG 55  55  55  ARG ARG A . n 
A 1 56  ILE 56  56  56  ILE ILE A . n 
A 1 57  ARG 57  57  57  ARG ARG A . n 
A 1 58  GLN 58  58  58  GLN GLN A . n 
A 1 59  HIS 59  59  59  HIS HIS A . n 
A 1 60  ASN 60  60  60  ASN ASN A . n 
A 1 61  GLY 61  61  61  GLY GLY A . n 
A 1 62  GLU 62  62  62  GLU GLU A . n 
A 1 63  ILE 63  63  63  ILE ILE A . n 
A 1 64  THR 64  64  64  THR THR A . n 
A 1 65  SER 65  65  65  SER SER A . n 
A 1 66  GLY 66  66  66  GLY GLY A . n 
A 1 67  ALA 67  67  67  ALA ALA A . n 
A 1 68  TRP 68  68  68  TRP TRP A . n 
A 1 69  ARG 69  69  69  ARG ARG A . n 
A 1 70  THR 70  70  70  THR THR A . n 
A 1 71  LYS 71  71  71  LYS LYS A . n 
A 1 72  LYS 72  72  72  LYS LYS A . n 
A 1 73  LYS 73  73  73  LYS LYS A . n 
A 1 74  ARG 74  74  74  ARG ARG A . n 
A 1 75  PRO 75  75  75  PRO PRO A . n 
A 1 76  TRP 76  76  76  TRP TRP A . n 
A 1 77  GLU 77  77  77  GLU GLU A . n 
A 1 78  MET 78  78  78  MET MET A . n 
A 1 79  VAL 79  79  79  VAL VAL A . n 
A 1 80  LEU 80  80  80  LEU LEU A . n 
A 1 81  CYS 81  81  81  CYS CYS A . n 
A 1 82  ILE 82  82  82  ILE ILE A . n 
A 1 83  TYR 83  83  83  TYR TYR A . n 
A 1 84  GLY 84  84  84  GLY GLY A . n 
A 1 85  PHE 85  85  85  PHE PHE A . n 
A 1 86  PRO 86  86  86  PRO PRO A . n 
A 1 87  THR 87  87  87  THR THR A . n 
A 1 88  ASN 88  88  88  ASN ASN A . n 
A 1 89  VAL 89  89  89  VAL VAL A . n 
A 1 90  SER 90  90  90  SER SER A . n 
A 1 91  ALA 91  91  91  ALA ALA A . n 
A 1 92  LEU 92  92  92  LEU LEU A . n 
A 1 93  GLN 93  93  93  GLN GLN A . n 
A 1 94  PHE 94  94  94  PHE PHE A . n 
A 1 95  GLU 95  95  95  GLU GLU A . n 
A 1 96  TRP 96  96  96  TRP TRP A . n 
A 1 97  ALA 97  97  97  ALA ALA A . n 
A 1 98  TRP 98  98  98  TRP TRP A . n 
A 1 99  GLN 99  99  99  GLN GLN A . n 
A 1 100 HIS 100 100 100 HIS HIS A . n 
A 1 101 PRO 101 101 101 PRO PRO A . n 
A 1 102 ARG 102 102 102 ARG ARG A . n 
A 1 103 GLU 103 103 103 GLU GLU A . n 
A 1 104 SER 104 104 104 SER SER A . n 
A 1 105 VAL 105 105 105 VAL VAL A . n 
A 1 106 ALA 106 106 106 ALA ALA A . n 
A 1 107 VAL 107 107 107 VAL VAL A . n 
A 1 108 ARG 108 108 108 ARG ARG A . n 
A 1 109 GLU 109 109 109 GLU GLU A . n 
A 1 110 ALA 110 110 110 ALA ALA A . n 
A 1 111 ALA 111 111 111 ALA ALA A . n 
A 1 112 ALA 112 112 112 ALA ALA A . n 
A 1 113 ALA 113 113 113 ALA ALA A . n 
A 1 114 PHE 114 114 114 PHE PHE A . n 
A 1 115 LYS 115 115 115 LYS LYS A . n 
A 1 116 SER 116 116 116 SER SER A . n 
A 1 117 PHE 117 117 117 PHE PHE A . n 
A 1 118 SER 118 118 118 SER SER A . n 
A 1 119 GLY 119 119 119 GLY GLY A . n 
A 1 120 VAL 120 120 120 VAL VAL A . n 
A 1 121 ALA 121 121 121 ALA ALA A . n 
A 1 122 SER 122 122 122 SER SER A . n 
A 1 123 LYS 123 123 123 LYS LYS A . n 
A 1 124 ILE 124 124 124 ILE ILE A . n 
A 1 125 LYS 125 125 125 LYS LYS A . n 
A 1 126 LEU 126 126 126 LEU LEU A . n 
A 1 127 VAL 127 127 127 VAL VAL A . n 
A 1 128 TYR 128 128 128 TYR TYR A . n 
A 1 129 THR 129 129 129 THR THR A . n 
A 1 130 MET 130 130 130 MET MET A . n 
A 1 131 LEU 131 131 131 LEU LEU A . n 
A 1 132 ASN 132 132 132 ASN ASN A . n 
A 1 133 LEU 133 133 133 LEU LEU A . n 
A 1 134 PRO 134 134 134 PRO PRO A . n 
A 1 135 ALA 135 135 135 ALA ALA A . n 
A 1 136 TRP 136 136 136 TRP TRP A . n 
A 1 137 ASN 137 137 137 ASN ASN A . n 
A 1 138 SER 138 138 138 SER SER A . n 
A 1 139 LEU 139 139 139 LEU LEU A . n 
A 1 140 ASN 140 140 140 ASN ASN A . n 
A 1 141 LEU 141 141 141 LEU LEU A . n 
A 1 142 THR 142 142 142 THR THR A . n 
A 1 143 VAL 143 143 143 VAL VAL A . n 
A 1 144 ASN 144 144 144 ASN ASN A . n 
A 1 145 TYR 145 145 145 TYR TYR A . n 
A 1 146 PHE 146 146 146 PHE PHE A . n 
A 1 147 SER 147 147 147 SER SER A . n 
A 1 148 SER 148 148 148 SER SER A . n 
A 1 149 LYS 149 149 149 LYS LYS A . n 
A 1 150 TYR 150 150 150 TYR TYR A . n 
A 1 151 ALA 151 151 151 ALA ALA A . n 
A 1 152 HIS 152 152 152 HIS HIS A . n 
A 1 153 HIS 153 153 153 HIS HIS A . n 
A 1 154 GLY 154 154 154 GLY GLY A . n 
A 1 155 GLY 155 155 155 GLY GLY A . n 
A 1 156 LYS 156 156 156 LYS LYS A . n 
A 1 157 SER 157 157 157 SER SER A . n 
A 1 158 PRO 158 158 158 PRO PRO A . n 
A 1 159 SER 159 159 159 SER SER A . n 
A 1 160 LEU 160 160 160 LEU LEU A . n 
A 1 161 PRO 161 161 161 PRO PRO A . n 
A 1 162 LEU 162 162 162 LEU LEU A . n 
A 1 163 HIS 163 163 163 HIS HIS A . n 
A 1 164 MET 164 164 164 MET MET A . n 
A 1 165 LYS 165 165 165 LYS LYS A . n 
A 1 166 VAL 166 166 166 VAL VAL A . n 
A 1 167 GLN 167 167 167 GLN GLN A . n 
A 1 168 VAL 168 168 168 VAL VAL A . n 
A 1 169 CYS 169 169 169 CYS CYS A . n 
A 1 170 ALA 170 170 170 ALA ALA A . n 
A 1 171 MET 171 171 171 MET MET A . n 
A 1 172 GLU 172 172 172 GLU GLU A . n 
A 1 173 ASP 173 173 173 ASP ASP A . n 
A 1 174 LEU 174 174 174 LEU LEU A . n 
A 1 175 GLN 175 175 175 GLN GLN A . n 
A 1 176 TYR 176 176 176 TYR TYR A . n 
A 1 177 PHE 177 177 177 PHE PHE A . n 
A 1 178 THR 178 178 178 THR THR A . n 
A 1 179 LYS 179 179 179 LYS LYS A . n 
A 1 180 VAL 180 180 ?   ?   ?   A . n 
A 1 181 ASP 181 181 ?   ?   ?   A . n 
A 1 182 ASP 182 182 ?   ?   ?   A . n 
A 1 183 SER 183 183 ?   ?   ?   A . n 
# 
_pdbx_contact_author.id                 2 
_pdbx_contact_author.email              vineetgaur1982a@gmail.com 
_pdbx_contact_author.name_first         Vineet 
_pdbx_contact_author.name_last          Gaur 
_pdbx_contact_author.name_mi            ? 
_pdbx_contact_author.role               'principal investigator/group leader' 
_pdbx_contact_author.identifier_ORCID   0000-0002-7292-2720 
# 
loop_
_pdbx_nonpoly_scheme.asym_id 
_pdbx_nonpoly_scheme.entity_id 
_pdbx_nonpoly_scheme.mon_id 
_pdbx_nonpoly_scheme.ndb_seq_num 
_pdbx_nonpoly_scheme.pdb_seq_num 
_pdbx_nonpoly_scheme.auth_seq_num 
_pdbx_nonpoly_scheme.pdb_mon_id 
_pdbx_nonpoly_scheme.auth_mon_id 
_pdbx_nonpoly_scheme.pdb_strand_id 
_pdbx_nonpoly_scheme.pdb_ins_code 
B 2 CA  1   201 1   CA  CA  A . 
C 3 HOH 1   301 113 HOH HOH A . 
C 3 HOH 2   302 44  HOH HOH A . 
C 3 HOH 3   303 117 HOH HOH A . 
C 3 HOH 4   304 112 HOH HOH A . 
C 3 HOH 5   305 96  HOH HOH A . 
C 3 HOH 6   306 77  HOH HOH A . 
C 3 HOH 7   307 1   HOH HOH A . 
C 3 HOH 8   308 2   HOH HOH A . 
C 3 HOH 9   309 19  HOH HOH A . 
C 3 HOH 10  310 63  HOH HOH A . 
C 3 HOH 11  311 22  HOH HOH A . 
C 3 HOH 12  312 61  HOH HOH A . 
C 3 HOH 13  313 18  HOH HOH A . 
C 3 HOH 14  314 78  HOH HOH A . 
C 3 HOH 15  315 73  HOH HOH A . 
C 3 HOH 16  316 20  HOH HOH A . 
C 3 HOH 17  317 56  HOH HOH A . 
C 3 HOH 18  318 16  HOH HOH A . 
C 3 HOH 19  319 10  HOH HOH A . 
C 3 HOH 20  320 32  HOH HOH A . 
C 3 HOH 21  321 57  HOH HOH A . 
C 3 HOH 22  322 124 HOH HOH A . 
C 3 HOH 23  323 110 HOH HOH A . 
C 3 HOH 24  324 86  HOH HOH A . 
C 3 HOH 25  325 17  HOH HOH A . 
C 3 HOH 26  326 26  HOH HOH A . 
C 3 HOH 27  327 48  HOH HOH A . 
C 3 HOH 28  328 25  HOH HOH A . 
C 3 HOH 29  329 62  HOH HOH A . 
C 3 HOH 30  330 97  HOH HOH A . 
C 3 HOH 31  331 15  HOH HOH A . 
C 3 HOH 32  332 103 HOH HOH A . 
C 3 HOH 33  333 40  HOH HOH A . 
C 3 HOH 34  334 12  HOH HOH A . 
C 3 HOH 35  335 28  HOH HOH A . 
C 3 HOH 36  336 119 HOH HOH A . 
C 3 HOH 37  337 55  HOH HOH A . 
C 3 HOH 38  338 41  HOH HOH A . 
C 3 HOH 39  339 75  HOH HOH A . 
C 3 HOH 40  340 13  HOH HOH A . 
C 3 HOH 41  341 50  HOH HOH A . 
C 3 HOH 42  342 7   HOH HOH A . 
C 3 HOH 43  343 11  HOH HOH A . 
C 3 HOH 44  344 79  HOH HOH A . 
C 3 HOH 45  345 65  HOH HOH A . 
C 3 HOH 46  346 122 HOH HOH A . 
C 3 HOH 47  347 23  HOH HOH A . 
C 3 HOH 48  348 74  HOH HOH A . 
C 3 HOH 49  349 4   HOH HOH A . 
C 3 HOH 50  350 87  HOH HOH A . 
C 3 HOH 51  351 94  HOH HOH A . 
C 3 HOH 52  352 106 HOH HOH A . 
C 3 HOH 53  353 9   HOH HOH A . 
C 3 HOH 54  354 34  HOH HOH A . 
C 3 HOH 55  355 24  HOH HOH A . 
C 3 HOH 56  356 5   HOH HOH A . 
C 3 HOH 57  357 67  HOH HOH A . 
C 3 HOH 58  358 30  HOH HOH A . 
C 3 HOH 59  359 6   HOH HOH A . 
C 3 HOH 60  360 51  HOH HOH A . 
C 3 HOH 61  361 85  HOH HOH A . 
C 3 HOH 62  362 90  HOH HOH A . 
C 3 HOH 63  363 92  HOH HOH A . 
C 3 HOH 64  364 46  HOH HOH A . 
C 3 HOH 65  365 70  HOH HOH A . 
C 3 HOH 66  366 64  HOH HOH A . 
C 3 HOH 67  367 21  HOH HOH A . 
C 3 HOH 68  368 42  HOH HOH A . 
C 3 HOH 69  369 71  HOH HOH A . 
C 3 HOH 70  370 35  HOH HOH A . 
C 3 HOH 71  371 99  HOH HOH A . 
C 3 HOH 72  372 111 HOH HOH A . 
C 3 HOH 73  373 76  HOH HOH A . 
C 3 HOH 74  374 47  HOH HOH A . 
C 3 HOH 75  375 88  HOH HOH A . 
C 3 HOH 76  376 3   HOH HOH A . 
C 3 HOH 77  377 49  HOH HOH A . 
C 3 HOH 78  378 43  HOH HOH A . 
C 3 HOH 79  379 53  HOH HOH A . 
C 3 HOH 80  380 72  HOH HOH A . 
C 3 HOH 81  381 82  HOH HOH A . 
C 3 HOH 82  382 93  HOH HOH A . 
C 3 HOH 83  383 29  HOH HOH A . 
C 3 HOH 84  384 45  HOH HOH A . 
C 3 HOH 85  385 127 HOH HOH A . 
C 3 HOH 86  386 89  HOH HOH A . 
C 3 HOH 87  387 60  HOH HOH A . 
C 3 HOH 88  388 8   HOH HOH A . 
C 3 HOH 89  389 54  HOH HOH A . 
C 3 HOH 90  390 125 HOH HOH A . 
C 3 HOH 91  391 114 HOH HOH A . 
C 3 HOH 92  392 126 HOH HOH A . 
C 3 HOH 93  393 91  HOH HOH A . 
C 3 HOH 94  394 14  HOH HOH A . 
C 3 HOH 95  395 37  HOH HOH A . 
C 3 HOH 96  396 109 HOH HOH A . 
C 3 HOH 97  397 38  HOH HOH A . 
C 3 HOH 98  398 31  HOH HOH A . 
C 3 HOH 99  399 101 HOH HOH A . 
C 3 HOH 100 400 105 HOH HOH A . 
C 3 HOH 101 401 36  HOH HOH A . 
C 3 HOH 102 402 84  HOH HOH A . 
C 3 HOH 103 403 98  HOH HOH A . 
C 3 HOH 104 404 102 HOH HOH A . 
C 3 HOH 105 405 128 HOH HOH A . 
C 3 HOH 106 406 68  HOH HOH A . 
C 3 HOH 107 407 100 HOH HOH A . 
C 3 HOH 108 408 39  HOH HOH A . 
C 3 HOH 109 409 133 HOH HOH A . 
C 3 HOH 110 410 129 HOH HOH A . 
C 3 HOH 111 411 120 HOH HOH A . 
C 3 HOH 112 412 27  HOH HOH A . 
C 3 HOH 113 413 80  HOH HOH A . 
C 3 HOH 114 414 123 HOH HOH A . 
C 3 HOH 115 415 66  HOH HOH A . 
C 3 HOH 116 416 58  HOH HOH A . 
C 3 HOH 117 417 83  HOH HOH A . 
C 3 HOH 118 418 132 HOH HOH A . 
C 3 HOH 119 419 107 HOH HOH A . 
C 3 HOH 120 420 131 HOH HOH A . 
C 3 HOH 121 421 81  HOH HOH A . 
C 3 HOH 122 422 134 HOH HOH A . 
C 3 HOH 123 423 95  HOH HOH A . 
C 3 HOH 124 424 115 HOH HOH A . 
C 3 HOH 125 425 33  HOH HOH A . 
C 3 HOH 126 426 69  HOH HOH A . 
C 3 HOH 127 427 116 HOH HOH A . 
C 3 HOH 128 428 59  HOH HOH A . 
C 3 HOH 129 429 118 HOH HOH A . 
C 3 HOH 130 430 52  HOH HOH A . 
C 3 HOH 131 431 121 HOH HOH A . 
# 
_pdbx_struct_assembly.id                   1 
_pdbx_struct_assembly.details              author_and_software_defined_assembly 
_pdbx_struct_assembly.method_details       PISA 
_pdbx_struct_assembly.oligomeric_details   monomeric 
_pdbx_struct_assembly.oligomeric_count     1 
# 
_pdbx_struct_assembly_gen.assembly_id       1 
_pdbx_struct_assembly_gen.oper_expression   1 
_pdbx_struct_assembly_gen.asym_id_list      A,B,C 
# 
loop_
_pdbx_struct_assembly_prop.biol_id 
_pdbx_struct_assembly_prop.type 
_pdbx_struct_assembly_prop.value 
_pdbx_struct_assembly_prop.details 
1 'ABSA (A^2)' 20   ? 
1 MORE         -2   ? 
1 'SSA (A^2)'  7740 ? 
# 
_pdbx_struct_oper_list.id                   1 
_pdbx_struct_oper_list.type                 'identity operation' 
_pdbx_struct_oper_list.name                 1_555 
_pdbx_struct_oper_list.symmetry_operation   x,y,z 
_pdbx_struct_oper_list.matrix[1][1]         1.0000000000 
_pdbx_struct_oper_list.matrix[1][2]         0.0000000000 
_pdbx_struct_oper_list.matrix[1][3]         0.0000000000 
_pdbx_struct_oper_list.vector[1]            0.0000000000 
_pdbx_struct_oper_list.matrix[2][1]         0.0000000000 
_pdbx_struct_oper_list.matrix[2][2]         1.0000000000 
_pdbx_struct_oper_list.matrix[2][3]         0.0000000000 
_pdbx_struct_oper_list.vector[2]            0.0000000000 
_pdbx_struct_oper_list.matrix[3][1]         0.0000000000 
_pdbx_struct_oper_list.matrix[3][2]         0.0000000000 
_pdbx_struct_oper_list.matrix[3][3]         1.0000000000 
_pdbx_struct_oper_list.vector[3]            0.0000000000 
# 
loop_
_pdbx_audit_revision_history.ordinal 
_pdbx_audit_revision_history.data_content_type 
_pdbx_audit_revision_history.major_revision 
_pdbx_audit_revision_history.minor_revision 
_pdbx_audit_revision_history.revision_date 
1 'Structure model' 1 0 2022-04-13 
2 'Structure model' 1 1 2022-10-26 
3 'Structure model' 1 2 2023-11-29 
# 
_pdbx_audit_revision_details.ordinal             1 
_pdbx_audit_revision_details.revision_ordinal    1 
_pdbx_audit_revision_details.data_content_type   'Structure model' 
_pdbx_audit_revision_details.provider            repository 
_pdbx_audit_revision_details.type                'Initial release' 
_pdbx_audit_revision_details.description         ? 
_pdbx_audit_revision_details.details             ? 
# 
loop_
_pdbx_audit_revision_group.ordinal 
_pdbx_audit_revision_group.revision_ordinal 
_pdbx_audit_revision_group.data_content_type 
_pdbx_audit_revision_group.group 
1 2 'Structure model' 'Database references'    
2 3 'Structure model' 'Data collection'        
3 3 'Structure model' 'Refinement description' 
# 
loop_
_pdbx_audit_revision_category.ordinal 
_pdbx_audit_revision_category.revision_ordinal 
_pdbx_audit_revision_category.data_content_type 
_pdbx_audit_revision_category.category 
1 2 'Structure model' citation                      
2 2 'Structure model' citation_author               
3 3 'Structure model' chem_comp_atom                
4 3 'Structure model' chem_comp_bond                
5 3 'Structure model' pdbx_initial_refinement_model 
# 
loop_
_pdbx_audit_revision_item.ordinal 
_pdbx_audit_revision_item.revision_ordinal 
_pdbx_audit_revision_item.data_content_type 
_pdbx_audit_revision_item.item 
1  2 'Structure model' '_citation.country'                 
2  2 'Structure model' '_citation.journal_abbrev'          
3  2 'Structure model' '_citation.journal_id_ASTM'         
4  2 'Structure model' '_citation.journal_id_CSD'          
5  2 'Structure model' '_citation.journal_id_ISSN'         
6  2 'Structure model' '_citation.journal_volume'          
7  2 'Structure model' '_citation.page_first'              
8  2 'Structure model' '_citation.page_last'               
9  2 'Structure model' '_citation.pdbx_database_id_DOI'    
10 2 'Structure model' '_citation.pdbx_database_id_PubMed' 
11 2 'Structure model' '_citation.title'                   
12 2 'Structure model' '_citation.year'                    
13 2 'Structure model' '_citation_author.identifier_ORCID' 
# 
loop_
_space_group_symop.id 
_space_group_symop.operation_xyz 
1 x,y,z           
2 x+1/2,-y+1/2,-z 
3 -x,y+1/2,-z+1/2 
4 -x+1/2,-y,z+1/2 
# 
loop_
_software.citation_id 
_software.classification 
_software.compiler_name 
_software.compiler_version 
_software.contact_author 
_software.contact_author_email 
_software.date 
_software.description 
_software.dependencies 
_software.hardware 
_software.language 
_software.location 
_software.mods 
_software.name 
_software.os 
_software.os_version 
_software.type 
_software.version 
_software.pdbx_ordinal 
? refinement        ? ? ? ? ? ? ? ? ? ? ? PHENIX ? ? ? 1.16_3549                             1 
? 'data collection' ? ? ? ? ? ? ? ? ? ? ? MxCuBE ? ? ? 3                                     2 
? 'data scaling'    ? ? ? ? ? ? ? ? ? ? ? XDS    ? ? ? 'VERSION Feb 5, 2021  BUILT=20210323' 3 
? phasing           ? ? ? ? ? ? ? ? ? ? ? PHENIX ? ? ? 1.16-3549-000                         4 
# 
_pdbx_entry_details.entry_id                 7WME 
_pdbx_entry_details.has_ligand_of_interest   Y 
_pdbx_entry_details.compound_details         ? 
_pdbx_entry_details.source_details           ? 
_pdbx_entry_details.nonpolymer_details       ? 
_pdbx_entry_details.sequence_details         ? 
# 
loop_
_pdbx_validate_close_contact.id 
_pdbx_validate_close_contact.PDB_model_num 
_pdbx_validate_close_contact.auth_atom_id_1 
_pdbx_validate_close_contact.auth_asym_id_1 
_pdbx_validate_close_contact.auth_comp_id_1 
_pdbx_validate_close_contact.auth_seq_id_1 
_pdbx_validate_close_contact.PDB_ins_code_1 
_pdbx_validate_close_contact.label_alt_id_1 
_pdbx_validate_close_contact.auth_atom_id_2 
_pdbx_validate_close_contact.auth_asym_id_2 
_pdbx_validate_close_contact.auth_comp_id_2 
_pdbx_validate_close_contact.auth_seq_id_2 
_pdbx_validate_close_contact.PDB_ins_code_2 
_pdbx_validate_close_contact.label_alt_id_2 
_pdbx_validate_close_contact.dist 
1 1 O A HOH 323 ? ? O A HOH 396 ? ? 1.92 
2 1 O A HOH 372 ? ? O A HOH 424 ? ? 1.97 
3 1 O A HOH 391 ? ? O A HOH 429 ? ? 2.02 
4 1 O A HOH 409 ? ? O A HOH 422 ? ? 2.17 
# 
loop_
_pdbx_validate_symm_contact.id 
_pdbx_validate_symm_contact.PDB_model_num 
_pdbx_validate_symm_contact.auth_atom_id_1 
_pdbx_validate_symm_contact.auth_asym_id_1 
_pdbx_validate_symm_contact.auth_comp_id_1 
_pdbx_validate_symm_contact.auth_seq_id_1 
_pdbx_validate_symm_contact.PDB_ins_code_1 
_pdbx_validate_symm_contact.label_alt_id_1 
_pdbx_validate_symm_contact.site_symmetry_1 
_pdbx_validate_symm_contact.auth_atom_id_2 
_pdbx_validate_symm_contact.auth_asym_id_2 
_pdbx_validate_symm_contact.auth_comp_id_2 
_pdbx_validate_symm_contact.auth_seq_id_2 
_pdbx_validate_symm_contact.PDB_ins_code_2 
_pdbx_validate_symm_contact.label_alt_id_2 
_pdbx_validate_symm_contact.site_symmetry_2 
_pdbx_validate_symm_contact.dist 
1 1 O A HOH 336 ? ? 1_555 O A HOH 389 ? ? 1_455 2.01 
2 1 O A HOH 392 ? ? 1_555 O A HOH 405 ? ? 4_466 2.07 
# 
_pdbx_validate_rmsd_angle.id                         1 
_pdbx_validate_rmsd_angle.PDB_model_num              1 
_pdbx_validate_rmsd_angle.auth_atom_id_1             NE 
_pdbx_validate_rmsd_angle.auth_asym_id_1             A 
_pdbx_validate_rmsd_angle.auth_comp_id_1             ARG 
_pdbx_validate_rmsd_angle.auth_seq_id_1              54 
_pdbx_validate_rmsd_angle.PDB_ins_code_1             ? 
_pdbx_validate_rmsd_angle.label_alt_id_1             ? 
_pdbx_validate_rmsd_angle.auth_atom_id_2             CZ 
_pdbx_validate_rmsd_angle.auth_asym_id_2             A 
_pdbx_validate_rmsd_angle.auth_comp_id_2             ARG 
_pdbx_validate_rmsd_angle.auth_seq_id_2              54 
_pdbx_validate_rmsd_angle.PDB_ins_code_2             ? 
_pdbx_validate_rmsd_angle.label_alt_id_2             ? 
_pdbx_validate_rmsd_angle.auth_atom_id_3             NH2 
_pdbx_validate_rmsd_angle.auth_asym_id_3             A 
_pdbx_validate_rmsd_angle.auth_comp_id_3             ARG 
_pdbx_validate_rmsd_angle.auth_seq_id_3              54 
_pdbx_validate_rmsd_angle.PDB_ins_code_3             ? 
_pdbx_validate_rmsd_angle.label_alt_id_3             ? 
_pdbx_validate_rmsd_angle.angle_value                115.66 
_pdbx_validate_rmsd_angle.angle_target_value         120.30 
_pdbx_validate_rmsd_angle.angle_deviation            -4.64 
_pdbx_validate_rmsd_angle.angle_standard_deviation   0.50 
_pdbx_validate_rmsd_angle.linker_flag                N 
# 
loop_
_pdbx_validate_torsion.id 
_pdbx_validate_torsion.PDB_model_num 
_pdbx_validate_torsion.auth_comp_id 
_pdbx_validate_torsion.auth_asym_id 
_pdbx_validate_torsion.auth_seq_id 
_pdbx_validate_torsion.PDB_ins_code 
_pdbx_validate_torsion.label_alt_id 
_pdbx_validate_torsion.phi 
_pdbx_validate_torsion.psi 
1 1 ASN A 51 ? ? -152.58 88.65  
2 1 THR A 64 ? ? -93.46  53.87  
3 1 ARG A 69 ? ? 71.10   -55.68 
# 
loop_
_pdbx_unobs_or_zero_occ_atoms.id 
_pdbx_unobs_or_zero_occ_atoms.PDB_model_num 
_pdbx_unobs_or_zero_occ_atoms.polymer_flag 
_pdbx_unobs_or_zero_occ_atoms.occupancy_flag 
_pdbx_unobs_or_zero_occ_atoms.auth_asym_id 
_pdbx_unobs_or_zero_occ_atoms.auth_comp_id 
_pdbx_unobs_or_zero_occ_atoms.auth_seq_id 
_pdbx_unobs_or_zero_occ_atoms.PDB_ins_code 
_pdbx_unobs_or_zero_occ_atoms.auth_atom_id 
_pdbx_unobs_or_zero_occ_atoms.label_alt_id 
_pdbx_unobs_or_zero_occ_atoms.label_asym_id 
_pdbx_unobs_or_zero_occ_atoms.label_comp_id 
_pdbx_unobs_or_zero_occ_atoms.label_seq_id 
_pdbx_unobs_or_zero_occ_atoms.label_atom_id 
1  1 Y 1 A PRO 38  ? CB  ? A PRO 38  CB  
2  1 Y 1 A PRO 38  ? CG  ? A PRO 38  CG  
3  1 Y 1 A PRO 38  ? CD  ? A PRO 38  CD  
4  1 Y 1 A ARG 39  ? CG  ? A ARG 39  CG  
5  1 Y 1 A ARG 39  ? CD  ? A ARG 39  CD  
6  1 Y 1 A ARG 39  ? NE  ? A ARG 39  NE  
7  1 Y 1 A ARG 39  ? CZ  ? A ARG 39  CZ  
8  1 Y 1 A ARG 39  ? NH1 ? A ARG 39  NH1 
9  1 Y 1 A ARG 39  ? NH2 ? A ARG 39  NH2 
10 1 Y 1 A ARG 53  ? NE  ? A ARG 53  NE  
11 1 Y 1 A ARG 53  ? CZ  ? A ARG 53  CZ  
12 1 Y 1 A ARG 53  ? NH1 ? A ARG 53  NH1 
13 1 Y 1 A ARG 53  ? NH2 ? A ARG 53  NH2 
14 1 Y 1 A THR 64  ? CB  ? A THR 64  CB  
15 1 Y 1 A THR 64  ? OG1 ? A THR 64  OG1 
16 1 Y 1 A THR 64  ? CG2 ? A THR 64  CG2 
17 1 Y 1 A LYS 71  ? NZ  ? A LYS 71  NZ  
18 1 Y 1 A ARG 102 ? NH1 ? A ARG 102 NH1 
19 1 Y 1 A ARG 102 ? NH2 ? A ARG 102 NH2 
20 1 Y 1 A LYS 125 ? CD  ? A LYS 125 CD  
21 1 Y 1 A LYS 125 ? CE  ? A LYS 125 CE  
22 1 Y 1 A LYS 125 ? NZ  ? A LYS 125 NZ  
23 1 Y 1 A LYS 149 ? CE  ? A LYS 149 CE  
24 1 Y 1 A LYS 149 ? NZ  ? A LYS 149 NZ  
25 1 Y 1 A LYS 156 ? CE  ? A LYS 156 CE  
26 1 Y 1 A LYS 156 ? NZ  ? A LYS 156 NZ  
27 1 Y 1 A LYS 165 ? CG  ? A LYS 165 CG  
28 1 Y 1 A LYS 165 ? CD  ? A LYS 165 CD  
29 1 Y 1 A LYS 165 ? CE  ? A LYS 165 CE  
30 1 Y 1 A LYS 165 ? NZ  ? A LYS 165 NZ  
31 1 Y 1 A GLU 172 ? CG  ? A GLU 172 CG  
32 1 Y 1 A GLU 172 ? CD  ? A GLU 172 CD  
33 1 Y 1 A GLU 172 ? OE1 ? A GLU 172 OE1 
34 1 Y 1 A GLU 172 ? OE2 ? A GLU 172 OE2 
35 1 Y 1 A GLN 175 ? CD  ? A GLN 175 CD  
36 1 Y 1 A GLN 175 ? OE1 ? A GLN 175 OE1 
37 1 Y 1 A GLN 175 ? NE2 ? A GLN 175 NE2 
38 1 Y 1 A TYR 176 ? CD1 ? A TYR 176 CD1 
39 1 Y 1 A TYR 176 ? CD2 ? A TYR 176 CD2 
40 1 Y 1 A TYR 176 ? CE1 ? A TYR 176 CE1 
41 1 Y 1 A TYR 176 ? CE2 ? A TYR 176 CE2 
42 1 Y 1 A TYR 176 ? CZ  ? A TYR 176 CZ  
43 1 Y 1 A TYR 176 ? OH  ? A TYR 176 OH  
44 1 Y 1 A LYS 179 ? CG  ? A LYS 179 CG  
45 1 Y 1 A LYS 179 ? CD  ? A LYS 179 CD  
46 1 Y 1 A LYS 179 ? CE  ? A LYS 179 CE  
47 1 Y 1 A LYS 179 ? NZ  ? A LYS 179 NZ  
# 
loop_
_pdbx_unobs_or_zero_occ_residues.id 
_pdbx_unobs_or_zero_occ_residues.PDB_model_num 
_pdbx_unobs_or_zero_occ_residues.polymer_flag 
_pdbx_unobs_or_zero_occ_residues.occupancy_flag 
_pdbx_unobs_or_zero_occ_residues.auth_asym_id 
_pdbx_unobs_or_zero_occ_residues.auth_comp_id 
_pdbx_unobs_or_zero_occ_residues.auth_seq_id 
_pdbx_unobs_or_zero_occ_residues.PDB_ins_code 
_pdbx_unobs_or_zero_occ_residues.label_asym_id 
_pdbx_unobs_or_zero_occ_residues.label_comp_id 
_pdbx_unobs_or_zero_occ_residues.label_seq_id 
1  1 Y 1 A MET 1   ? A MET 1   
2  1 Y 1 A ARG 2   ? A ARG 2   
3  1 Y 1 A GLU 3   ? A GLU 3   
4  1 Y 1 A LYS 4   ? A LYS 4   
5  1 Y 1 A ARG 5   ? A ARG 5   
6  1 Y 1 A GLY 6   ? A GLY 6   
7  1 Y 1 A ASN 7   ? A ASN 7   
8  1 Y 1 A ARG 8   ? A ARG 8   
9  1 Y 1 A LYS 9   ? A LYS 9   
10 1 Y 1 A ALA 10  ? A ALA 10  
11 1 Y 1 A LEU 11  ? A LEU 11  
12 1 Y 1 A ASP 12  ? A ASP 12  
13 1 Y 1 A PRO 13  ? A PRO 13  
14 1 Y 1 A VAL 14  ? A VAL 14  
15 1 Y 1 A GLY 15  ? A GLY 15  
16 1 Y 1 A GLU 16  ? A GLU 16  
17 1 Y 1 A ASP 17  ? A ASP 17  
18 1 Y 1 A GLY 18  ? A GLY 18  
19 1 Y 1 A VAL 19  ? A VAL 19  
20 1 Y 1 A THR 20  ? A THR 20  
21 1 Y 1 A GLY 21  ? A GLY 21  
22 1 Y 1 A LYS 22  ? A LYS 22  
23 1 Y 1 A ASP 23  ? A ASP 23  
24 1 Y 1 A GLY 24  ? A GLY 24  
25 1 Y 1 A LYS 25  ? A LYS 25  
26 1 Y 1 A GLY 26  ? A GLY 26  
27 1 Y 1 A VAL 180 ? A VAL 180 
28 1 Y 1 A ASP 181 ? A ASP 181 
29 1 Y 1 A ASP 182 ? A ASP 182 
30 1 Y 1 A SER 183 ? A SER 183 
# 
loop_
_chem_comp_atom.comp_id 
_chem_comp_atom.atom_id 
_chem_comp_atom.type_symbol 
_chem_comp_atom.pdbx_aromatic_flag 
_chem_comp_atom.pdbx_stereo_config 
_chem_comp_atom.pdbx_ordinal 
ALA N    N  N N 1   
ALA CA   C  N S 2   
ALA C    C  N N 3   
ALA O    O  N N 4   
ALA CB   C  N N 5   
ALA OXT  O  N N 6   
ALA H    H  N N 7   
ALA H2   H  N N 8   
ALA HA   H  N N 9   
ALA HB1  H  N N 10  
ALA HB2  H  N N 11  
ALA HB3  H  N N 12  
ALA HXT  H  N N 13  
ARG N    N  N N 14  
ARG CA   C  N S 15  
ARG C    C  N N 16  
ARG O    O  N N 17  
ARG CB   C  N N 18  
ARG CG   C  N N 19  
ARG CD   C  N N 20  
ARG NE   N  N N 21  
ARG CZ   C  N N 22  
ARG NH1  N  N N 23  
ARG NH2  N  N N 24  
ARG OXT  O  N N 25  
ARG H    H  N N 26  
ARG H2   H  N N 27  
ARG HA   H  N N 28  
ARG HB2  H  N N 29  
ARG HB3  H  N N 30  
ARG HG2  H  N N 31  
ARG HG3  H  N N 32  
ARG HD2  H  N N 33  
ARG HD3  H  N N 34  
ARG HE   H  N N 35  
ARG HH11 H  N N 36  
ARG HH12 H  N N 37  
ARG HH21 H  N N 38  
ARG HH22 H  N N 39  
ARG HXT  H  N N 40  
ASN N    N  N N 41  
ASN CA   C  N S 42  
ASN C    C  N N 43  
ASN O    O  N N 44  
ASN CB   C  N N 45  
ASN CG   C  N N 46  
ASN OD1  O  N N 47  
ASN ND2  N  N N 48  
ASN OXT  O  N N 49  
ASN H    H  N N 50  
ASN H2   H  N N 51  
ASN HA   H  N N 52  
ASN HB2  H  N N 53  
ASN HB3  H  N N 54  
ASN HD21 H  N N 55  
ASN HD22 H  N N 56  
ASN HXT  H  N N 57  
ASP N    N  N N 58  
ASP CA   C  N S 59  
ASP C    C  N N 60  
ASP O    O  N N 61  
ASP CB   C  N N 62  
ASP CG   C  N N 63  
ASP OD1  O  N N 64  
ASP OD2  O  N N 65  
ASP OXT  O  N N 66  
ASP H    H  N N 67  
ASP H2   H  N N 68  
ASP HA   H  N N 69  
ASP HB2  H  N N 70  
ASP HB3  H  N N 71  
ASP HD2  H  N N 72  
ASP HXT  H  N N 73  
CA  CA   CA N N 74  
CYS N    N  N N 75  
CYS CA   C  N R 76  
CYS C    C  N N 77  
CYS O    O  N N 78  
CYS CB   C  N N 79  
CYS SG   S  N N 80  
CYS OXT  O  N N 81  
CYS H    H  N N 82  
CYS H2   H  N N 83  
CYS HA   H  N N 84  
CYS HB2  H  N N 85  
CYS HB3  H  N N 86  
CYS HG   H  N N 87  
CYS HXT  H  N N 88  
GLN N    N  N N 89  
GLN CA   C  N S 90  
GLN C    C  N N 91  
GLN O    O  N N 92  
GLN CB   C  N N 93  
GLN CG   C  N N 94  
GLN CD   C  N N 95  
GLN OE1  O  N N 96  
GLN NE2  N  N N 97  
GLN OXT  O  N N 98  
GLN H    H  N N 99  
GLN H2   H  N N 100 
GLN HA   H  N N 101 
GLN HB2  H  N N 102 
GLN HB3  H  N N 103 
GLN HG2  H  N N 104 
GLN HG3  H  N N 105 
GLN HE21 H  N N 106 
GLN HE22 H  N N 107 
GLN HXT  H  N N 108 
GLU N    N  N N 109 
GLU CA   C  N S 110 
GLU C    C  N N 111 
GLU O    O  N N 112 
GLU CB   C  N N 113 
GLU CG   C  N N 114 
GLU CD   C  N N 115 
GLU OE1  O  N N 116 
GLU OE2  O  N N 117 
GLU OXT  O  N N 118 
GLU H    H  N N 119 
GLU H2   H  N N 120 
GLU HA   H  N N 121 
GLU HB2  H  N N 122 
GLU HB3  H  N N 123 
GLU HG2  H  N N 124 
GLU HG3  H  N N 125 
GLU HE2  H  N N 126 
GLU HXT  H  N N 127 
GLY N    N  N N 128 
GLY CA   C  N N 129 
GLY C    C  N N 130 
GLY O    O  N N 131 
GLY OXT  O  N N 132 
GLY H    H  N N 133 
GLY H2   H  N N 134 
GLY HA2  H  N N 135 
GLY HA3  H  N N 136 
GLY HXT  H  N N 137 
HIS N    N  N N 138 
HIS CA   C  N S 139 
HIS C    C  N N 140 
HIS O    O  N N 141 
HIS CB   C  N N 142 
HIS CG   C  Y N 143 
HIS ND1  N  Y N 144 
HIS CD2  C  Y N 145 
HIS CE1  C  Y N 146 
HIS NE2  N  Y N 147 
HIS OXT  O  N N 148 
HIS H    H  N N 149 
HIS H2   H  N N 150 
HIS HA   H  N N 151 
HIS HB2  H  N N 152 
HIS HB3  H  N N 153 
HIS HD1  H  N N 154 
HIS HD2  H  N N 155 
HIS HE1  H  N N 156 
HIS HE2  H  N N 157 
HIS HXT  H  N N 158 
HOH O    O  N N 159 
HOH H1   H  N N 160 
HOH H2   H  N N 161 
ILE N    N  N N 162 
ILE CA   C  N S 163 
ILE C    C  N N 164 
ILE O    O  N N 165 
ILE CB   C  N S 166 
ILE CG1  C  N N 167 
ILE CG2  C  N N 168 
ILE CD1  C  N N 169 
ILE OXT  O  N N 170 
ILE H    H  N N 171 
ILE H2   H  N N 172 
ILE HA   H  N N 173 
ILE HB   H  N N 174 
ILE HG12 H  N N 175 
ILE HG13 H  N N 176 
ILE HG21 H  N N 177 
ILE HG22 H  N N 178 
ILE HG23 H  N N 179 
ILE HD11 H  N N 180 
ILE HD12 H  N N 181 
ILE HD13 H  N N 182 
ILE HXT  H  N N 183 
LEU N    N  N N 184 
LEU CA   C  N S 185 
LEU C    C  N N 186 
LEU O    O  N N 187 
LEU CB   C  N N 188 
LEU CG   C  N N 189 
LEU CD1  C  N N 190 
LEU CD2  C  N N 191 
LEU OXT  O  N N 192 
LEU H    H  N N 193 
LEU H2   H  N N 194 
LEU HA   H  N N 195 
LEU HB2  H  N N 196 
LEU HB3  H  N N 197 
LEU HG   H  N N 198 
LEU HD11 H  N N 199 
LEU HD12 H  N N 200 
LEU HD13 H  N N 201 
LEU HD21 H  N N 202 
LEU HD22 H  N N 203 
LEU HD23 H  N N 204 
LEU HXT  H  N N 205 
LYS N    N  N N 206 
LYS CA   C  N S 207 
LYS C    C  N N 208 
LYS O    O  N N 209 
LYS CB   C  N N 210 
LYS CG   C  N N 211 
LYS CD   C  N N 212 
LYS CE   C  N N 213 
LYS NZ   N  N N 214 
LYS OXT  O  N N 215 
LYS H    H  N N 216 
LYS H2   H  N N 217 
LYS HA   H  N N 218 
LYS HB2  H  N N 219 
LYS HB3  H  N N 220 
LYS HG2  H  N N 221 
LYS HG3  H  N N 222 
LYS HD2  H  N N 223 
LYS HD3  H  N N 224 
LYS HE2  H  N N 225 
LYS HE3  H  N N 226 
LYS HZ1  H  N N 227 
LYS HZ2  H  N N 228 
LYS HZ3  H  N N 229 
LYS HXT  H  N N 230 
MET N    N  N N 231 
MET CA   C  N S 232 
MET C    C  N N 233 
MET O    O  N N 234 
MET CB   C  N N 235 
MET CG   C  N N 236 
MET SD   S  N N 237 
MET CE   C  N N 238 
MET OXT  O  N N 239 
MET H    H  N N 240 
MET H2   H  N N 241 
MET HA   H  N N 242 
MET HB2  H  N N 243 
MET HB3  H  N N 244 
MET HG2  H  N N 245 
MET HG3  H  N N 246 
MET HE1  H  N N 247 
MET HE2  H  N N 248 
MET HE3  H  N N 249 
MET HXT  H  N N 250 
PHE N    N  N N 251 
PHE CA   C  N S 252 
PHE C    C  N N 253 
PHE O    O  N N 254 
PHE CB   C  N N 255 
PHE CG   C  Y N 256 
PHE CD1  C  Y N 257 
PHE CD2  C  Y N 258 
PHE CE1  C  Y N 259 
PHE CE2  C  Y N 260 
PHE CZ   C  Y N 261 
PHE OXT  O  N N 262 
PHE H    H  N N 263 
PHE H2   H  N N 264 
PHE HA   H  N N 265 
PHE HB2  H  N N 266 
PHE HB3  H  N N 267 
PHE HD1  H  N N 268 
PHE HD2  H  N N 269 
PHE HE1  H  N N 270 
PHE HE2  H  N N 271 
PHE HZ   H  N N 272 
PHE HXT  H  N N 273 
PRO N    N  N N 274 
PRO CA   C  N S 275 
PRO C    C  N N 276 
PRO O    O  N N 277 
PRO CB   C  N N 278 
PRO CG   C  N N 279 
PRO CD   C  N N 280 
PRO OXT  O  N N 281 
PRO H    H  N N 282 
PRO HA   H  N N 283 
PRO HB2  H  N N 284 
PRO HB3  H  N N 285 
PRO HG2  H  N N 286 
PRO HG3  H  N N 287 
PRO HD2  H  N N 288 
PRO HD3  H  N N 289 
PRO HXT  H  N N 290 
SER N    N  N N 291 
SER CA   C  N S 292 
SER C    C  N N 293 
SER O    O  N N 294 
SER CB   C  N N 295 
SER OG   O  N N 296 
SER OXT  O  N N 297 
SER H    H  N N 298 
SER H2   H  N N 299 
SER HA   H  N N 300 
SER HB2  H  N N 301 
SER HB3  H  N N 302 
SER HG   H  N N 303 
SER HXT  H  N N 304 
THR N    N  N N 305 
THR CA   C  N S 306 
THR C    C  N N 307 
THR O    O  N N 308 
THR CB   C  N R 309 
THR OG1  O  N N 310 
THR CG2  C  N N 311 
THR OXT  O  N N 312 
THR H    H  N N 313 
THR H2   H  N N 314 
THR HA   H  N N 315 
THR HB   H  N N 316 
THR HG1  H  N N 317 
THR HG21 H  N N 318 
THR HG22 H  N N 319 
THR HG23 H  N N 320 
THR HXT  H  N N 321 
TRP N    N  N N 322 
TRP CA   C  N S 323 
TRP C    C  N N 324 
TRP O    O  N N 325 
TRP CB   C  N N 326 
TRP CG   C  Y N 327 
TRP CD1  C  Y N 328 
TRP CD2  C  Y N 329 
TRP NE1  N  Y N 330 
TRP CE2  C  Y N 331 
TRP CE3  C  Y N 332 
TRP CZ2  C  Y N 333 
TRP CZ3  C  Y N 334 
TRP CH2  C  Y N 335 
TRP OXT  O  N N 336 
TRP H    H  N N 337 
TRP H2   H  N N 338 
TRP HA   H  N N 339 
TRP HB2  H  N N 340 
TRP HB3  H  N N 341 
TRP HD1  H  N N 342 
TRP HE1  H  N N 343 
TRP HE3  H  N N 344 
TRP HZ2  H  N N 345 
TRP HZ3  H  N N 346 
TRP HH2  H  N N 347 
TRP HXT  H  N N 348 
TYR N    N  N N 349 
TYR CA   C  N S 350 
TYR C    C  N N 351 
TYR O    O  N N 352 
TYR CB   C  N N 353 
TYR CG   C  Y N 354 
TYR CD1  C  Y N 355 
TYR CD2  C  Y N 356 
TYR CE1  C  Y N 357 
TYR CE2  C  Y N 358 
TYR CZ   C  Y N 359 
TYR OH   O  N N 360 
TYR OXT  O  N N 361 
TYR H    H  N N 362 
TYR H2   H  N N 363 
TYR HA   H  N N 364 
TYR HB2  H  N N 365 
TYR HB3  H  N N 366 
TYR HD1  H  N N 367 
TYR HD2  H  N N 368 
TYR HE1  H  N N 369 
TYR HE2  H  N N 370 
TYR HH   H  N N 371 
TYR HXT  H  N N 372 
VAL N    N  N N 373 
VAL CA   C  N S 374 
VAL C    C  N N 375 
VAL O    O  N N 376 
VAL CB   C  N N 377 
VAL CG1  C  N N 378 
VAL CG2  C  N N 379 
VAL OXT  O  N N 380 
VAL H    H  N N 381 
VAL H2   H  N N 382 
VAL HA   H  N N 383 
VAL HB   H  N N 384 
VAL HG11 H  N N 385 
VAL HG12 H  N N 386 
VAL HG13 H  N N 387 
VAL HG21 H  N N 388 
VAL HG22 H  N N 389 
VAL HG23 H  N N 390 
VAL HXT  H  N N 391 
# 
loop_
_chem_comp_bond.comp_id 
_chem_comp_bond.atom_id_1 
_chem_comp_bond.atom_id_2 
_chem_comp_bond.value_order 
_chem_comp_bond.pdbx_aromatic_flag 
_chem_comp_bond.pdbx_stereo_config 
_chem_comp_bond.pdbx_ordinal 
ALA N   CA   sing N N 1   
ALA N   H    sing N N 2   
ALA N   H2   sing N N 3   
ALA CA  C    sing N N 4   
ALA CA  CB   sing N N 5   
ALA CA  HA   sing N N 6   
ALA C   O    doub N N 7   
ALA C   OXT  sing N N 8   
ALA CB  HB1  sing N N 9   
ALA CB  HB2  sing N N 10  
ALA CB  HB3  sing N N 11  
ALA OXT HXT  sing N N 12  
ARG N   CA   sing N N 13  
ARG N   H    sing N N 14  
ARG N   H2   sing N N 15  
ARG CA  C    sing N N 16  
ARG CA  CB   sing N N 17  
ARG CA  HA   sing N N 18  
ARG C   O    doub N N 19  
ARG C   OXT  sing N N 20  
ARG CB  CG   sing N N 21  
ARG CB  HB2  sing N N 22  
ARG CB  HB3  sing N N 23  
ARG CG  CD   sing N N 24  
ARG CG  HG2  sing N N 25  
ARG CG  HG3  sing N N 26  
ARG CD  NE   sing N N 27  
ARG CD  HD2  sing N N 28  
ARG CD  HD3  sing N N 29  
ARG NE  CZ   sing N N 30  
ARG NE  HE   sing N N 31  
ARG CZ  NH1  sing N N 32  
ARG CZ  NH2  doub N N 33  
ARG NH1 HH11 sing N N 34  
ARG NH1 HH12 sing N N 35  
ARG NH2 HH21 sing N N 36  
ARG NH2 HH22 sing N N 37  
ARG OXT HXT  sing N N 38  
ASN N   CA   sing N N 39  
ASN N   H    sing N N 40  
ASN N   H2   sing N N 41  
ASN CA  C    sing N N 42  
ASN CA  CB   sing N N 43  
ASN CA  HA   sing N N 44  
ASN C   O    doub N N 45  
ASN C   OXT  sing N N 46  
ASN CB  CG   sing N N 47  
ASN CB  HB2  sing N N 48  
ASN CB  HB3  sing N N 49  
ASN CG  OD1  doub N N 50  
ASN CG  ND2  sing N N 51  
ASN ND2 HD21 sing N N 52  
ASN ND2 HD22 sing N N 53  
ASN OXT HXT  sing N N 54  
ASP N   CA   sing N N 55  
ASP N   H    sing N N 56  
ASP N   H2   sing N N 57  
ASP CA  C    sing N N 58  
ASP CA  CB   sing N N 59  
ASP CA  HA   sing N N 60  
ASP C   O    doub N N 61  
ASP C   OXT  sing N N 62  
ASP CB  CG   sing N N 63  
ASP CB  HB2  sing N N 64  
ASP CB  HB3  sing N N 65  
ASP CG  OD1  doub N N 66  
ASP CG  OD2  sing N N 67  
ASP OD2 HD2  sing N N 68  
ASP OXT HXT  sing N N 69  
CYS N   CA   sing N N 70  
CYS N   H    sing N N 71  
CYS N   H2   sing N N 72  
CYS CA  C    sing N N 73  
CYS CA  CB   sing N N 74  
CYS CA  HA   sing N N 75  
CYS C   O    doub N N 76  
CYS C   OXT  sing N N 77  
CYS CB  SG   sing N N 78  
CYS CB  HB2  sing N N 79  
CYS CB  HB3  sing N N 80  
CYS SG  HG   sing N N 81  
CYS OXT HXT  sing N N 82  
GLN N   CA   sing N N 83  
GLN N   H    sing N N 84  
GLN N   H2   sing N N 85  
GLN CA  C    sing N N 86  
GLN CA  CB   sing N N 87  
GLN CA  HA   sing N N 88  
GLN C   O    doub N N 89  
GLN C   OXT  sing N N 90  
GLN CB  CG   sing N N 91  
GLN CB  HB2  sing N N 92  
GLN CB  HB3  sing N N 93  
GLN CG  CD   sing N N 94  
GLN CG  HG2  sing N N 95  
GLN CG  HG3  sing N N 96  
GLN CD  OE1  doub N N 97  
GLN CD  NE2  sing N N 98  
GLN NE2 HE21 sing N N 99  
GLN NE2 HE22 sing N N 100 
GLN OXT HXT  sing N N 101 
GLU N   CA   sing N N 102 
GLU N   H    sing N N 103 
GLU N   H2   sing N N 104 
GLU CA  C    sing N N 105 
GLU CA  CB   sing N N 106 
GLU CA  HA   sing N N 107 
GLU C   O    doub N N 108 
GLU C   OXT  sing N N 109 
GLU CB  CG   sing N N 110 
GLU CB  HB2  sing N N 111 
GLU CB  HB3  sing N N 112 
GLU CG  CD   sing N N 113 
GLU CG  HG2  sing N N 114 
GLU CG  HG3  sing N N 115 
GLU CD  OE1  doub N N 116 
GLU CD  OE2  sing N N 117 
GLU OE2 HE2  sing N N 118 
GLU OXT HXT  sing N N 119 
GLY N   CA   sing N N 120 
GLY N   H    sing N N 121 
GLY N   H2   sing N N 122 
GLY CA  C    sing N N 123 
GLY CA  HA2  sing N N 124 
GLY CA  HA3  sing N N 125 
GLY C   O    doub N N 126 
GLY C   OXT  sing N N 127 
GLY OXT HXT  sing N N 128 
HIS N   CA   sing N N 129 
HIS N   H    sing N N 130 
HIS N   H2   sing N N 131 
HIS CA  C    sing N N 132 
HIS CA  CB   sing N N 133 
HIS CA  HA   sing N N 134 
HIS C   O    doub N N 135 
HIS C   OXT  sing N N 136 
HIS CB  CG   sing N N 137 
HIS CB  HB2  sing N N 138 
HIS CB  HB3  sing N N 139 
HIS CG  ND1  sing Y N 140 
HIS CG  CD2  doub Y N 141 
HIS ND1 CE1  doub Y N 142 
HIS ND1 HD1  sing N N 143 
HIS CD2 NE2  sing Y N 144 
HIS CD2 HD2  sing N N 145 
HIS CE1 NE2  sing Y N 146 
HIS CE1 HE1  sing N N 147 
HIS NE2 HE2  sing N N 148 
HIS OXT HXT  sing N N 149 
HOH O   H1   sing N N 150 
HOH O   H2   sing N N 151 
ILE N   CA   sing N N 152 
ILE N   H    sing N N 153 
ILE N   H2   sing N N 154 
ILE CA  C    sing N N 155 
ILE CA  CB   sing N N 156 
ILE CA  HA   sing N N 157 
ILE C   O    doub N N 158 
ILE C   OXT  sing N N 159 
ILE CB  CG1  sing N N 160 
ILE CB  CG2  sing N N 161 
ILE CB  HB   sing N N 162 
ILE CG1 CD1  sing N N 163 
ILE CG1 HG12 sing N N 164 
ILE CG1 HG13 sing N N 165 
ILE CG2 HG21 sing N N 166 
ILE CG2 HG22 sing N N 167 
ILE CG2 HG23 sing N N 168 
ILE CD1 HD11 sing N N 169 
ILE CD1 HD12 sing N N 170 
ILE CD1 HD13 sing N N 171 
ILE OXT HXT  sing N N 172 
LEU N   CA   sing N N 173 
LEU N   H    sing N N 174 
LEU N   H2   sing N N 175 
LEU CA  C    sing N N 176 
LEU CA  CB   sing N N 177 
LEU CA  HA   sing N N 178 
LEU C   O    doub N N 179 
LEU C   OXT  sing N N 180 
LEU CB  CG   sing N N 181 
LEU CB  HB2  sing N N 182 
LEU CB  HB3  sing N N 183 
LEU CG  CD1  sing N N 184 
LEU CG  CD2  sing N N 185 
LEU CG  HG   sing N N 186 
LEU CD1 HD11 sing N N 187 
LEU CD1 HD12 sing N N 188 
LEU CD1 HD13 sing N N 189 
LEU CD2 HD21 sing N N 190 
LEU CD2 HD22 sing N N 191 
LEU CD2 HD23 sing N N 192 
LEU OXT HXT  sing N N 193 
LYS N   CA   sing N N 194 
LYS N   H    sing N N 195 
LYS N   H2   sing N N 196 
LYS CA  C    sing N N 197 
LYS CA  CB   sing N N 198 
LYS CA  HA   sing N N 199 
LYS C   O    doub N N 200 
LYS C   OXT  sing N N 201 
LYS CB  CG   sing N N 202 
LYS CB  HB2  sing N N 203 
LYS CB  HB3  sing N N 204 
LYS CG  CD   sing N N 205 
LYS CG  HG2  sing N N 206 
LYS CG  HG3  sing N N 207 
LYS CD  CE   sing N N 208 
LYS CD  HD2  sing N N 209 
LYS CD  HD3  sing N N 210 
LYS CE  NZ   sing N N 211 
LYS CE  HE2  sing N N 212 
LYS CE  HE3  sing N N 213 
LYS NZ  HZ1  sing N N 214 
LYS NZ  HZ2  sing N N 215 
LYS NZ  HZ3  sing N N 216 
LYS OXT HXT  sing N N 217 
MET N   CA   sing N N 218 
MET N   H    sing N N 219 
MET N   H2   sing N N 220 
MET CA  C    sing N N 221 
MET CA  CB   sing N N 222 
MET CA  HA   sing N N 223 
MET C   O    doub N N 224 
MET C   OXT  sing N N 225 
MET CB  CG   sing N N 226 
MET CB  HB2  sing N N 227 
MET CB  HB3  sing N N 228 
MET CG  SD   sing N N 229 
MET CG  HG2  sing N N 230 
MET CG  HG3  sing N N 231 
MET SD  CE   sing N N 232 
MET CE  HE1  sing N N 233 
MET CE  HE2  sing N N 234 
MET CE  HE3  sing N N 235 
MET OXT HXT  sing N N 236 
PHE N   CA   sing N N 237 
PHE N   H    sing N N 238 
PHE N   H2   sing N N 239 
PHE CA  C    sing N N 240 
PHE CA  CB   sing N N 241 
PHE CA  HA   sing N N 242 
PHE C   O    doub N N 243 
PHE C   OXT  sing N N 244 
PHE CB  CG   sing N N 245 
PHE CB  HB2  sing N N 246 
PHE CB  HB3  sing N N 247 
PHE CG  CD1  doub Y N 248 
PHE CG  CD2  sing Y N 249 
PHE CD1 CE1  sing Y N 250 
PHE CD1 HD1  sing N N 251 
PHE CD2 CE2  doub Y N 252 
PHE CD2 HD2  sing N N 253 
PHE CE1 CZ   doub Y N 254 
PHE CE1 HE1  sing N N 255 
PHE CE2 CZ   sing Y N 256 
PHE CE2 HE2  sing N N 257 
PHE CZ  HZ   sing N N 258 
PHE OXT HXT  sing N N 259 
PRO N   CA   sing N N 260 
PRO N   CD   sing N N 261 
PRO N   H    sing N N 262 
PRO CA  C    sing N N 263 
PRO CA  CB   sing N N 264 
PRO CA  HA   sing N N 265 
PRO C   O    doub N N 266 
PRO C   OXT  sing N N 267 
PRO CB  CG   sing N N 268 
PRO CB  HB2  sing N N 269 
PRO CB  HB3  sing N N 270 
PRO CG  CD   sing N N 271 
PRO CG  HG2  sing N N 272 
PRO CG  HG3  sing N N 273 
PRO CD  HD2  sing N N 274 
PRO CD  HD3  sing N N 275 
PRO OXT HXT  sing N N 276 
SER N   CA   sing N N 277 
SER N   H    sing N N 278 
SER N   H2   sing N N 279 
SER CA  C    sing N N 280 
SER CA  CB   sing N N 281 
SER CA  HA   sing N N 282 
SER C   O    doub N N 283 
SER C   OXT  sing N N 284 
SER CB  OG   sing N N 285 
SER CB  HB2  sing N N 286 
SER CB  HB3  sing N N 287 
SER OG  HG   sing N N 288 
SER OXT HXT  sing N N 289 
THR N   CA   sing N N 290 
THR N   H    sing N N 291 
THR N   H2   sing N N 292 
THR CA  C    sing N N 293 
THR CA  CB   sing N N 294 
THR CA  HA   sing N N 295 
THR C   O    doub N N 296 
THR C   OXT  sing N N 297 
THR CB  OG1  sing N N 298 
THR CB  CG2  sing N N 299 
THR CB  HB   sing N N 300 
THR OG1 HG1  sing N N 301 
THR CG2 HG21 sing N N 302 
THR CG2 HG22 sing N N 303 
THR CG2 HG23 sing N N 304 
THR OXT HXT  sing N N 305 
TRP N   CA   sing N N 306 
TRP N   H    sing N N 307 
TRP N   H2   sing N N 308 
TRP CA  C    sing N N 309 
TRP CA  CB   sing N N 310 
TRP CA  HA   sing N N 311 
TRP C   O    doub N N 312 
TRP C   OXT  sing N N 313 
TRP CB  CG   sing N N 314 
TRP CB  HB2  sing N N 315 
TRP CB  HB3  sing N N 316 
TRP CG  CD1  doub Y N 317 
TRP CG  CD2  sing Y N 318 
TRP CD1 NE1  sing Y N 319 
TRP CD1 HD1  sing N N 320 
TRP CD2 CE2  doub Y N 321 
TRP CD2 CE3  sing Y N 322 
TRP NE1 CE2  sing Y N 323 
TRP NE1 HE1  sing N N 324 
TRP CE2 CZ2  sing Y N 325 
TRP CE3 CZ3  doub Y N 326 
TRP CE3 HE3  sing N N 327 
TRP CZ2 CH2  doub Y N 328 
TRP CZ2 HZ2  sing N N 329 
TRP CZ3 CH2  sing Y N 330 
TRP CZ3 HZ3  sing N N 331 
TRP CH2 HH2  sing N N 332 
TRP OXT HXT  sing N N 333 
TYR N   CA   sing N N 334 
TYR N   H    sing N N 335 
TYR N   H2   sing N N 336 
TYR CA  C    sing N N 337 
TYR CA  CB   sing N N 338 
TYR CA  HA   sing N N 339 
TYR C   O    doub N N 340 
TYR C   OXT  sing N N 341 
TYR CB  CG   sing N N 342 
TYR CB  HB2  sing N N 343 
TYR CB  HB3  sing N N 344 
TYR CG  CD1  doub Y N 345 
TYR CG  CD2  sing Y N 346 
TYR CD1 CE1  sing Y N 347 
TYR CD1 HD1  sing N N 348 
TYR CD2 CE2  doub Y N 349 
TYR CD2 HD2  sing N N 350 
TYR CE1 CZ   doub Y N 351 
TYR CE1 HE1  sing N N 352 
TYR CE2 CZ   sing Y N 353 
TYR CE2 HE2  sing N N 354 
TYR CZ  OH   sing N N 355 
TYR OH  HH   sing N N 356 
TYR OXT HXT  sing N N 357 
VAL N   CA   sing N N 358 
VAL N   H    sing N N 359 
VAL N   H2   sing N N 360 
VAL CA  C    sing N N 361 
VAL CA  CB   sing N N 362 
VAL CA  HA   sing N N 363 
VAL C   O    doub N N 364 
VAL C   OXT  sing N N 365 
VAL CB  CG1  sing N N 366 
VAL CB  CG2  sing N N 367 
VAL CB  HB   sing N N 368 
VAL CG1 HG11 sing N N 369 
VAL CG1 HG12 sing N N 370 
VAL CG1 HG13 sing N N 371 
VAL CG2 HG21 sing N N 372 
VAL CG2 HG22 sing N N 373 
VAL CG2 HG23 sing N N 374 
VAL OXT HXT  sing N N 375 
# 
loop_
_pdbx_audit_support.funding_organization 
_pdbx_audit_support.country 
_pdbx_audit_support.grant_number 
_pdbx_audit_support.ordinal 
'Department of Biotechnology (DBT, India)'        India BT/RLF/Re-entry/27/2017 1 
'Department of Science & Technology (DST, India)' India CRG/2020/000335         2 
# 
_pdbx_entity_instance_feature.ordinal        1 
_pdbx_entity_instance_feature.comp_id        CA 
_pdbx_entity_instance_feature.asym_id        ? 
_pdbx_entity_instance_feature.seq_num        ? 
_pdbx_entity_instance_feature.auth_comp_id   CA 
_pdbx_entity_instance_feature.auth_asym_id   ? 
_pdbx_entity_instance_feature.auth_seq_num   ? 
_pdbx_entity_instance_feature.feature_type   'SUBJECT OF INVESTIGATION' 
_pdbx_entity_instance_feature.details        ? 
# 
loop_
_pdbx_entity_nonpoly.entity_id 
_pdbx_entity_nonpoly.name 
_pdbx_entity_nonpoly.comp_id 
2 'CALCIUM ION' CA  
3 water         HOH 
# 
_pdbx_initial_refinement_model.id               1 
_pdbx_initial_refinement_model.entity_id_list   ? 
_pdbx_initial_refinement_model.type             'experimental model' 
_pdbx_initial_refinement_model.source_name      PDB 
_pdbx_initial_refinement_model.accession_code   4XM5 
_pdbx_initial_refinement_model.details          ? 
# 
_pdbx_struct_assembly_auth_evidence.id                     1 
_pdbx_struct_assembly_auth_evidence.assembly_id            1 
_pdbx_struct_assembly_auth_evidence.experimental_support   'gel filtration' 
_pdbx_struct_assembly_auth_evidence.details                ? 
# 
_space_group.name_H-M_alt     'P 21 21 21' 
_space_group.name_Hall        'P 2ac 2ab' 
_space_group.IT_number        19 
_space_group.crystal_system   orthorhombic 
_space_group.id               1 
# 
